data_5T37
# 
_entry.id   5T37 
# 
_audit_conform.dict_name       mmcif_pdbx.dic 
_audit_conform.dict_version    5.387 
_audit_conform.dict_location   http://mmcif.pdb.org/dictionaries/ascii/mmcif_pdbx.dic 
# 
loop_
_database_2.database_id 
_database_2.database_code 
_database_2.pdbx_database_accession 
_database_2.pdbx_DOI 
PDB   5T37         pdb_00005t37 10.2210/pdb5t37/pdb 
WWPDB D_1000223596 ?            ?                   
# 
loop_
_pdbx_audit_revision_history.ordinal 
_pdbx_audit_revision_history.data_content_type 
_pdbx_audit_revision_history.major_revision 
_pdbx_audit_revision_history.minor_revision 
_pdbx_audit_revision_history.revision_date 
1 'Structure model' 1 0 2017-03-01 
2 'Structure model' 1 1 2017-03-15 
3 'Structure model' 1 2 2017-09-06 
4 'Structure model' 1 3 2019-12-04 
5 'Structure model' 1 4 2020-07-29 
6 'Structure model' 1 5 2024-03-06 
# 
loop_
_pdbx_audit_revision_details.ordinal 
_pdbx_audit_revision_details.revision_ordinal 
_pdbx_audit_revision_details.data_content_type 
_pdbx_audit_revision_details.provider 
_pdbx_audit_revision_details.type 
_pdbx_audit_revision_details.description 
_pdbx_audit_revision_details.details 
1 1 'Structure model' repository 'Initial release' ?                          ? 
2 5 'Structure model' repository Remediation       'Carbohydrate remediation' ? 
# 
loop_
_pdbx_audit_revision_group.ordinal 
_pdbx_audit_revision_group.revision_ordinal 
_pdbx_audit_revision_group.data_content_type 
_pdbx_audit_revision_group.group 
1 2 'Structure model' 'Database references'        
2 3 'Structure model' 'Author supporting evidence' 
3 4 'Structure model' 'Author supporting evidence' 
4 5 'Structure model' 'Data collection'            
5 5 'Structure model' 'Derived calculations'       
6 5 'Structure model' 'Structure summary'          
7 6 'Structure model' 'Data collection'            
8 6 'Structure model' 'Database references'        
9 6 'Structure model' 'Structure summary'          
# 
loop_
_pdbx_audit_revision_category.ordinal 
_pdbx_audit_revision_category.revision_ordinal 
_pdbx_audit_revision_category.data_content_type 
_pdbx_audit_revision_category.category 
1  3 'Structure model' pdbx_audit_support        
2  4 'Structure model' pdbx_audit_support        
3  5 'Structure model' chem_comp                 
4  5 'Structure model' entity                    
5  5 'Structure model' pdbx_chem_comp_identifier 
6  5 'Structure model' pdbx_entity_nonpoly       
7  5 'Structure model' struct_site               
8  5 'Structure model' struct_site_gen           
9  6 'Structure model' chem_comp                 
10 6 'Structure model' chem_comp_atom            
11 6 'Structure model' chem_comp_bond            
12 6 'Structure model' database_2                
# 
loop_
_pdbx_audit_revision_item.ordinal 
_pdbx_audit_revision_item.revision_ordinal 
_pdbx_audit_revision_item.data_content_type 
_pdbx_audit_revision_item.item 
1  3 'Structure model' '_pdbx_audit_support.funding_organization' 
2  4 'Structure model' '_pdbx_audit_support.funding_organization' 
3  5 'Structure model' '_chem_comp.mon_nstd_flag'                 
4  5 'Structure model' '_chem_comp.name'                          
5  5 'Structure model' '_chem_comp.type'                          
6  5 'Structure model' '_entity.pdbx_description'                 
7  5 'Structure model' '_pdbx_entity_nonpoly.name'                
8  6 'Structure model' '_chem_comp.pdbx_synonyms'                 
9  6 'Structure model' '_database_2.pdbx_DOI'                     
10 6 'Structure model' '_database_2.pdbx_database_accession'      
# 
_pdbx_database_status.status_code                     REL 
_pdbx_database_status.status_code_sf                  REL 
_pdbx_database_status.status_code_mr                  ? 
_pdbx_database_status.entry_id                        5T37 
_pdbx_database_status.recvd_initial_deposition_date   2016-08-24 
_pdbx_database_status.SG_entry                        N 
_pdbx_database_status.deposit_site                    RCSB 
_pdbx_database_status.process_site                    RCSB 
_pdbx_database_status.status_code_cs                  ? 
_pdbx_database_status.methods_development_category    ? 
_pdbx_database_status.pdb_format_compatible           Y 
_pdbx_database_status.status_code_nmr_data            ? 
# 
loop_
_audit_author.name 
_audit_author.pdbx_ordinal 
'Luz, J.G.'      1 
'Antonysamy, S.' 2 
'Partridge, K.'  3 
'Fisher, M.'     4 
# 
_citation.abstract                  ? 
_citation.abstract_id_CAS           ? 
_citation.book_id_ISBN              ? 
_citation.book_publisher            ? 
_citation.book_publisher_city       ? 
_citation.book_title                ? 
_citation.coordinate_linkage        ? 
_citation.country                   UK 
_citation.database_id_Medline       ? 
_citation.details                   ? 
_citation.id                        primary 
_citation.journal_abbrev            'Bioorg. Med. Chem. Lett.' 
_citation.journal_id_ASTM           BMCLE8 
_citation.journal_id_CSD            1127 
_citation.journal_id_ISSN           1464-3405 
_citation.journal_full              ? 
_citation.journal_issue             ? 
_citation.journal_volume            27 
_citation.language                  ? 
_citation.page_first                1478 
_citation.page_last                 1483 
_citation.title                     
'Discovery and characterization of [(cyclopentyl)ethyl]benzoic acid inhibitors of microsomal prostaglandin E synthase-1.' 
_citation.year                      2017 
_citation.database_id_CSD           ? 
_citation.pdbx_database_id_DOI      10.1016/j.bmcl.2016.11.011 
_citation.pdbx_database_id_PubMed   28190634 
_citation.unpublished_flag          ? 
# 
loop_
_citation_author.citation_id 
_citation_author.name 
_citation_author.ordinal 
_citation_author.identifier_ORCID 
primary 'Partridge, K.M.'   1  ? 
primary 'Antonysamy, S.'    2  ? 
primary 'Bhattachar, S.N.'  3  ? 
primary 'Chandrasekhar, S.' 4  ? 
primary 'Fisher, M.J.'      5  ? 
primary 'Fretland, A.'      6  ? 
primary 'Gooding, K.'       7  ? 
primary 'Harvey, A.'        8  ? 
primary 'Hughes, N.E.'      9  ? 
primary 'Kuklish, S.L.'     10 ? 
primary 'Luz, J.G.'         11 ? 
primary 'Manninen, P.R.'    12 ? 
primary 'McGee, J.E.'       13 ? 
primary 'Mudra, D.R.'       14 ? 
primary 'Navarro, A.'       15 ? 
primary 'Norman, B.H.'      16 ? 
primary 'Quimby, S.J.'      17 ? 
primary 'Schiffler, M.A.'   18 ? 
primary 'Sloan, A.V.'       19 ? 
primary 'Warshawsky, A.M.'  20 ? 
primary 'Weller, J.M.'      21 ? 
primary 'York, J.S.'        22 ? 
primary 'Yu, X.P.'          23 ? 
# 
loop_
_entity.id 
_entity.type 
_entity.src_method 
_entity.pdbx_description 
_entity.formula_weight 
_entity.pdbx_number_of_molecules 
_entity.pdbx_ec 
_entity.pdbx_mutation 
_entity.pdbx_fragment 
_entity.details 
1 polymer     man 'Prostaglandin E synthase'                                                        17307.559 1   5.3.99.3 ? ? ? 
2 non-polymer syn '2-chloro-5-{[(2,2-dimethylpropanoyl)amino]methyl}-N-(1H-imidazol-2-yl)benzamide' 334.801   1   ?        ? ? ? 
3 non-polymer syn GLUTATHIONE                                                                       307.323   1   ?        ? ? ? 
4 non-polymer man 'octyl beta-D-glucopyranoside'                                                    292.369   2   ?        ? ? ? 
5 non-polymer syn 'TETRAETHYLENE GLYCOL'                                                            194.226   3   ?        ? ? ? 
6 water       nat water                                                                             18.015    100 ?        ? ? ? 
# 
_entity_name_com.entity_id   1 
_entity_name_com.name        
'Microsomal glutathione S-transferase 1-like 1,MGST1-L1,Microsomal prostaglandin E synthase 1,MPGES-1,p53-induced gene 12 protein' 
# 
_entity_poly.entity_id                      1 
_entity_poly.type                           'polypeptide(L)' 
_entity_poly.nstd_linkage                   no 
_entity_poly.nstd_monomer                   no 
_entity_poly.pdbx_seq_one_letter_code       
;MALPAHSLVMSSPALPAFLLCSTLLVIKMYVVAIITGQVRLRKKAFANPEDALRHGGPQYCRSDPDVERCLRAHRNDMET
IYPFLFLGFVYSFLGPNPFVAWMHFLVFLVGRVAHTVAYLGKLRAPIRSVTYTLAQLPCASMALQILWEAARHL
;
_entity_poly.pdbx_seq_one_letter_code_can   
;MALPAHSLVMSSPALPAFLLCSTLLVIKMYVVAIITGQVRLRKKAFANPEDALRHGGPQYCRSDPDVERCLRAHRNDMET
IYPFLFLGFVYSFLGPNPFVAWMHFLVFLVGRVAHTVAYLGKLRAPIRSVTYTLAQLPCASMALQILWEAARHL
;
_entity_poly.pdbx_strand_id                 A 
_entity_poly.pdbx_target_identifier         ? 
# 
loop_
_pdbx_entity_nonpoly.entity_id 
_pdbx_entity_nonpoly.name 
_pdbx_entity_nonpoly.comp_id 
2 '2-chloro-5-{[(2,2-dimethylpropanoyl)amino]methyl}-N-(1H-imidazol-2-yl)benzamide' 758 
3 GLUTATHIONE                                                                       GSH 
4 'octyl beta-D-glucopyranoside'                                                    BOG 
5 'TETRAETHYLENE GLYCOL'                                                            PG4 
6 water                                                                             HOH 
# 
loop_
_entity_poly_seq.entity_id 
_entity_poly_seq.num 
_entity_poly_seq.mon_id 
_entity_poly_seq.hetero 
1 1   MET n 
1 2   ALA n 
1 3   LEU n 
1 4   PRO n 
1 5   ALA n 
1 6   HIS n 
1 7   SER n 
1 8   LEU n 
1 9   VAL n 
1 10  MET n 
1 11  SER n 
1 12  SER n 
1 13  PRO n 
1 14  ALA n 
1 15  LEU n 
1 16  PRO n 
1 17  ALA n 
1 18  PHE n 
1 19  LEU n 
1 20  LEU n 
1 21  CYS n 
1 22  SER n 
1 23  THR n 
1 24  LEU n 
1 25  LEU n 
1 26  VAL n 
1 27  ILE n 
1 28  LYS n 
1 29  MET n 
1 30  TYR n 
1 31  VAL n 
1 32  VAL n 
1 33  ALA n 
1 34  ILE n 
1 35  ILE n 
1 36  THR n 
1 37  GLY n 
1 38  GLN n 
1 39  VAL n 
1 40  ARG n 
1 41  LEU n 
1 42  ARG n 
1 43  LYS n 
1 44  LYS n 
1 45  ALA n 
1 46  PHE n 
1 47  ALA n 
1 48  ASN n 
1 49  PRO n 
1 50  GLU n 
1 51  ASP n 
1 52  ALA n 
1 53  LEU n 
1 54  ARG n 
1 55  HIS n 
1 56  GLY n 
1 57  GLY n 
1 58  PRO n 
1 59  GLN n 
1 60  TYR n 
1 61  CYS n 
1 62  ARG n 
1 63  SER n 
1 64  ASP n 
1 65  PRO n 
1 66  ASP n 
1 67  VAL n 
1 68  GLU n 
1 69  ARG n 
1 70  CYS n 
1 71  LEU n 
1 72  ARG n 
1 73  ALA n 
1 74  HIS n 
1 75  ARG n 
1 76  ASN n 
1 77  ASP n 
1 78  MET n 
1 79  GLU n 
1 80  THR n 
1 81  ILE n 
1 82  TYR n 
1 83  PRO n 
1 84  PHE n 
1 85  LEU n 
1 86  PHE n 
1 87  LEU n 
1 88  GLY n 
1 89  PHE n 
1 90  VAL n 
1 91  TYR n 
1 92  SER n 
1 93  PHE n 
1 94  LEU n 
1 95  GLY n 
1 96  PRO n 
1 97  ASN n 
1 98  PRO n 
1 99  PHE n 
1 100 VAL n 
1 101 ALA n 
1 102 TRP n 
1 103 MET n 
1 104 HIS n 
1 105 PHE n 
1 106 LEU n 
1 107 VAL n 
1 108 PHE n 
1 109 LEU n 
1 110 VAL n 
1 111 GLY n 
1 112 ARG n 
1 113 VAL n 
1 114 ALA n 
1 115 HIS n 
1 116 THR n 
1 117 VAL n 
1 118 ALA n 
1 119 TYR n 
1 120 LEU n 
1 121 GLY n 
1 122 LYS n 
1 123 LEU n 
1 124 ARG n 
1 125 ALA n 
1 126 PRO n 
1 127 ILE n 
1 128 ARG n 
1 129 SER n 
1 130 VAL n 
1 131 THR n 
1 132 TYR n 
1 133 THR n 
1 134 LEU n 
1 135 ALA n 
1 136 GLN n 
1 137 LEU n 
1 138 PRO n 
1 139 CYS n 
1 140 ALA n 
1 141 SER n 
1 142 MET n 
1 143 ALA n 
1 144 LEU n 
1 145 GLN n 
1 146 ILE n 
1 147 LEU n 
1 148 TRP n 
1 149 GLU n 
1 150 ALA n 
1 151 ALA n 
1 152 ARG n 
1 153 HIS n 
1 154 LEU n 
# 
_entity_src_gen.entity_id                          1 
_entity_src_gen.pdbx_src_id                        1 
_entity_src_gen.pdbx_alt_source_flag               sample 
_entity_src_gen.pdbx_seq_type                      'Biological sequence' 
_entity_src_gen.pdbx_beg_seq_num                   1 
_entity_src_gen.pdbx_end_seq_num                   154 
_entity_src_gen.gene_src_common_name               Human 
_entity_src_gen.gene_src_genus                     ? 
_entity_src_gen.pdbx_gene_src_gene                 'PTGES, MGST1L1, MPGES1, PGES, PIG12' 
_entity_src_gen.gene_src_species                   ? 
_entity_src_gen.gene_src_strain                    ? 
_entity_src_gen.gene_src_tissue                    ? 
_entity_src_gen.gene_src_tissue_fraction           ? 
_entity_src_gen.gene_src_details                   ? 
_entity_src_gen.pdbx_gene_src_fragment             ? 
_entity_src_gen.pdbx_gene_src_scientific_name      'Homo sapiens' 
_entity_src_gen.pdbx_gene_src_ncbi_taxonomy_id     9606 
_entity_src_gen.pdbx_gene_src_variant              ? 
_entity_src_gen.pdbx_gene_src_cell_line            ? 
_entity_src_gen.pdbx_gene_src_atcc                 ? 
_entity_src_gen.pdbx_gene_src_organ                ? 
_entity_src_gen.pdbx_gene_src_organelle            ? 
_entity_src_gen.pdbx_gene_src_cell                 ? 
_entity_src_gen.pdbx_gene_src_cellular_location    ? 
_entity_src_gen.host_org_common_name               ? 
_entity_src_gen.pdbx_host_org_scientific_name      'Spodoptera frugiperda' 
_entity_src_gen.pdbx_host_org_ncbi_taxonomy_id     7108 
_entity_src_gen.host_org_genus                     ? 
_entity_src_gen.pdbx_host_org_gene                 ? 
_entity_src_gen.pdbx_host_org_organ                ? 
_entity_src_gen.host_org_species                   ? 
_entity_src_gen.pdbx_host_org_tissue               ? 
_entity_src_gen.pdbx_host_org_tissue_fraction      ? 
_entity_src_gen.pdbx_host_org_strain               ? 
_entity_src_gen.pdbx_host_org_variant              ? 
_entity_src_gen.pdbx_host_org_cell_line            ? 
_entity_src_gen.pdbx_host_org_atcc                 ? 
_entity_src_gen.pdbx_host_org_culture_collection   ? 
_entity_src_gen.pdbx_host_org_cell                 ? 
_entity_src_gen.pdbx_host_org_organelle            ? 
_entity_src_gen.pdbx_host_org_cellular_location    ? 
_entity_src_gen.pdbx_host_org_vector_type          ? 
_entity_src_gen.pdbx_host_org_vector               ? 
_entity_src_gen.host_org_details                   ? 
_entity_src_gen.expression_system_id               ? 
_entity_src_gen.plasmid_name                       ? 
_entity_src_gen.plasmid_details                    ? 
_entity_src_gen.pdbx_description                   ? 
# 
loop_
_chem_comp.id 
_chem_comp.type 
_chem_comp.mon_nstd_flag 
_chem_comp.name 
_chem_comp.pdbx_synonyms 
_chem_comp.formula 
_chem_comp.formula_weight 
758 non-polymer         . '2-chloro-5-{[(2,2-dimethylpropanoyl)amino]methyl}-N-(1H-imidazol-2-yl)benzamide' ? 'C16 H19 Cl N4 O2' 
334.801 
ALA 'L-peptide linking' y ALANINE                                                                           ? 'C3 H7 N O2'       
89.093  
ARG 'L-peptide linking' y ARGININE                                                                          ? 'C6 H15 N4 O2 1'   
175.209 
ASN 'L-peptide linking' y ASPARAGINE                                                                        ? 'C4 H8 N2 O3'      
132.118 
ASP 'L-peptide linking' y 'ASPARTIC ACID'                                                                   ? 'C4 H7 N O4'       
133.103 
BOG D-saccharide        n 'octyl beta-D-glucopyranoside'                                                    
'Beta-Octylglucoside; octyl beta-D-glucoside; octyl D-glucoside; octyl glucoside' 'C14 H28 O6'       292.369 
CYS 'L-peptide linking' y CYSTEINE                                                                          ? 'C3 H7 N O2 S'     
121.158 
GLN 'L-peptide linking' y GLUTAMINE                                                                         ? 'C5 H10 N2 O3'     
146.144 
GLU 'L-peptide linking' y 'GLUTAMIC ACID'                                                                   ? 'C5 H9 N O4'       
147.129 
GLY 'peptide linking'   y GLYCINE                                                                           ? 'C2 H5 N O2'       
75.067  
GSH non-polymer         . GLUTATHIONE                                                                       ? 'C10 H17 N3 O6 S'  
307.323 
HIS 'L-peptide linking' y HISTIDINE                                                                         ? 'C6 H10 N3 O2 1'   
156.162 
HOH non-polymer         . WATER                                                                             ? 'H2 O'             
18.015  
ILE 'L-peptide linking' y ISOLEUCINE                                                                        ? 'C6 H13 N O2'      
131.173 
LEU 'L-peptide linking' y LEUCINE                                                                           ? 'C6 H13 N O2'      
131.173 
LYS 'L-peptide linking' y LYSINE                                                                            ? 'C6 H15 N2 O2 1'   
147.195 
MET 'L-peptide linking' y METHIONINE                                                                        ? 'C5 H11 N O2 S'    
149.211 
PG4 non-polymer         . 'TETRAETHYLENE GLYCOL'                                                            ? 'C8 H18 O5'        
194.226 
PHE 'L-peptide linking' y PHENYLALANINE                                                                     ? 'C9 H11 N O2'      
165.189 
PRO 'L-peptide linking' y PROLINE                                                                           ? 'C5 H9 N O2'       
115.130 
SER 'L-peptide linking' y SERINE                                                                            ? 'C3 H7 N O3'       
105.093 
THR 'L-peptide linking' y THREONINE                                                                         ? 'C4 H9 N O3'       
119.119 
TRP 'L-peptide linking' y TRYPTOPHAN                                                                        ? 'C11 H12 N2 O2'    
204.225 
TYR 'L-peptide linking' y TYROSINE                                                                          ? 'C9 H11 N O3'      
181.189 
VAL 'L-peptide linking' y VALINE                                                                            ? 'C5 H11 N O2'      
117.146 
# 
_pdbx_chem_comp_identifier.comp_id           BOG 
_pdbx_chem_comp_identifier.type              'IUPAC CARBOHYDRATE SYMBOL' 
_pdbx_chem_comp_identifier.program           PDB-CARE 
_pdbx_chem_comp_identifier.program_version   1.0 
_pdbx_chem_comp_identifier.identifier        b-octylglucoside 
# 
loop_
_pdbx_poly_seq_scheme.asym_id 
_pdbx_poly_seq_scheme.entity_id 
_pdbx_poly_seq_scheme.seq_id 
_pdbx_poly_seq_scheme.mon_id 
_pdbx_poly_seq_scheme.ndb_seq_num 
_pdbx_poly_seq_scheme.pdb_seq_num 
_pdbx_poly_seq_scheme.auth_seq_num 
_pdbx_poly_seq_scheme.pdb_mon_id 
_pdbx_poly_seq_scheme.auth_mon_id 
_pdbx_poly_seq_scheme.pdb_strand_id 
_pdbx_poly_seq_scheme.pdb_ins_code 
_pdbx_poly_seq_scheme.hetero 
A 1 1   MET 1   -1  ?   ?   ?   A . n 
A 1 2   ALA 2   0   ?   ?   ?   A . n 
A 1 3   LEU 3   1   ?   ?   ?   A . n 
A 1 4   PRO 4   2   ?   ?   ?   A . n 
A 1 5   ALA 5   3   ?   ?   ?   A . n 
A 1 6   HIS 6   4   ?   ?   ?   A . n 
A 1 7   SER 7   5   5   SER SER A . n 
A 1 8   LEU 8   6   6   LEU LEU A . n 
A 1 9   VAL 9   7   7   VAL VAL A . n 
A 1 10  MET 10  8   8   MET MET A . n 
A 1 11  SER 11  9   9   SER SER A . n 
A 1 12  SER 12  10  10  SER SER A . n 
A 1 13  PRO 13  11  11  PRO PRO A . n 
A 1 14  ALA 14  12  12  ALA ALA A . n 
A 1 15  LEU 15  13  13  LEU LEU A . n 
A 1 16  PRO 16  14  14  PRO PRO A . n 
A 1 17  ALA 17  15  15  ALA ALA A . n 
A 1 18  PHE 18  16  16  PHE PHE A . n 
A 1 19  LEU 19  17  17  LEU LEU A . n 
A 1 20  LEU 20  18  18  LEU LEU A . n 
A 1 21  CYS 21  19  19  CYS CYS A . n 
A 1 22  SER 22  20  20  SER SER A . n 
A 1 23  THR 23  21  21  THR THR A . n 
A 1 24  LEU 24  22  22  LEU LEU A . n 
A 1 25  LEU 25  23  23  LEU LEU A . n 
A 1 26  VAL 26  24  24  VAL VAL A . n 
A 1 27  ILE 27  25  25  ILE ILE A . n 
A 1 28  LYS 28  26  26  LYS LYS A . n 
A 1 29  MET 29  27  27  MET MET A . n 
A 1 30  TYR 30  28  28  TYR TYR A . n 
A 1 31  VAL 31  29  29  VAL VAL A . n 
A 1 32  VAL 32  30  30  VAL VAL A . n 
A 1 33  ALA 33  31  31  ALA ALA A . n 
A 1 34  ILE 34  32  32  ILE ILE A . n 
A 1 35  ILE 35  33  33  ILE ILE A . n 
A 1 36  THR 36  34  34  THR THR A . n 
A 1 37  GLY 37  35  35  GLY GLY A . n 
A 1 38  GLN 38  36  36  GLN GLN A . n 
A 1 39  VAL 39  37  37  VAL VAL A . n 
A 1 40  ARG 40  38  38  ARG ARG A . n 
A 1 41  LEU 41  39  39  LEU LEU A . n 
A 1 42  ARG 42  40  40  ARG ARG A . n 
A 1 43  LYS 43  41  41  LYS LYS A . n 
A 1 44  LYS 44  42  42  LYS LYS A . n 
A 1 45  ALA 45  43  43  ALA ALA A . n 
A 1 46  PHE 46  44  44  PHE PHE A . n 
A 1 47  ALA 47  45  45  ALA ALA A . n 
A 1 48  ASN 48  46  46  ASN ASN A . n 
A 1 49  PRO 49  47  47  PRO PRO A . n 
A 1 50  GLU 50  48  48  GLU GLU A . n 
A 1 51  ASP 51  49  49  ASP ASP A . n 
A 1 52  ALA 52  50  50  ALA ALA A . n 
A 1 53  LEU 53  51  51  LEU LEU A . n 
A 1 54  ARG 54  52  52  ARG ARG A . n 
A 1 55  HIS 55  53  53  HIS HIS A . n 
A 1 56  GLY 56  54  54  GLY GLY A . n 
A 1 57  GLY 57  55  55  GLY GLY A . n 
A 1 58  PRO 58  56  56  PRO PRO A . n 
A 1 59  GLN 59  57  57  GLN GLN A . n 
A 1 60  TYR 60  58  58  TYR TYR A . n 
A 1 61  CYS 61  59  59  CYS CYS A . n 
A 1 62  ARG 62  60  60  ARG ARG A . n 
A 1 63  SER 63  61  61  SER SER A . n 
A 1 64  ASP 64  62  62  ASP ASP A . n 
A 1 65  PRO 65  63  63  PRO PRO A . n 
A 1 66  ASP 66  64  64  ASP ASP A . n 
A 1 67  VAL 67  65  65  VAL VAL A . n 
A 1 68  GLU 68  66  66  GLU GLU A . n 
A 1 69  ARG 69  67  67  ARG ARG A . n 
A 1 70  CYS 70  68  68  CYS CYS A . n 
A 1 71  LEU 71  69  69  LEU LEU A . n 
A 1 72  ARG 72  70  70  ARG ARG A . n 
A 1 73  ALA 73  71  71  ALA ALA A . n 
A 1 74  HIS 74  72  72  HIS HIS A . n 
A 1 75  ARG 75  73  73  ARG ARG A . n 
A 1 76  ASN 76  74  74  ASN ASN A . n 
A 1 77  ASP 77  75  75  ASP ASP A . n 
A 1 78  MET 78  76  76  MET MET A . n 
A 1 79  GLU 79  77  77  GLU GLU A . n 
A 1 80  THR 80  78  78  THR THR A . n 
A 1 81  ILE 81  79  79  ILE ILE A . n 
A 1 82  TYR 82  80  80  TYR TYR A . n 
A 1 83  PRO 83  81  81  PRO PRO A . n 
A 1 84  PHE 84  82  82  PHE PHE A . n 
A 1 85  LEU 85  83  83  LEU LEU A . n 
A 1 86  PHE 86  84  84  PHE PHE A . n 
A 1 87  LEU 87  85  85  LEU LEU A . n 
A 1 88  GLY 88  86  86  GLY GLY A . n 
A 1 89  PHE 89  87  87  PHE PHE A . n 
A 1 90  VAL 90  88  88  VAL VAL A . n 
A 1 91  TYR 91  89  89  TYR TYR A . n 
A 1 92  SER 92  90  90  SER SER A . n 
A 1 93  PHE 93  91  91  PHE PHE A . n 
A 1 94  LEU 94  92  92  LEU LEU A . n 
A 1 95  GLY 95  93  93  GLY GLY A . n 
A 1 96  PRO 96  94  94  PRO PRO A . n 
A 1 97  ASN 97  95  95  ASN ASN A . n 
A 1 98  PRO 98  96  96  PRO PRO A . n 
A 1 99  PHE 99  97  97  PHE PHE A . n 
A 1 100 VAL 100 98  98  VAL VAL A . n 
A 1 101 ALA 101 99  99  ALA ALA A . n 
A 1 102 TRP 102 100 100 TRP TRP A . n 
A 1 103 MET 103 101 101 MET MET A . n 
A 1 104 HIS 104 102 102 HIS HIS A . n 
A 1 105 PHE 105 103 103 PHE PHE A . n 
A 1 106 LEU 106 104 104 LEU LEU A . n 
A 1 107 VAL 107 105 105 VAL VAL A . n 
A 1 108 PHE 108 106 106 PHE PHE A . n 
A 1 109 LEU 109 107 107 LEU LEU A . n 
A 1 110 VAL 110 108 108 VAL VAL A . n 
A 1 111 GLY 111 109 109 GLY GLY A . n 
A 1 112 ARG 112 110 110 ARG ARG A . n 
A 1 113 VAL 113 111 111 VAL VAL A . n 
A 1 114 ALA 114 112 112 ALA ALA A . n 
A 1 115 HIS 115 113 113 HIS HIS A . n 
A 1 116 THR 116 114 114 THR THR A . n 
A 1 117 VAL 117 115 115 VAL VAL A . n 
A 1 118 ALA 118 116 116 ALA ALA A . n 
A 1 119 TYR 119 117 117 TYR TYR A . n 
A 1 120 LEU 120 118 118 LEU LEU A . n 
A 1 121 GLY 121 119 119 GLY GLY A . n 
A 1 122 LYS 122 120 120 LYS LYS A . n 
A 1 123 LEU 123 121 121 LEU LEU A . n 
A 1 124 ARG 124 122 122 ARG ARG A . n 
A 1 125 ALA 125 123 123 ALA ALA A . n 
A 1 126 PRO 126 124 124 PRO PRO A . n 
A 1 127 ILE 127 125 125 ILE ILE A . n 
A 1 128 ARG 128 126 126 ARG ARG A . n 
A 1 129 SER 129 127 127 SER SER A . n 
A 1 130 VAL 130 128 128 VAL VAL A . n 
A 1 131 THR 131 129 129 THR THR A . n 
A 1 132 TYR 132 130 130 TYR TYR A . n 
A 1 133 THR 133 131 131 THR THR A . n 
A 1 134 LEU 134 132 132 LEU LEU A . n 
A 1 135 ALA 135 133 133 ALA ALA A . n 
A 1 136 GLN 136 134 134 GLN GLN A . n 
A 1 137 LEU 137 135 135 LEU LEU A . n 
A 1 138 PRO 138 136 136 PRO PRO A . n 
A 1 139 CYS 139 137 137 CYS CYS A . n 
A 1 140 ALA 140 138 138 ALA ALA A . n 
A 1 141 SER 141 139 139 SER SER A . n 
A 1 142 MET 142 140 140 MET MET A . n 
A 1 143 ALA 143 141 141 ALA ALA A . n 
A 1 144 LEU 144 142 142 LEU LEU A . n 
A 1 145 GLN 145 143 143 GLN GLN A . n 
A 1 146 ILE 146 144 144 ILE ILE A . n 
A 1 147 LEU 147 145 145 LEU LEU A . n 
A 1 148 TRP 148 146 146 TRP TRP A . n 
A 1 149 GLU 149 147 147 GLU GLU A . n 
A 1 150 ALA 150 148 148 ALA ALA A . n 
A 1 151 ALA 151 149 149 ALA ALA A . n 
A 1 152 ARG 152 150 150 ARG ARG A . n 
A 1 153 HIS 153 151 151 HIS HIS A . n 
A 1 154 LEU 154 152 152 LEU LEU A . n 
# 
loop_
_pdbx_nonpoly_scheme.asym_id 
_pdbx_nonpoly_scheme.entity_id 
_pdbx_nonpoly_scheme.mon_id 
_pdbx_nonpoly_scheme.ndb_seq_num 
_pdbx_nonpoly_scheme.pdb_seq_num 
_pdbx_nonpoly_scheme.auth_seq_num 
_pdbx_nonpoly_scheme.pdb_mon_id 
_pdbx_nonpoly_scheme.auth_mon_id 
_pdbx_nonpoly_scheme.pdb_strand_id 
_pdbx_nonpoly_scheme.pdb_ins_code 
B 2 758 1   201 1   758 SX1 A . 
C 3 GSH 1   202 1   GSH GTT A . 
D 4 BOG 1   203 2   BOG BOG A . 
E 4 BOG 1   204 3   BOG BOG A . 
F 5 PG4 1   205 4   PG4 PG4 A . 
G 5 PG4 1   206 5   PG4 PG4 A . 
H 5 PG4 1   207 8   PG4 PG4 A . 
I 6 HOH 1   301 68  HOH HOH A . 
I 6 HOH 2   302 62  HOH HOH A . 
I 6 HOH 3   303 15  HOH HOH A . 
I 6 HOH 4   304 32  HOH HOH A . 
I 6 HOH 5   305 36  HOH HOH A . 
I 6 HOH 6   306 17  HOH HOH A . 
I 6 HOH 7   307 46  HOH HOH A . 
I 6 HOH 8   308 77  HOH HOH A . 
I 6 HOH 9   309 52  HOH HOH A . 
I 6 HOH 10  310 96  HOH HOH A . 
I 6 HOH 11  311 43  HOH HOH A . 
I 6 HOH 12  312 24  HOH HOH A . 
I 6 HOH 13  313 35  HOH HOH A . 
I 6 HOH 14  314 9   HOH HOH A . 
I 6 HOH 15  315 75  HOH HOH A . 
I 6 HOH 16  316 41  HOH HOH A . 
I 6 HOH 17  317 18  HOH HOH A . 
I 6 HOH 18  318 64  HOH HOH A . 
I 6 HOH 19  319 84  HOH HOH A . 
I 6 HOH 20  320 112 HOH HOH A . 
I 6 HOH 21  321 70  HOH HOH A . 
I 6 HOH 22  322 23  HOH HOH A . 
I 6 HOH 23  323 13  HOH HOH A . 
I 6 HOH 24  324 51  HOH HOH A . 
I 6 HOH 25  325 21  HOH HOH A . 
I 6 HOH 26  326 28  HOH HOH A . 
I 6 HOH 27  327 44  HOH HOH A . 
I 6 HOH 28  328 49  HOH HOH A . 
I 6 HOH 29  329 59  HOH HOH A . 
I 6 HOH 30  330 83  HOH HOH A . 
I 6 HOH 31  331 19  HOH HOH A . 
I 6 HOH 32  332 80  HOH HOH A . 
I 6 HOH 33  333 50  HOH HOH A . 
I 6 HOH 34  334 31  HOH HOH A . 
I 6 HOH 35  335 117 HOH HOH A . 
I 6 HOH 36  336 61  HOH HOH A . 
I 6 HOH 37  337 22  HOH HOH A . 
I 6 HOH 38  338 42  HOH HOH A . 
I 6 HOH 39  339 72  HOH HOH A . 
I 6 HOH 40  340 14  HOH HOH A . 
I 6 HOH 41  341 79  HOH HOH A . 
I 6 HOH 42  342 16  HOH HOH A . 
I 6 HOH 43  343 67  HOH HOH A . 
I 6 HOH 44  344 4   HOH HOH A . 
I 6 HOH 45  345 39  HOH HOH A . 
I 6 HOH 46  346 30  HOH HOH A . 
I 6 HOH 47  347 27  HOH HOH A . 
I 6 HOH 48  348 38  HOH HOH A . 
I 6 HOH 49  349 12  HOH HOH A . 
I 6 HOH 50  350 53  HOH HOH A . 
I 6 HOH 51  351 90  HOH HOH A . 
I 6 HOH 52  352 74  HOH HOH A . 
I 6 HOH 53  353 58  HOH HOH A . 
I 6 HOH 54  354 63  HOH HOH A . 
I 6 HOH 55  355 57  HOH HOH A . 
I 6 HOH 56  356 48  HOH HOH A . 
I 6 HOH 57  357 102 HOH HOH A . 
I 6 HOH 58  358 37  HOH HOH A . 
I 6 HOH 59  359 128 HOH HOH A . 
I 6 HOH 60  360 45  HOH HOH A . 
I 6 HOH 61  361 26  HOH HOH A . 
I 6 HOH 62  362 114 HOH HOH A . 
I 6 HOH 63  363 86  HOH HOH A . 
I 6 HOH 64  364 25  HOH HOH A . 
I 6 HOH 65  365 56  HOH HOH A . 
I 6 HOH 66  366 100 HOH HOH A . 
I 6 HOH 67  367 29  HOH HOH A . 
I 6 HOH 68  368 40  HOH HOH A . 
I 6 HOH 69  369 81  HOH HOH A . 
I 6 HOH 70  370 119 HOH HOH A . 
I 6 HOH 71  371 47  HOH HOH A . 
I 6 HOH 72  372 97  HOH HOH A . 
I 6 HOH 73  373 11  HOH HOH A . 
I 6 HOH 74  374 120 HOH HOH A . 
I 6 HOH 75  375 20  HOH HOH A . 
I 6 HOH 76  376 33  HOH HOH A . 
I 6 HOH 77  377 113 HOH HOH A . 
I 6 HOH 78  378 94  HOH HOH A . 
I 6 HOH 79  379 91  HOH HOH A . 
I 6 HOH 80  380 69  HOH HOH A . 
I 6 HOH 81  381 129 HOH HOH A . 
I 6 HOH 82  382 76  HOH HOH A . 
I 6 HOH 83  383 85  HOH HOH A . 
I 6 HOH 84  384 60  HOH HOH A . 
I 6 HOH 85  385 71  HOH HOH A . 
I 6 HOH 86  386 66  HOH HOH A . 
I 6 HOH 87  387 121 HOH HOH A . 
I 6 HOH 88  388 130 HOH HOH A . 
I 6 HOH 89  389 124 HOH HOH A . 
I 6 HOH 90  390 5   HOH HOH A . 
I 6 HOH 91  391 88  HOH HOH A . 
I 6 HOH 92  392 93  HOH HOH A . 
I 6 HOH 93  393 34  HOH HOH A . 
I 6 HOH 94  394 78  HOH HOH A . 
I 6 HOH 95  395 105 HOH HOH A . 
I 6 HOH 96  396 95  HOH HOH A . 
I 6 HOH 97  397 7   HOH HOH A . 
I 6 HOH 98  398 101 HOH HOH A . 
I 6 HOH 99  399 98  HOH HOH A . 
I 6 HOH 100 400 116 HOH HOH A . 
# 
loop_
_pdbx_unobs_or_zero_occ_atoms.id 
_pdbx_unobs_or_zero_occ_atoms.PDB_model_num 
_pdbx_unobs_or_zero_occ_atoms.polymer_flag 
_pdbx_unobs_or_zero_occ_atoms.occupancy_flag 
_pdbx_unobs_or_zero_occ_atoms.auth_asym_id 
_pdbx_unobs_or_zero_occ_atoms.auth_comp_id 
_pdbx_unobs_or_zero_occ_atoms.auth_seq_id 
_pdbx_unobs_or_zero_occ_atoms.PDB_ins_code 
_pdbx_unobs_or_zero_occ_atoms.auth_atom_id 
_pdbx_unobs_or_zero_occ_atoms.label_alt_id 
_pdbx_unobs_or_zero_occ_atoms.label_asym_id 
_pdbx_unobs_or_zero_occ_atoms.label_comp_id 
_pdbx_unobs_or_zero_occ_atoms.label_seq_id 
_pdbx_unobs_or_zero_occ_atoms.label_atom_id 
1  1 Y 1 A MET 8   ? CG  ? A MET 10 CG  
2  1 Y 1 A MET 8   ? SD  ? A MET 10 SD  
3  1 Y 1 A MET 8   ? CE  ? A MET 10 CE  
4  1 Y 1 A ARG 40  ? CG  ? A ARG 42 CG  
5  1 Y 1 A ARG 40  ? CD  ? A ARG 42 CD  
6  1 Y 1 A ARG 40  ? NE  ? A ARG 42 NE  
7  1 Y 1 A ARG 40  ? CZ  ? A ARG 42 CZ  
8  1 Y 1 A ARG 40  ? NH1 ? A ARG 42 NH1 
9  1 Y 1 A ARG 40  ? NH2 ? A ARG 42 NH2 
10 1 N 1 A PG4 206 ? C5  ? G PG4 1  C5  
11 1 N 1 A PG4 206 ? C6  ? G PG4 1  C6  
12 1 N 1 A PG4 206 ? O4  ? G PG4 1  O4  
13 1 N 1 A PG4 206 ? C7  ? G PG4 1  C7  
14 1 N 1 A PG4 206 ? C8  ? G PG4 1  C8  
15 1 N 1 A PG4 206 ? O5  ? G PG4 1  O5  
16 1 N 1 A PG4 207 ? O1  ? H PG4 1  O1  
17 1 N 1 A PG4 207 ? C1  ? H PG4 1  C1  
# 
loop_
_software.citation_id 
_software.classification 
_software.compiler_name 
_software.compiler_version 
_software.contact_author 
_software.contact_author_email 
_software.date 
_software.description 
_software.dependencies 
_software.hardware 
_software.language 
_software.location 
_software.mods 
_software.name 
_software.os 
_software.os_version 
_software.type 
_software.version 
_software.pdbx_ordinal 
? refinement       ? ? ? ? ? ? ? ? ? ? ? REFMAC ? ? ? 5.5.0109 1 
? 'data reduction' ? ? ? ? ? ? ? ? ? ? ? MOSFLM ? ? ? .        2 
? 'data scaling'   ? ? ? ? ? ? ? ? ? ? ? SCALA  ? ? ? .        3 
? phasing          ? ? ? ? ? ? ? ? ? ? ? PHASER ? ? ? .        4 
# 
_cell.angle_alpha                  90.00 
_cell.angle_alpha_esd              ? 
_cell.angle_beta                   90.00 
_cell.angle_beta_esd               ? 
_cell.angle_gamma                  120.00 
_cell.angle_gamma_esd              ? 
_cell.entry_id                     5T37 
_cell.details                      ? 
_cell.formula_units_Z              ? 
_cell.length_a                     76.240 
_cell.length_a_esd                 ? 
_cell.length_b                     76.240 
_cell.length_b_esd                 ? 
_cell.length_c                     124.098 
_cell.length_c_esd                 ? 
_cell.volume                       ? 
_cell.volume_esd                   ? 
_cell.Z_PDB                        9 
_cell.reciprocal_angle_alpha       ? 
_cell.reciprocal_angle_beta        ? 
_cell.reciprocal_angle_gamma       ? 
_cell.reciprocal_angle_alpha_esd   ? 
_cell.reciprocal_angle_beta_esd    ? 
_cell.reciprocal_angle_gamma_esd   ? 
_cell.reciprocal_length_a          ? 
_cell.reciprocal_length_b          ? 
_cell.reciprocal_length_c          ? 
_cell.reciprocal_length_a_esd      ? 
_cell.reciprocal_length_b_esd      ? 
_cell.reciprocal_length_c_esd      ? 
_cell.pdbx_unique_axis             ? 
# 
_symmetry.entry_id                         5T37 
_symmetry.cell_setting                     ? 
_symmetry.Int_Tables_number                146 
_symmetry.space_group_name_Hall            ? 
_symmetry.space_group_name_H-M             'H 3' 
_symmetry.pdbx_full_space_group_name_H-M   ? 
# 
_exptl.absorpt_coefficient_mu     ? 
_exptl.absorpt_correction_T_max   ? 
_exptl.absorpt_correction_T_min   ? 
_exptl.absorpt_correction_type    ? 
_exptl.absorpt_process_details    ? 
_exptl.entry_id                   5T37 
_exptl.crystals_number            1 
_exptl.details                    ? 
_exptl.method                     'X-RAY DIFFRACTION' 
_exptl.method_details             ? 
# 
_exptl_crystal.colour                      ? 
_exptl_crystal.density_diffrn              ? 
_exptl_crystal.density_Matthews            4.01 
_exptl_crystal.density_method              ? 
_exptl_crystal.density_percent_sol         69.33 
_exptl_crystal.description                 ? 
_exptl_crystal.F_000                       ? 
_exptl_crystal.id                          1 
_exptl_crystal.preparation                 ? 
_exptl_crystal.size_max                    ? 
_exptl_crystal.size_mid                    ? 
_exptl_crystal.size_min                    ? 
_exptl_crystal.size_rad                    ? 
_exptl_crystal.colour_lustre               ? 
_exptl_crystal.colour_modifier             ? 
_exptl_crystal.colour_primary              ? 
_exptl_crystal.density_meas                ? 
_exptl_crystal.density_meas_esd            ? 
_exptl_crystal.density_meas_gt             ? 
_exptl_crystal.density_meas_lt             ? 
_exptl_crystal.density_meas_temp           ? 
_exptl_crystal.density_meas_temp_esd       ? 
_exptl_crystal.density_meas_temp_gt        ? 
_exptl_crystal.density_meas_temp_lt        ? 
_exptl_crystal.pdbx_crystal_image_url      ? 
_exptl_crystal.pdbx_crystal_image_format   ? 
_exptl_crystal.pdbx_mosaicity              ? 
_exptl_crystal.pdbx_mosaicity_esd          ? 
# 
_exptl_crystal_grow.apparatus       ? 
_exptl_crystal_grow.atmosphere      ? 
_exptl_crystal_grow.crystal_id      1 
_exptl_crystal_grow.details         ? 
_exptl_crystal_grow.method          'VAPOR DIFFUSION' 
_exptl_crystal_grow.method_ref      ? 
_exptl_crystal_grow.pH              ? 
_exptl_crystal_grow.pressure        ? 
_exptl_crystal_grow.pressure_esd    ? 
_exptl_crystal_grow.seeding         ? 
_exptl_crystal_grow.seeding_ref     ? 
_exptl_crystal_grow.temp            294.15 
_exptl_crystal_grow.temp_details    ? 
_exptl_crystal_grow.temp_esd        ? 
_exptl_crystal_grow.time            ? 
_exptl_crystal_grow.pdbx_details    
;0.1M tris pH 8.2
28% PEG 1K
;
_exptl_crystal_grow.pdbx_pH_range   ? 
# 
_diffrn.ambient_environment    ? 
_diffrn.ambient_temp           78.15 
_diffrn.ambient_temp_details   ? 
_diffrn.ambient_temp_esd       ? 
_diffrn.crystal_id             1 
_diffrn.crystal_support        ? 
_diffrn.crystal_treatment      ? 
_diffrn.details                ? 
_diffrn.id                     1 
_diffrn.ambient_pressure       ? 
_diffrn.ambient_pressure_esd   ? 
_diffrn.ambient_pressure_gt    ? 
_diffrn.ambient_pressure_lt    ? 
_diffrn.ambient_temp_gt        ? 
_diffrn.ambient_temp_lt        ? 
# 
_diffrn_detector.details                      ? 
_diffrn_detector.detector                     CCD 
_diffrn_detector.diffrn_id                    1 
_diffrn_detector.type                         'RAYONIX MX225HE' 
_diffrn_detector.area_resol_mean              ? 
_diffrn_detector.dtime                        ? 
_diffrn_detector.pdbx_frames_total            ? 
_diffrn_detector.pdbx_collection_time_total   ? 
_diffrn_detector.pdbx_collection_date         2010-11-01 
# 
_diffrn_radiation.collimation                      ? 
_diffrn_radiation.diffrn_id                        1 
_diffrn_radiation.filter_edge                      ? 
_diffrn_radiation.inhomogeneity                    ? 
_diffrn_radiation.monochromator                    ? 
_diffrn_radiation.polarisn_norm                    ? 
_diffrn_radiation.polarisn_ratio                   ? 
_diffrn_radiation.probe                            ? 
_diffrn_radiation.type                             ? 
_diffrn_radiation.xray_symbol                      ? 
_diffrn_radiation.wavelength_id                    1 
_diffrn_radiation.pdbx_monochromatic_or_laue_m_l   M 
_diffrn_radiation.pdbx_wavelength_list             ? 
_diffrn_radiation.pdbx_wavelength                  ? 
_diffrn_radiation.pdbx_diffrn_protocol             'SINGLE WAVELENGTH' 
_diffrn_radiation.pdbx_analyzer                    ? 
_diffrn_radiation.pdbx_scattering_type             x-ray 
# 
_diffrn_radiation_wavelength.id           1 
_diffrn_radiation_wavelength.wavelength   .97856 
_diffrn_radiation_wavelength.wt           1.0 
# 
_diffrn_source.current                     ? 
_diffrn_source.details                     ? 
_diffrn_source.diffrn_id                   1 
_diffrn_source.power                       ? 
_diffrn_source.size                        ? 
_diffrn_source.source                      SYNCHROTRON 
_diffrn_source.target                      ? 
_diffrn_source.type                        'APS BEAMLINE 31-ID' 
_diffrn_source.voltage                     ? 
_diffrn_source.take-off_angle              ? 
_diffrn_source.pdbx_wavelength_list        .97856 
_diffrn_source.pdbx_wavelength             ? 
_diffrn_source.pdbx_synchrotron_beamline   31-ID 
_diffrn_source.pdbx_synchrotron_site       APS 
# 
_reflns.B_iso_Wilson_estimate            ? 
_reflns.entry_id                         5T37 
_reflns.data_reduction_details           ? 
_reflns.data_reduction_method            ? 
_reflns.d_resolution_high                1.76 
_reflns.d_resolution_low                 58.29 
_reflns.details                          ? 
_reflns.limit_h_max                      ? 
_reflns.limit_h_min                      ? 
_reflns.limit_k_max                      ? 
_reflns.limit_k_min                      ? 
_reflns.limit_l_max                      ? 
_reflns.limit_l_min                      ? 
_reflns.number_all                       ? 
_reflns.number_obs                       26611 
_reflns.observed_criterion               ? 
_reflns.observed_criterion_F_max         ? 
_reflns.observed_criterion_F_min         ? 
_reflns.observed_criterion_I_max         ? 
_reflns.observed_criterion_I_min         ? 
_reflns.observed_criterion_sigma_F       ? 
_reflns.observed_criterion_sigma_I       ? 
_reflns.percent_possible_obs             99.9 
_reflns.R_free_details                   ? 
_reflns.Rmerge_F_all                     ? 
_reflns.Rmerge_F_obs                     ? 
_reflns.Friedel_coverage                 ? 
_reflns.number_gt                        ? 
_reflns.threshold_expression             ? 
_reflns.pdbx_redundancy                  5.5 
_reflns.pdbx_Rmerge_I_obs                ? 
_reflns.pdbx_Rmerge_I_all                ? 
_reflns.pdbx_Rsym_value                  ? 
_reflns.pdbx_netI_over_av_sigmaI         ? 
_reflns.pdbx_netI_over_sigmaI            28.6 
_reflns.pdbx_res_netI_over_av_sigmaI_2   ? 
_reflns.pdbx_res_netI_over_sigmaI_2      ? 
_reflns.pdbx_chi_squared                 ? 
_reflns.pdbx_scaling_rejects             ? 
_reflns.pdbx_d_res_high_opt              ? 
_reflns.pdbx_d_res_low_opt               ? 
_reflns.pdbx_d_res_opt_method            ? 
_reflns.phase_calculation_details        ? 
_reflns.pdbx_Rrim_I_all                  ? 
_reflns.pdbx_Rpim_I_all                  ? 
_reflns.pdbx_d_opt                       ? 
_reflns.pdbx_number_measured_all         ? 
_reflns.pdbx_diffrn_id                   1 
_reflns.pdbx_ordinal                     1 
_reflns.pdbx_CC_half                     ? 
_reflns.pdbx_R_split                     ? 
# 
_reflns_shell.d_res_high                  1.78 
_reflns_shell.d_res_low                   1.86 
_reflns_shell.meanI_over_sigI_all         ? 
_reflns_shell.meanI_over_sigI_obs         2.6 
_reflns_shell.number_measured_all         ? 
_reflns_shell.number_measured_obs         ? 
_reflns_shell.number_possible             ? 
_reflns_shell.number_unique_all           ? 
_reflns_shell.number_unique_obs           ? 
_reflns_shell.percent_possible_all        99.3 
_reflns_shell.percent_possible_obs        ? 
_reflns_shell.Rmerge_F_all                ? 
_reflns_shell.Rmerge_F_obs                ? 
_reflns_shell.Rmerge_I_all                ? 
_reflns_shell.Rmerge_I_obs                .473 
_reflns_shell.meanI_over_sigI_gt          ? 
_reflns_shell.meanI_over_uI_all           ? 
_reflns_shell.meanI_over_uI_gt            ? 
_reflns_shell.number_measured_gt          ? 
_reflns_shell.number_unique_gt            ? 
_reflns_shell.percent_possible_gt         ? 
_reflns_shell.Rmerge_F_gt                 ? 
_reflns_shell.Rmerge_I_gt                 ? 
_reflns_shell.pdbx_redundancy             4.2 
_reflns_shell.pdbx_Rsym_value             ? 
_reflns_shell.pdbx_chi_squared            ? 
_reflns_shell.pdbx_netI_over_sigmaI_all   ? 
_reflns_shell.pdbx_netI_over_sigmaI_obs   ? 
_reflns_shell.pdbx_Rrim_I_all             ? 
_reflns_shell.pdbx_Rpim_I_all             ? 
_reflns_shell.pdbx_rejects                ? 
_reflns_shell.pdbx_ordinal                1 
_reflns_shell.pdbx_diffrn_id              1 
_reflns_shell.pdbx_CC_half                ? 
_reflns_shell.pdbx_R_split                ? 
# 
_refine.aniso_B[1][1]                            0.71 
_refine.aniso_B[1][2]                            0.36 
_refine.aniso_B[1][3]                            0.00 
_refine.aniso_B[2][2]                            0.71 
_refine.aniso_B[2][3]                            0.00 
_refine.aniso_B[3][3]                            -1.07 
_refine.B_iso_max                                ? 
_refine.B_iso_mean                               23.143 
_refine.B_iso_min                                ? 
_refine.correlation_coeff_Fo_to_Fc               0.959 
_refine.correlation_coeff_Fo_to_Fc_free          0.950 
_refine.details                                  ? 
_refine.diff_density_max                         ? 
_refine.diff_density_max_esd                     ? 
_refine.diff_density_min                         ? 
_refine.diff_density_min_esd                     ? 
_refine.diff_density_rms                         ? 
_refine.diff_density_rms_esd                     ? 
_refine.entry_id                                 5T37 
_refine.pdbx_refine_id                           'X-RAY DIFFRACTION' 
_refine.ls_abs_structure_details                 ? 
_refine.ls_abs_structure_Flack                   ? 
_refine.ls_abs_structure_Flack_esd               ? 
_refine.ls_abs_structure_Rogers                  ? 
_refine.ls_abs_structure_Rogers_esd              ? 
_refine.ls_d_res_high                            1.761 
_refine.ls_d_res_low                             30.00 
_refine.ls_extinction_coef                       ? 
_refine.ls_extinction_coef_esd                   ? 
_refine.ls_extinction_expression                 ? 
_refine.ls_extinction_method                     ? 
_refine.ls_goodness_of_fit_all                   ? 
_refine.ls_goodness_of_fit_all_esd               ? 
_refine.ls_goodness_of_fit_obs                   ? 
_refine.ls_goodness_of_fit_obs_esd               ? 
_refine.ls_hydrogen_treatment                    ? 
_refine.ls_matrix_type                           ? 
_refine.ls_number_constraints                    ? 
_refine.ls_number_parameters                     ? 
_refine.ls_number_reflns_all                     ? 
_refine.ls_number_reflns_obs                     25244 
_refine.ls_number_reflns_R_free                  1357 
_refine.ls_number_reflns_R_work                  ? 
_refine.ls_number_restraints                     ? 
_refine.ls_percent_reflns_obs                    99.88 
_refine.ls_percent_reflns_R_free                 5.1 
_refine.ls_R_factor_all                          ? 
_refine.ls_R_factor_obs                          0.16793 
_refine.ls_R_factor_R_free                       0.18532 
_refine.ls_R_factor_R_free_error                 ? 
_refine.ls_R_factor_R_free_error_details         ? 
_refine.ls_R_factor_R_work                       0.16699 
_refine.ls_R_Fsqd_factor_obs                     ? 
_refine.ls_R_I_factor_obs                        ? 
_refine.ls_redundancy_reflns_all                 ? 
_refine.ls_redundancy_reflns_obs                 ? 
_refine.ls_restrained_S_all                      ? 
_refine.ls_restrained_S_obs                      ? 
_refine.ls_shift_over_esd_max                    ? 
_refine.ls_shift_over_esd_mean                   ? 
_refine.ls_structure_factor_coef                 ? 
_refine.ls_weighting_details                     ? 
_refine.ls_weighting_scheme                      ? 
_refine.ls_wR_factor_all                         ? 
_refine.ls_wR_factor_obs                         ? 
_refine.ls_wR_factor_R_free                      ? 
_refine.ls_wR_factor_R_work                      ? 
_refine.occupancy_max                            ? 
_refine.occupancy_min                            ? 
_refine.solvent_model_details                    ? 
_refine.solvent_model_param_bsol                 ? 
_refine.solvent_model_param_ksol                 ? 
_refine.ls_R_factor_gt                           ? 
_refine.ls_goodness_of_fit_gt                    ? 
_refine.ls_goodness_of_fit_ref                   ? 
_refine.ls_shift_over_su_max                     ? 
_refine.ls_shift_over_su_max_lt                  ? 
_refine.ls_shift_over_su_mean                    ? 
_refine.ls_shift_over_su_mean_lt                 ? 
_refine.pdbx_ls_sigma_I                          ? 
_refine.pdbx_ls_sigma_F                          ? 
_refine.pdbx_ls_sigma_Fsqd                       ? 
_refine.pdbx_data_cutoff_high_absF               ? 
_refine.pdbx_data_cutoff_high_rms_absF           ? 
_refine.pdbx_data_cutoff_low_absF                ? 
_refine.pdbx_isotropic_thermal_model             ? 
_refine.pdbx_ls_cross_valid_method               THROUGHOUT 
_refine.pdbx_method_to_determine_struct          MIR 
_refine.pdbx_starting_model                      ? 
_refine.pdbx_stereochemistry_target_values       ? 
_refine.pdbx_R_Free_selection_details            RANDOM 
_refine.pdbx_stereochem_target_val_spec_case     ? 
_refine.pdbx_overall_ESU_R                       0.083 
_refine.pdbx_overall_ESU_R_Free                  0.081 
_refine.pdbx_solvent_vdw_probe_radii             1.40 
_refine.pdbx_solvent_ion_probe_radii             0.80 
_refine.pdbx_solvent_shrinkage_radii             0.80 
_refine.pdbx_real_space_R                        ? 
_refine.pdbx_density_correlation                 ? 
_refine.pdbx_pd_number_of_powder_patterns        ? 
_refine.pdbx_pd_number_of_points                 ? 
_refine.pdbx_pd_meas_number_of_points            ? 
_refine.pdbx_pd_proc_ls_prof_R_factor            ? 
_refine.pdbx_pd_proc_ls_prof_wR_factor           ? 
_refine.pdbx_pd_Marquardt_correlation_coeff      ? 
_refine.pdbx_pd_Fsqrd_R_factor                   ? 
_refine.pdbx_pd_ls_matrix_band_width             ? 
_refine.pdbx_overall_phase_error                 ? 
_refine.pdbx_overall_SU_R_free_Cruickshank_DPI   ? 
_refine.pdbx_overall_SU_R_free_Blow_DPI          ? 
_refine.pdbx_overall_SU_R_Blow_DPI               ? 
_refine.pdbx_TLS_residual_ADP_flag               ? 
_refine.pdbx_diffrn_id                           1 
_refine.overall_SU_B                             1.681 
_refine.overall_SU_ML                            0.053 
_refine.overall_SU_R_Cruickshank_DPI             ? 
_refine.overall_SU_R_free                        ? 
_refine.overall_FOM_free_R_set                   ? 
_refine.overall_FOM_work_R_set                   ? 
_refine.pdbx_average_fsc_overall                 ? 
_refine.pdbx_average_fsc_work                    ? 
_refine.pdbx_average_fsc_free                    ? 
# 
_refine_hist.pdbx_refine_id                   'X-RAY DIFFRACTION' 
_refine_hist.cycle_id                         LAST 
_refine_hist.pdbx_number_atoms_protein        1164 
_refine_hist.pdbx_number_atoms_nucleic_acid   0 
_refine_hist.pdbx_number_atoms_ligand         114 
_refine_hist.number_atoms_solvent             100 
_refine_hist.number_atoms_total               1378 
_refine_hist.d_res_high                       1.761 
_refine_hist.d_res_low                        30.00 
# 
loop_
_refine_ls_restr.pdbx_refine_id 
_refine_ls_restr.criterion 
_refine_ls_restr.dev_ideal 
_refine_ls_restr.dev_ideal_target 
_refine_ls_restr.number 
_refine_ls_restr.rejects 
_refine_ls_restr.type 
_refine_ls_restr.weight 
_refine_ls_restr.pdbx_restraint_function 
'X-RAY DIFFRACTION' ? 0.006  0.022  1389 ? r_bond_refined_d             ? ? 
'X-RAY DIFFRACTION' ? ?      ?      ?    ? r_bond_other_d               ? ? 
'X-RAY DIFFRACTION' ? 0.872  2.049  1884 ? r_angle_refined_deg          ? ? 
'X-RAY DIFFRACTION' ? ?      ?      ?    ? r_angle_other_deg            ? ? 
'X-RAY DIFFRACTION' ? 3.601  5.000  165  ? r_dihedral_angle_1_deg       ? ? 
'X-RAY DIFFRACTION' ? 37.913 21.346 52   ? r_dihedral_angle_2_deg       ? ? 
'X-RAY DIFFRACTION' ? 11.579 15.000 206  ? r_dihedral_angle_3_deg       ? ? 
'X-RAY DIFFRACTION' ? 10.140 15.000 11   ? r_dihedral_angle_4_deg       ? ? 
'X-RAY DIFFRACTION' ? 0.053  0.200  214  ? r_chiral_restr               ? ? 
'X-RAY DIFFRACTION' ? 0.004  0.021  1009 ? r_gen_planes_refined         ? ? 
'X-RAY DIFFRACTION' ? ?      ?      ?    ? r_gen_planes_other           ? ? 
'X-RAY DIFFRACTION' ? ?      ?      ?    ? r_nbd_refined                ? ? 
'X-RAY DIFFRACTION' ? ?      ?      ?    ? r_nbd_other                  ? ? 
'X-RAY DIFFRACTION' ? ?      ?      ?    ? r_nbtor_refined              ? ? 
'X-RAY DIFFRACTION' ? ?      ?      ?    ? r_nbtor_other                ? ? 
'X-RAY DIFFRACTION' ? ?      ?      ?    ? r_xyhbond_nbd_refined        ? ? 
'X-RAY DIFFRACTION' ? ?      ?      ?    ? r_xyhbond_nbd_other          ? ? 
'X-RAY DIFFRACTION' ? ?      ?      ?    ? r_metal_ion_refined          ? ? 
'X-RAY DIFFRACTION' ? ?      ?      ?    ? r_metal_ion_other            ? ? 
'X-RAY DIFFRACTION' ? ?      ?      ?    ? r_symmetry_vdw_refined       ? ? 
'X-RAY DIFFRACTION' ? ?      ?      ?    ? r_symmetry_vdw_other         ? ? 
'X-RAY DIFFRACTION' ? ?      ?      ?    ? r_symmetry_hbond_refined     ? ? 
'X-RAY DIFFRACTION' ? ?      ?      ?    ? r_symmetry_hbond_other       ? ? 
'X-RAY DIFFRACTION' ? ?      ?      ?    ? r_symmetry_metal_ion_refined ? ? 
'X-RAY DIFFRACTION' ? ?      ?      ?    ? r_symmetry_metal_ion_other   ? ? 
'X-RAY DIFFRACTION' ? 1.138  6.000  778  ? r_mcbond_it                  ? ? 
'X-RAY DIFFRACTION' ? ?      ?      ?    ? r_mcbond_other               ? ? 
'X-RAY DIFFRACTION' ? 1.970  10.000 1268 ? r_mcangle_it                 ? ? 
'X-RAY DIFFRACTION' ? ?      ?      ?    ? r_mcangle_other              ? ? 
'X-RAY DIFFRACTION' ? 2.313  12.000 611  ? r_scbond_it                  ? ? 
'X-RAY DIFFRACTION' ? ?      ?      ?    ? r_scbond_other               ? ? 
'X-RAY DIFFRACTION' ? 3.513  15.000 609  ? r_scangle_it                 ? ? 
'X-RAY DIFFRACTION' ? ?      ?      ?    ? r_scangle_other              ? ? 
'X-RAY DIFFRACTION' ? ?      ?      ?    ? r_long_range_B_refined       ? ? 
'X-RAY DIFFRACTION' ? ?      ?      ?    ? r_long_range_B_other         ? ? 
'X-RAY DIFFRACTION' ? ?      ?      ?    ? r_rigid_bond_restr           ? ? 
'X-RAY DIFFRACTION' ? ?      ?      ?    ? r_sphericity_free            ? ? 
'X-RAY DIFFRACTION' ? ?      ?      ?    ? r_sphericity_bonded          ? ? 
# 
_refine_ls_shell.pdbx_refine_id                   'X-RAY DIFFRACTION' 
_refine_ls_shell.d_res_high                       1.761 
_refine_ls_shell.d_res_low                        1.807 
_refine_ls_shell.number_reflns_all                ? 
_refine_ls_shell.number_reflns_obs                ? 
_refine_ls_shell.number_reflns_R_free             103 
_refine_ls_shell.number_reflns_R_work             1846 
_refine_ls_shell.percent_reflns_obs               98.68 
_refine_ls_shell.percent_reflns_R_free            ? 
_refine_ls_shell.R_factor_all                     ? 
_refine_ls_shell.R_factor_obs                     ? 
_refine_ls_shell.R_factor_R_free                  0.346 
_refine_ls_shell.R_factor_R_free_error            ? 
_refine_ls_shell.R_factor_R_work                  0.294 
_refine_ls_shell.redundancy_reflns_all            ? 
_refine_ls_shell.redundancy_reflns_obs            ? 
_refine_ls_shell.wR_factor_all                    ? 
_refine_ls_shell.wR_factor_obs                    ? 
_refine_ls_shell.wR_factor_R_free                 ? 
_refine_ls_shell.wR_factor_R_work                 ? 
_refine_ls_shell.pdbx_total_number_of_bins_used   20 
_refine_ls_shell.pdbx_phase_error                 ? 
_refine_ls_shell.pdbx_fsc_work                    ? 
_refine_ls_shell.pdbx_fsc_free                    ? 
# 
_struct.entry_id                     5T37 
_struct.title                        'crystal structure of mPGES-1 bound to inhibitor' 
_struct.pdbx_model_details           ? 
_struct.pdbx_formula_weight          ? 
_struct.pdbx_formula_weight_method   ? 
_struct.pdbx_model_type_details      ? 
_struct.pdbx_CASP_flag               N 
# 
_struct_keywords.entry_id        5T37 
_struct_keywords.text            
'prostaglandin, enzyme, integral membrane protein, alpha helix, mPGES1 - ligand 0, MEMBRANE PROTEIN' 
_struct_keywords.pdbx_keywords   'MEMBRANE PROTEIN' 
# 
loop_
_struct_asym.id 
_struct_asym.pdbx_blank_PDB_chainid_flag 
_struct_asym.pdbx_modified 
_struct_asym.entity_id 
_struct_asym.details 
A N N 1 ? 
B N N 2 ? 
C N N 3 ? 
D N N 4 ? 
E N N 4 ? 
F N N 5 ? 
G N N 5 ? 
H N N 5 ? 
I N N 6 ? 
# 
_struct_ref.id                         1 
_struct_ref.db_name                    UNP 
_struct_ref.db_code                    PTGES_HUMAN 
_struct_ref.pdbx_db_accession          O14684 
_struct_ref.pdbx_db_isoform            ? 
_struct_ref.entity_id                  1 
_struct_ref.pdbx_seq_one_letter_code   
;PAHSLVMSSPALPAFLLCSTLLVIKMYVVAIITGQVRLRKKAFANPEDALRHGGPQYCRSDPDVERCLRAHRNDMETIYP
FLFLGFVYSFLGPNPFVAWMHFLVFLVGRVAHTVAYLGKLRAPIRSVTYTLAQLPCASMALQILWEAARHL
;
_struct_ref.pdbx_align_begin           2 
# 
_struct_ref_seq.align_id                      1 
_struct_ref_seq.ref_id                        1 
_struct_ref_seq.pdbx_PDB_id_code              5T37 
_struct_ref_seq.pdbx_strand_id                A 
_struct_ref_seq.seq_align_beg                 4 
_struct_ref_seq.pdbx_seq_align_beg_ins_code   ? 
_struct_ref_seq.seq_align_end                 154 
_struct_ref_seq.pdbx_seq_align_end_ins_code   ? 
_struct_ref_seq.pdbx_db_accession             O14684 
_struct_ref_seq.db_align_beg                  2 
_struct_ref_seq.pdbx_db_align_beg_ins_code    ? 
_struct_ref_seq.db_align_end                  152 
_struct_ref_seq.pdbx_db_align_end_ins_code    ? 
_struct_ref_seq.pdbx_auth_seq_align_beg       2 
_struct_ref_seq.pdbx_auth_seq_align_end       152 
# 
loop_
_struct_ref_seq_dif.align_id 
_struct_ref_seq_dif.pdbx_pdb_id_code 
_struct_ref_seq_dif.mon_id 
_struct_ref_seq_dif.pdbx_pdb_strand_id 
_struct_ref_seq_dif.seq_num 
_struct_ref_seq_dif.pdbx_pdb_ins_code 
_struct_ref_seq_dif.pdbx_seq_db_name 
_struct_ref_seq_dif.pdbx_seq_db_accession_code 
_struct_ref_seq_dif.db_mon_id 
_struct_ref_seq_dif.pdbx_seq_db_seq_num 
_struct_ref_seq_dif.details 
_struct_ref_seq_dif.pdbx_auth_seq_num 
_struct_ref_seq_dif.pdbx_ordinal 
1 5T37 MET A 1 ? UNP O14684 ? ? 'initiating methionine' -1 1 
1 5T37 ALA A 2 ? UNP O14684 ? ? 'expression tag'        0  2 
1 5T37 LEU A 3 ? UNP O14684 ? ? 'expression tag'        1  3 
# 
_pdbx_struct_assembly.id                   1 
_pdbx_struct_assembly.details              author_and_software_defined_assembly 
_pdbx_struct_assembly.method_details       PISA 
_pdbx_struct_assembly.oligomeric_details   trimeric 
_pdbx_struct_assembly.oligomeric_count     3 
# 
loop_
_pdbx_struct_assembly_prop.biol_id 
_pdbx_struct_assembly_prop.type 
_pdbx_struct_assembly_prop.value 
_pdbx_struct_assembly_prop.details 
1 'ABSA (A^2)' 15720 ? 
1 MORE         -32   ? 
1 'SSA (A^2)'  18670 ? 
# 
_pdbx_struct_assembly_gen.assembly_id       1 
_pdbx_struct_assembly_gen.oper_expression   1,2,3 
_pdbx_struct_assembly_gen.asym_id_list      A,B,C,D,E,F,G,H,I 
# 
loop_
_pdbx_struct_oper_list.id 
_pdbx_struct_oper_list.type 
_pdbx_struct_oper_list.name 
_pdbx_struct_oper_list.symmetry_operation 
_pdbx_struct_oper_list.matrix[1][1] 
_pdbx_struct_oper_list.matrix[1][2] 
_pdbx_struct_oper_list.matrix[1][3] 
_pdbx_struct_oper_list.vector[1] 
_pdbx_struct_oper_list.matrix[2][1] 
_pdbx_struct_oper_list.matrix[2][2] 
_pdbx_struct_oper_list.matrix[2][3] 
_pdbx_struct_oper_list.vector[2] 
_pdbx_struct_oper_list.matrix[3][1] 
_pdbx_struct_oper_list.matrix[3][2] 
_pdbx_struct_oper_list.matrix[3][3] 
_pdbx_struct_oper_list.vector[3] 
1 'identity operation'         1_555 x,y,z     1.0000000000 0.0000000000  0.0000000000  0.0000000000   0.0000000000  1.0000000000 0.0000000000  0.0000000000   0.0000000000  0.0000000000  1.0000000000  0.0000000000  
2 'crystal symmetry operation' 2_555 -y,x-y,z  0.0351931626 -0.0358707751 -0.9987365663 -9.5504334515  -0.9993787297 0.0006330481 -0.0352385276 -13.9807142926 0.0018962816  0.9993562362  -0.0358262107 4.2643483086  
3 'crystal symmetry operation' 3_555 -x+y,-x,z 0.0351931626 -0.9993787297 0.0018962816  -13.6440049381 -0.0358707751 0.0006330481 0.9993562362  -4.5953340611  -0.9987365663 -0.0352385276 -0.0358262107 -9.8782514574 
# 
loop_
_struct_conf.conf_type_id 
_struct_conf.id 
_struct_conf.pdbx_PDB_helix_id 
_struct_conf.beg_label_comp_id 
_struct_conf.beg_label_asym_id 
_struct_conf.beg_label_seq_id 
_struct_conf.pdbx_beg_PDB_ins_code 
_struct_conf.end_label_comp_id 
_struct_conf.end_label_asym_id 
_struct_conf.end_label_seq_id 
_struct_conf.pdbx_end_PDB_ins_code 
_struct_conf.beg_auth_comp_id 
_struct_conf.beg_auth_asym_id 
_struct_conf.beg_auth_seq_id 
_struct_conf.end_auth_comp_id 
_struct_conf.end_auth_asym_id 
_struct_conf.end_auth_seq_id 
_struct_conf.pdbx_PDB_helix_class 
_struct_conf.details 
_struct_conf.pdbx_PDB_helix_length 
HELX_P HELX_P1 AA1 SER A 7   ? SER A 12  ? SER A 5   SER A 10  5 ? 6  
HELX_P HELX_P2 AA2 ALA A 14  ? LYS A 44  ? ALA A 12  LYS A 42  1 ? 31 
HELX_P HELX_P3 AA3 ASN A 48  ? HIS A 55  ? ASN A 46  HIS A 53  1 ? 8  
HELX_P HELX_P4 AA4 GLY A 57  ? CYS A 61  ? GLY A 55  CYS A 59  5 ? 5  
HELX_P HELX_P5 AA5 ASP A 64  ? PHE A 93  ? ASP A 62  PHE A 91  1 ? 30 
HELX_P HELX_P6 AA6 ASN A 97  ? GLY A 121 ? ASN A 95  GLY A 119 1 ? 25 
HELX_P HELX_P7 AA7 PRO A 126 ? HIS A 153 ? PRO A 124 HIS A 151 1 ? 28 
# 
_struct_conf_type.id          HELX_P 
_struct_conf_type.criteria    ? 
_struct_conf_type.reference   ? 
# 
_struct_mon_prot_cis.pdbx_id                1 
_struct_mon_prot_cis.label_comp_id          ALA 
_struct_mon_prot_cis.label_seq_id           125 
_struct_mon_prot_cis.label_asym_id          A 
_struct_mon_prot_cis.label_alt_id           . 
_struct_mon_prot_cis.pdbx_PDB_ins_code      ? 
_struct_mon_prot_cis.auth_comp_id           ALA 
_struct_mon_prot_cis.auth_seq_id            123 
_struct_mon_prot_cis.auth_asym_id           A 
_struct_mon_prot_cis.pdbx_label_comp_id_2   PRO 
_struct_mon_prot_cis.pdbx_label_seq_id_2    126 
_struct_mon_prot_cis.pdbx_label_asym_id_2   A 
_struct_mon_prot_cis.pdbx_PDB_ins_code_2    ? 
_struct_mon_prot_cis.pdbx_auth_comp_id_2    PRO 
_struct_mon_prot_cis.pdbx_auth_seq_id_2     124 
_struct_mon_prot_cis.pdbx_auth_asym_id_2    A 
_struct_mon_prot_cis.pdbx_PDB_model_num     1 
_struct_mon_prot_cis.pdbx_omega_angle       0.56 
# 
loop_
_pdbx_struct_special_symmetry.id 
_pdbx_struct_special_symmetry.PDB_model_num 
_pdbx_struct_special_symmetry.auth_asym_id 
_pdbx_struct_special_symmetry.auth_comp_id 
_pdbx_struct_special_symmetry.auth_seq_id 
_pdbx_struct_special_symmetry.PDB_ins_code 
_pdbx_struct_special_symmetry.label_asym_id 
_pdbx_struct_special_symmetry.label_comp_id 
_pdbx_struct_special_symmetry.label_seq_id 
1 1 A HOH 375 ? I HOH . 
2 1 A HOH 399 ? I HOH . 
# 
_pdbx_distant_solvent_atoms.id                                1 
_pdbx_distant_solvent_atoms.PDB_model_num                     1 
_pdbx_distant_solvent_atoms.auth_atom_id                      O 
_pdbx_distant_solvent_atoms.label_alt_id                      ? 
_pdbx_distant_solvent_atoms.auth_asym_id                      A 
_pdbx_distant_solvent_atoms.auth_comp_id                      HOH 
_pdbx_distant_solvent_atoms.auth_seq_id                       400 
_pdbx_distant_solvent_atoms.PDB_ins_code                      ? 
_pdbx_distant_solvent_atoms.neighbor_macromolecule_distance   6.14 
_pdbx_distant_solvent_atoms.neighbor_ligand_distance          . 
# 
loop_
_pdbx_unobs_or_zero_occ_residues.id 
_pdbx_unobs_or_zero_occ_residues.PDB_model_num 
_pdbx_unobs_or_zero_occ_residues.polymer_flag 
_pdbx_unobs_or_zero_occ_residues.occupancy_flag 
_pdbx_unobs_or_zero_occ_residues.auth_asym_id 
_pdbx_unobs_or_zero_occ_residues.auth_comp_id 
_pdbx_unobs_or_zero_occ_residues.auth_seq_id 
_pdbx_unobs_or_zero_occ_residues.PDB_ins_code 
_pdbx_unobs_or_zero_occ_residues.label_asym_id 
_pdbx_unobs_or_zero_occ_residues.label_comp_id 
_pdbx_unobs_or_zero_occ_residues.label_seq_id 
1 1 Y 1 A MET -1 ? A MET 1 
2 1 Y 1 A ALA 0  ? A ALA 2 
3 1 Y 1 A LEU 1  ? A LEU 3 
4 1 Y 1 A PRO 2  ? A PRO 4 
5 1 Y 1 A ALA 3  ? A ALA 5 
6 1 Y 1 A HIS 4  ? A HIS 6 
# 
loop_
_chem_comp_atom.comp_id 
_chem_comp_atom.atom_id 
_chem_comp_atom.type_symbol 
_chem_comp_atom.pdbx_aromatic_flag 
_chem_comp_atom.pdbx_stereo_config 
_chem_comp_atom.pdbx_ordinal 
758 C7     C  Y N 1   
758 C6     C  Y N 2   
758 C1     C  Y N 3   
758 C5     C  Y N 4   
758 C4     C  Y N 5   
758 C3     C  Y N 6   
758 C2     C  Y N 7   
758 C8     C  Y N 8   
758 C9     C  Y N 9   
758 C10    C  N N 10  
758 C11    C  N N 11  
758 C12    C  N N 12  
758 C13    C  N N 13  
758 C14    C  N N 14  
758 C15    C  N N 15  
758 C16    C  N N 16  
758 N17    N  Y N 17  
758 N18    N  Y N 18  
758 N19    N  N N 19  
758 N20    N  N N 20  
758 O21    O  N N 21  
758 O22    O  N N 22  
758 CL23   CL N N 23  
758 H1     H  N N 24  
758 H2     H  N N 25  
758 H3     H  N N 26  
758 H4     H  N N 27  
758 H5     H  N N 28  
758 H6     H  N N 29  
758 H7     H  N N 30  
758 H8     H  N N 31  
758 H9     H  N N 32  
758 H10    H  N N 33  
758 H11    H  N N 34  
758 H12    H  N N 35  
758 H13    H  N N 36  
758 H14    H  N N 37  
758 H15    H  N N 38  
758 H16    H  N N 39  
758 H17    H  N N 40  
758 H19    H  N N 41  
758 H20    H  N N 42  
ALA N      N  N N 43  
ALA CA     C  N S 44  
ALA C      C  N N 45  
ALA O      O  N N 46  
ALA CB     C  N N 47  
ALA OXT    O  N N 48  
ALA H      H  N N 49  
ALA H2     H  N N 50  
ALA HA     H  N N 51  
ALA HB1    H  N N 52  
ALA HB2    H  N N 53  
ALA HB3    H  N N 54  
ALA HXT    H  N N 55  
ARG N      N  N N 56  
ARG CA     C  N S 57  
ARG C      C  N N 58  
ARG O      O  N N 59  
ARG CB     C  N N 60  
ARG CG     C  N N 61  
ARG CD     C  N N 62  
ARG NE     N  N N 63  
ARG CZ     C  N N 64  
ARG NH1    N  N N 65  
ARG NH2    N  N N 66  
ARG OXT    O  N N 67  
ARG H      H  N N 68  
ARG H2     H  N N 69  
ARG HA     H  N N 70  
ARG HB2    H  N N 71  
ARG HB3    H  N N 72  
ARG HG2    H  N N 73  
ARG HG3    H  N N 74  
ARG HD2    H  N N 75  
ARG HD3    H  N N 76  
ARG HE     H  N N 77  
ARG HH11   H  N N 78  
ARG HH12   H  N N 79  
ARG HH21   H  N N 80  
ARG HH22   H  N N 81  
ARG HXT    H  N N 82  
ASN N      N  N N 83  
ASN CA     C  N S 84  
ASN C      C  N N 85  
ASN O      O  N N 86  
ASN CB     C  N N 87  
ASN CG     C  N N 88  
ASN OD1    O  N N 89  
ASN ND2    N  N N 90  
ASN OXT    O  N N 91  
ASN H      H  N N 92  
ASN H2     H  N N 93  
ASN HA     H  N N 94  
ASN HB2    H  N N 95  
ASN HB3    H  N N 96  
ASN HD21   H  N N 97  
ASN HD22   H  N N 98  
ASN HXT    H  N N 99  
ASP N      N  N N 100 
ASP CA     C  N S 101 
ASP C      C  N N 102 
ASP O      O  N N 103 
ASP CB     C  N N 104 
ASP CG     C  N N 105 
ASP OD1    O  N N 106 
ASP OD2    O  N N 107 
ASP OXT    O  N N 108 
ASP H      H  N N 109 
ASP H2     H  N N 110 
ASP HA     H  N N 111 
ASP HB2    H  N N 112 
ASP HB3    H  N N 113 
ASP HD2    H  N N 114 
ASP HXT    H  N N 115 
BOG C1     C  N R 116 
BOG O1     O  N N 117 
BOG C2     C  N R 118 
BOG O2     O  N N 119 
BOG C3     C  N S 120 
BOG O3     O  N N 121 
BOG C4     C  N S 122 
BOG O4     O  N N 123 
BOG C5     C  N R 124 
BOG O5     O  N N 125 
BOG C6     C  N N 126 
BOG O6     O  N N 127 
BOG "C1'"  C  N N 128 
BOG "C2'"  C  N N 129 
BOG "C3'"  C  N N 130 
BOG "C4'"  C  N N 131 
BOG "C5'"  C  N N 132 
BOG "C6'"  C  N N 133 
BOG "C7'"  C  N N 134 
BOG "C8'"  C  N N 135 
BOG H1     H  N N 136 
BOG H2     H  N N 137 
BOG HO2    H  N N 138 
BOG H3     H  N N 139 
BOG HO3    H  N N 140 
BOG H4     H  N N 141 
BOG HO4    H  N N 142 
BOG H5     H  N N 143 
BOG H61    H  N N 144 
BOG H62    H  N N 145 
BOG HO6    H  N N 146 
BOG "H1'1" H  N N 147 
BOG "H1'2" H  N N 148 
BOG "H2'1" H  N N 149 
BOG "H2'2" H  N N 150 
BOG "H3'1" H  N N 151 
BOG "H3'2" H  N N 152 
BOG "H4'1" H  N N 153 
BOG "H4'2" H  N N 154 
BOG "H5'1" H  N N 155 
BOG "H5'2" H  N N 156 
BOG "H6'1" H  N N 157 
BOG "H6'2" H  N N 158 
BOG "H7'1" H  N N 159 
BOG "H7'2" H  N N 160 
BOG "H8'1" H  N N 161 
BOG "H8'2" H  N N 162 
BOG "H8'3" H  N N 163 
CYS N      N  N N 164 
CYS CA     C  N R 165 
CYS C      C  N N 166 
CYS O      O  N N 167 
CYS CB     C  N N 168 
CYS SG     S  N N 169 
CYS OXT    O  N N 170 
CYS H      H  N N 171 
CYS H2     H  N N 172 
CYS HA     H  N N 173 
CYS HB2    H  N N 174 
CYS HB3    H  N N 175 
CYS HG     H  N N 176 
CYS HXT    H  N N 177 
GLN N      N  N N 178 
GLN CA     C  N S 179 
GLN C      C  N N 180 
GLN O      O  N N 181 
GLN CB     C  N N 182 
GLN CG     C  N N 183 
GLN CD     C  N N 184 
GLN OE1    O  N N 185 
GLN NE2    N  N N 186 
GLN OXT    O  N N 187 
GLN H      H  N N 188 
GLN H2     H  N N 189 
GLN HA     H  N N 190 
GLN HB2    H  N N 191 
GLN HB3    H  N N 192 
GLN HG2    H  N N 193 
GLN HG3    H  N N 194 
GLN HE21   H  N N 195 
GLN HE22   H  N N 196 
GLN HXT    H  N N 197 
GLU N      N  N N 198 
GLU CA     C  N S 199 
GLU C      C  N N 200 
GLU O      O  N N 201 
GLU CB     C  N N 202 
GLU CG     C  N N 203 
GLU CD     C  N N 204 
GLU OE1    O  N N 205 
GLU OE2    O  N N 206 
GLU OXT    O  N N 207 
GLU H      H  N N 208 
GLU H2     H  N N 209 
GLU HA     H  N N 210 
GLU HB2    H  N N 211 
GLU HB3    H  N N 212 
GLU HG2    H  N N 213 
GLU HG3    H  N N 214 
GLU HE2    H  N N 215 
GLU HXT    H  N N 216 
GLY N      N  N N 217 
GLY CA     C  N N 218 
GLY C      C  N N 219 
GLY O      O  N N 220 
GLY OXT    O  N N 221 
GLY H      H  N N 222 
GLY H2     H  N N 223 
GLY HA2    H  N N 224 
GLY HA3    H  N N 225 
GLY HXT    H  N N 226 
GSH N1     N  N N 227 
GSH CA1    C  N S 228 
GSH C1     C  N N 229 
GSH O11    O  N N 230 
GSH O12    O  N N 231 
GSH CB1    C  N N 232 
GSH CG1    C  N N 233 
GSH CD1    C  N N 234 
GSH OE1    O  N N 235 
GSH N2     N  N N 236 
GSH CA2    C  N R 237 
GSH C2     C  N N 238 
GSH O2     O  N N 239 
GSH CB2    C  N N 240 
GSH SG2    S  N N 241 
GSH N3     N  N N 242 
GSH CA3    C  N N 243 
GSH C3     C  N N 244 
GSH O31    O  N N 245 
GSH O32    O  N N 246 
GSH HN11   H  N N 247 
GSH HN12   H  N N 248 
GSH HA1    H  N N 249 
GSH H12    H  N N 250 
GSH HB12   H  N N 251 
GSH HB13   H  N N 252 
GSH HG12   H  N N 253 
GSH HG13   H  N N 254 
GSH HN2    H  N N 255 
GSH HA2    H  N N 256 
GSH HB22   H  N N 257 
GSH HB23   H  N N 258 
GSH HSG    H  N N 259 
GSH HN3    H  N N 260 
GSH HA31   H  N N 261 
GSH HA32   H  N N 262 
GSH H32    H  N N 263 
HIS N      N  N N 264 
HIS CA     C  N S 265 
HIS C      C  N N 266 
HIS O      O  N N 267 
HIS CB     C  N N 268 
HIS CG     C  Y N 269 
HIS ND1    N  Y N 270 
HIS CD2    C  Y N 271 
HIS CE1    C  Y N 272 
HIS NE2    N  Y N 273 
HIS OXT    O  N N 274 
HIS H      H  N N 275 
HIS H2     H  N N 276 
HIS HA     H  N N 277 
HIS HB2    H  N N 278 
HIS HB3    H  N N 279 
HIS HD1    H  N N 280 
HIS HD2    H  N N 281 
HIS HE1    H  N N 282 
HIS HE2    H  N N 283 
HIS HXT    H  N N 284 
HOH O      O  N N 285 
HOH H1     H  N N 286 
HOH H2     H  N N 287 
ILE N      N  N N 288 
ILE CA     C  N S 289 
ILE C      C  N N 290 
ILE O      O  N N 291 
ILE CB     C  N S 292 
ILE CG1    C  N N 293 
ILE CG2    C  N N 294 
ILE CD1    C  N N 295 
ILE OXT    O  N N 296 
ILE H      H  N N 297 
ILE H2     H  N N 298 
ILE HA     H  N N 299 
ILE HB     H  N N 300 
ILE HG12   H  N N 301 
ILE HG13   H  N N 302 
ILE HG21   H  N N 303 
ILE HG22   H  N N 304 
ILE HG23   H  N N 305 
ILE HD11   H  N N 306 
ILE HD12   H  N N 307 
ILE HD13   H  N N 308 
ILE HXT    H  N N 309 
LEU N      N  N N 310 
LEU CA     C  N S 311 
LEU C      C  N N 312 
LEU O      O  N N 313 
LEU CB     C  N N 314 
LEU CG     C  N N 315 
LEU CD1    C  N N 316 
LEU CD2    C  N N 317 
LEU OXT    O  N N 318 
LEU H      H  N N 319 
LEU H2     H  N N 320 
LEU HA     H  N N 321 
LEU HB2    H  N N 322 
LEU HB3    H  N N 323 
LEU HG     H  N N 324 
LEU HD11   H  N N 325 
LEU HD12   H  N N 326 
LEU HD13   H  N N 327 
LEU HD21   H  N N 328 
LEU HD22   H  N N 329 
LEU HD23   H  N N 330 
LEU HXT    H  N N 331 
LYS N      N  N N 332 
LYS CA     C  N S 333 
LYS C      C  N N 334 
LYS O      O  N N 335 
LYS CB     C  N N 336 
LYS CG     C  N N 337 
LYS CD     C  N N 338 
LYS CE     C  N N 339 
LYS NZ     N  N N 340 
LYS OXT    O  N N 341 
LYS H      H  N N 342 
LYS H2     H  N N 343 
LYS HA     H  N N 344 
LYS HB2    H  N N 345 
LYS HB3    H  N N 346 
LYS HG2    H  N N 347 
LYS HG3    H  N N 348 
LYS HD2    H  N N 349 
LYS HD3    H  N N 350 
LYS HE2    H  N N 351 
LYS HE3    H  N N 352 
LYS HZ1    H  N N 353 
LYS HZ2    H  N N 354 
LYS HZ3    H  N N 355 
LYS HXT    H  N N 356 
MET N      N  N N 357 
MET CA     C  N S 358 
MET C      C  N N 359 
MET O      O  N N 360 
MET CB     C  N N 361 
MET CG     C  N N 362 
MET SD     S  N N 363 
MET CE     C  N N 364 
MET OXT    O  N N 365 
MET H      H  N N 366 
MET H2     H  N N 367 
MET HA     H  N N 368 
MET HB2    H  N N 369 
MET HB3    H  N N 370 
MET HG2    H  N N 371 
MET HG3    H  N N 372 
MET HE1    H  N N 373 
MET HE2    H  N N 374 
MET HE3    H  N N 375 
MET HXT    H  N N 376 
PG4 O1     O  N N 377 
PG4 C1     C  N N 378 
PG4 C2     C  N N 379 
PG4 O2     O  N N 380 
PG4 C3     C  N N 381 
PG4 C4     C  N N 382 
PG4 O3     O  N N 383 
PG4 C5     C  N N 384 
PG4 C6     C  N N 385 
PG4 O4     O  N N 386 
PG4 C7     C  N N 387 
PG4 C8     C  N N 388 
PG4 O5     O  N N 389 
PG4 HO1    H  N N 390 
PG4 H11    H  N N 391 
PG4 H12    H  N N 392 
PG4 H21    H  N N 393 
PG4 H22    H  N N 394 
PG4 H31    H  N N 395 
PG4 H32    H  N N 396 
PG4 H41    H  N N 397 
PG4 H42    H  N N 398 
PG4 H51    H  N N 399 
PG4 H52    H  N N 400 
PG4 H61    H  N N 401 
PG4 H62    H  N N 402 
PG4 H71    H  N N 403 
PG4 H72    H  N N 404 
PG4 H81    H  N N 405 
PG4 H82    H  N N 406 
PG4 HO5    H  N N 407 
PHE N      N  N N 408 
PHE CA     C  N S 409 
PHE C      C  N N 410 
PHE O      O  N N 411 
PHE CB     C  N N 412 
PHE CG     C  Y N 413 
PHE CD1    C  Y N 414 
PHE CD2    C  Y N 415 
PHE CE1    C  Y N 416 
PHE CE2    C  Y N 417 
PHE CZ     C  Y N 418 
PHE OXT    O  N N 419 
PHE H      H  N N 420 
PHE H2     H  N N 421 
PHE HA     H  N N 422 
PHE HB2    H  N N 423 
PHE HB3    H  N N 424 
PHE HD1    H  N N 425 
PHE HD2    H  N N 426 
PHE HE1    H  N N 427 
PHE HE2    H  N N 428 
PHE HZ     H  N N 429 
PHE HXT    H  N N 430 
PRO N      N  N N 431 
PRO CA     C  N S 432 
PRO C      C  N N 433 
PRO O      O  N N 434 
PRO CB     C  N N 435 
PRO CG     C  N N 436 
PRO CD     C  N N 437 
PRO OXT    O  N N 438 
PRO H      H  N N 439 
PRO HA     H  N N 440 
PRO HB2    H  N N 441 
PRO HB3    H  N N 442 
PRO HG2    H  N N 443 
PRO HG3    H  N N 444 
PRO HD2    H  N N 445 
PRO HD3    H  N N 446 
PRO HXT    H  N N 447 
SER N      N  N N 448 
SER CA     C  N S 449 
SER C      C  N N 450 
SER O      O  N N 451 
SER CB     C  N N 452 
SER OG     O  N N 453 
SER OXT    O  N N 454 
SER H      H  N N 455 
SER H2     H  N N 456 
SER HA     H  N N 457 
SER HB2    H  N N 458 
SER HB3    H  N N 459 
SER HG     H  N N 460 
SER HXT    H  N N 461 
THR N      N  N N 462 
THR CA     C  N S 463 
THR C      C  N N 464 
THR O      O  N N 465 
THR CB     C  N R 466 
THR OG1    O  N N 467 
THR CG2    C  N N 468 
THR OXT    O  N N 469 
THR H      H  N N 470 
THR H2     H  N N 471 
THR HA     H  N N 472 
THR HB     H  N N 473 
THR HG1    H  N N 474 
THR HG21   H  N N 475 
THR HG22   H  N N 476 
THR HG23   H  N N 477 
THR HXT    H  N N 478 
TRP N      N  N N 479 
TRP CA     C  N S 480 
TRP C      C  N N 481 
TRP O      O  N N 482 
TRP CB     C  N N 483 
TRP CG     C  Y N 484 
TRP CD1    C  Y N 485 
TRP CD2    C  Y N 486 
TRP NE1    N  Y N 487 
TRP CE2    C  Y N 488 
TRP CE3    C  Y N 489 
TRP CZ2    C  Y N 490 
TRP CZ3    C  Y N 491 
TRP CH2    C  Y N 492 
TRP OXT    O  N N 493 
TRP H      H  N N 494 
TRP H2     H  N N 495 
TRP HA     H  N N 496 
TRP HB2    H  N N 497 
TRP HB3    H  N N 498 
TRP HD1    H  N N 499 
TRP HE1    H  N N 500 
TRP HE3    H  N N 501 
TRP HZ2    H  N N 502 
TRP HZ3    H  N N 503 
TRP HH2    H  N N 504 
TRP HXT    H  N N 505 
TYR N      N  N N 506 
TYR CA     C  N S 507 
TYR C      C  N N 508 
TYR O      O  N N 509 
TYR CB     C  N N 510 
TYR CG     C  Y N 511 
TYR CD1    C  Y N 512 
TYR CD2    C  Y N 513 
TYR CE1    C  Y N 514 
TYR CE2    C  Y N 515 
TYR CZ     C  Y N 516 
TYR OH     O  N N 517 
TYR OXT    O  N N 518 
TYR H      H  N N 519 
TYR H2     H  N N 520 
TYR HA     H  N N 521 
TYR HB2    H  N N 522 
TYR HB3    H  N N 523 
TYR HD1    H  N N 524 
TYR HD2    H  N N 525 
TYR HE1    H  N N 526 
TYR HE2    H  N N 527 
TYR HH     H  N N 528 
TYR HXT    H  N N 529 
VAL N      N  N N 530 
VAL CA     C  N S 531 
VAL C      C  N N 532 
VAL O      O  N N 533 
VAL CB     C  N N 534 
VAL CG1    C  N N 535 
VAL CG2    C  N N 536 
VAL OXT    O  N N 537 
VAL H      H  N N 538 
VAL H2     H  N N 539 
VAL HA     H  N N 540 
VAL HB     H  N N 541 
VAL HG11   H  N N 542 
VAL HG12   H  N N 543 
VAL HG13   H  N N 544 
VAL HG21   H  N N 545 
VAL HG22   H  N N 546 
VAL HG23   H  N N 547 
VAL HXT    H  N N 548 
# 
loop_
_chem_comp_bond.comp_id 
_chem_comp_bond.atom_id_1 
_chem_comp_bond.atom_id_2 
_chem_comp_bond.value_order 
_chem_comp_bond.pdbx_aromatic_flag 
_chem_comp_bond.pdbx_stereo_config 
_chem_comp_bond.pdbx_ordinal 
758 C14   C16    sing N N 1   
758 C12   C16    sing N N 2   
758 C13   C16    sing N N 3   
758 C16   C11    sing N N 4   
758 C4    N17    sing Y N 5   
758 C4    C5     doub Y N 6   
758 N17   C9     sing Y N 7   
758 C11   O22    doub N N 8   
758 C11   N20    sing N N 9   
758 C5    N18    sing Y N 10  
758 C9    N19    sing N N 11  
758 C9    N18    doub Y N 12  
758 N20   C15    sing N N 13  
758 N19   C10    sing N N 14  
758 C15   C7     sing N N 15  
758 C3    C7     doub Y N 16  
758 C3    C6     sing Y N 17  
758 C10   C6     sing N N 18  
758 C10   O21    doub N N 19  
758 C7    C1     sing Y N 20  
758 C6    C8     doub Y N 21  
758 C1    C2     doub Y N 22  
758 C8    C2     sing Y N 23  
758 C8    CL23   sing N N 24  
758 C1    H1     sing N N 25  
758 C5    H2     sing N N 26  
758 C4    H3     sing N N 27  
758 C3    H4     sing N N 28  
758 C2    H5     sing N N 29  
758 C12   H6     sing N N 30  
758 C12   H7     sing N N 31  
758 C12   H8     sing N N 32  
758 C13   H9     sing N N 33  
758 C13   H10    sing N N 34  
758 C13   H11    sing N N 35  
758 C14   H12    sing N N 36  
758 C14   H13    sing N N 37  
758 C14   H14    sing N N 38  
758 C15   H15    sing N N 39  
758 C15   H16    sing N N 40  
758 N17   H17    sing N N 41  
758 N19   H19    sing N N 42  
758 N20   H20    sing N N 43  
ALA N     CA     sing N N 44  
ALA N     H      sing N N 45  
ALA N     H2     sing N N 46  
ALA CA    C      sing N N 47  
ALA CA    CB     sing N N 48  
ALA CA    HA     sing N N 49  
ALA C     O      doub N N 50  
ALA C     OXT    sing N N 51  
ALA CB    HB1    sing N N 52  
ALA CB    HB2    sing N N 53  
ALA CB    HB3    sing N N 54  
ALA OXT   HXT    sing N N 55  
ARG N     CA     sing N N 56  
ARG N     H      sing N N 57  
ARG N     H2     sing N N 58  
ARG CA    C      sing N N 59  
ARG CA    CB     sing N N 60  
ARG CA    HA     sing N N 61  
ARG C     O      doub N N 62  
ARG C     OXT    sing N N 63  
ARG CB    CG     sing N N 64  
ARG CB    HB2    sing N N 65  
ARG CB    HB3    sing N N 66  
ARG CG    CD     sing N N 67  
ARG CG    HG2    sing N N 68  
ARG CG    HG3    sing N N 69  
ARG CD    NE     sing N N 70  
ARG CD    HD2    sing N N 71  
ARG CD    HD3    sing N N 72  
ARG NE    CZ     sing N N 73  
ARG NE    HE     sing N N 74  
ARG CZ    NH1    sing N N 75  
ARG CZ    NH2    doub N N 76  
ARG NH1   HH11   sing N N 77  
ARG NH1   HH12   sing N N 78  
ARG NH2   HH21   sing N N 79  
ARG NH2   HH22   sing N N 80  
ARG OXT   HXT    sing N N 81  
ASN N     CA     sing N N 82  
ASN N     H      sing N N 83  
ASN N     H2     sing N N 84  
ASN CA    C      sing N N 85  
ASN CA    CB     sing N N 86  
ASN CA    HA     sing N N 87  
ASN C     O      doub N N 88  
ASN C     OXT    sing N N 89  
ASN CB    CG     sing N N 90  
ASN CB    HB2    sing N N 91  
ASN CB    HB3    sing N N 92  
ASN CG    OD1    doub N N 93  
ASN CG    ND2    sing N N 94  
ASN ND2   HD21   sing N N 95  
ASN ND2   HD22   sing N N 96  
ASN OXT   HXT    sing N N 97  
ASP N     CA     sing N N 98  
ASP N     H      sing N N 99  
ASP N     H2     sing N N 100 
ASP CA    C      sing N N 101 
ASP CA    CB     sing N N 102 
ASP CA    HA     sing N N 103 
ASP C     O      doub N N 104 
ASP C     OXT    sing N N 105 
ASP CB    CG     sing N N 106 
ASP CB    HB2    sing N N 107 
ASP CB    HB3    sing N N 108 
ASP CG    OD1    doub N N 109 
ASP CG    OD2    sing N N 110 
ASP OD2   HD2    sing N N 111 
ASP OXT   HXT    sing N N 112 
BOG C1    O1     sing N N 113 
BOG C1    C2     sing N N 114 
BOG C1    O5     sing N N 115 
BOG C1    H1     sing N N 116 
BOG O1    "C1'"  sing N N 117 
BOG C2    O2     sing N N 118 
BOG C2    C3     sing N N 119 
BOG C2    H2     sing N N 120 
BOG O2    HO2    sing N N 121 
BOG C3    O3     sing N N 122 
BOG C3    C4     sing N N 123 
BOG C3    H3     sing N N 124 
BOG O3    HO3    sing N N 125 
BOG C4    O4     sing N N 126 
BOG C4    C5     sing N N 127 
BOG C4    H4     sing N N 128 
BOG O4    HO4    sing N N 129 
BOG C5    O5     sing N N 130 
BOG C5    C6     sing N N 131 
BOG C5    H5     sing N N 132 
BOG C6    O6     sing N N 133 
BOG C6    H61    sing N N 134 
BOG C6    H62    sing N N 135 
BOG O6    HO6    sing N N 136 
BOG "C1'" "C2'"  sing N N 137 
BOG "C1'" "H1'1" sing N N 138 
BOG "C1'" "H1'2" sing N N 139 
BOG "C2'" "C3'"  sing N N 140 
BOG "C2'" "H2'1" sing N N 141 
BOG "C2'" "H2'2" sing N N 142 
BOG "C3'" "C4'"  sing N N 143 
BOG "C3'" "H3'1" sing N N 144 
BOG "C3'" "H3'2" sing N N 145 
BOG "C4'" "C5'"  sing N N 146 
BOG "C4'" "H4'1" sing N N 147 
BOG "C4'" "H4'2" sing N N 148 
BOG "C5'" "C6'"  sing N N 149 
BOG "C5'" "H5'1" sing N N 150 
BOG "C5'" "H5'2" sing N N 151 
BOG "C6'" "C7'"  sing N N 152 
BOG "C6'" "H6'1" sing N N 153 
BOG "C6'" "H6'2" sing N N 154 
BOG "C7'" "C8'"  sing N N 155 
BOG "C7'" "H7'1" sing N N 156 
BOG "C7'" "H7'2" sing N N 157 
BOG "C8'" "H8'1" sing N N 158 
BOG "C8'" "H8'2" sing N N 159 
BOG "C8'" "H8'3" sing N N 160 
CYS N     CA     sing N N 161 
CYS N     H      sing N N 162 
CYS N     H2     sing N N 163 
CYS CA    C      sing N N 164 
CYS CA    CB     sing N N 165 
CYS CA    HA     sing N N 166 
CYS C     O      doub N N 167 
CYS C     OXT    sing N N 168 
CYS CB    SG     sing N N 169 
CYS CB    HB2    sing N N 170 
CYS CB    HB3    sing N N 171 
CYS SG    HG     sing N N 172 
CYS OXT   HXT    sing N N 173 
GLN N     CA     sing N N 174 
GLN N     H      sing N N 175 
GLN N     H2     sing N N 176 
GLN CA    C      sing N N 177 
GLN CA    CB     sing N N 178 
GLN CA    HA     sing N N 179 
GLN C     O      doub N N 180 
GLN C     OXT    sing N N 181 
GLN CB    CG     sing N N 182 
GLN CB    HB2    sing N N 183 
GLN CB    HB3    sing N N 184 
GLN CG    CD     sing N N 185 
GLN CG    HG2    sing N N 186 
GLN CG    HG3    sing N N 187 
GLN CD    OE1    doub N N 188 
GLN CD    NE2    sing N N 189 
GLN NE2   HE21   sing N N 190 
GLN NE2   HE22   sing N N 191 
GLN OXT   HXT    sing N N 192 
GLU N     CA     sing N N 193 
GLU N     H      sing N N 194 
GLU N     H2     sing N N 195 
GLU CA    C      sing N N 196 
GLU CA    CB     sing N N 197 
GLU CA    HA     sing N N 198 
GLU C     O      doub N N 199 
GLU C     OXT    sing N N 200 
GLU CB    CG     sing N N 201 
GLU CB    HB2    sing N N 202 
GLU CB    HB3    sing N N 203 
GLU CG    CD     sing N N 204 
GLU CG    HG2    sing N N 205 
GLU CG    HG3    sing N N 206 
GLU CD    OE1    doub N N 207 
GLU CD    OE2    sing N N 208 
GLU OE2   HE2    sing N N 209 
GLU OXT   HXT    sing N N 210 
GLY N     CA     sing N N 211 
GLY N     H      sing N N 212 
GLY N     H2     sing N N 213 
GLY CA    C      sing N N 214 
GLY CA    HA2    sing N N 215 
GLY CA    HA3    sing N N 216 
GLY C     O      doub N N 217 
GLY C     OXT    sing N N 218 
GLY OXT   HXT    sing N N 219 
GSH N1    CA1    sing N N 220 
GSH N1    HN11   sing N N 221 
GSH N1    HN12   sing N N 222 
GSH CA1   C1     sing N N 223 
GSH CA1   CB1    sing N N 224 
GSH CA1   HA1    sing N N 225 
GSH C1    O11    doub N N 226 
GSH C1    O12    sing N N 227 
GSH O12   H12    sing N N 228 
GSH CB1   CG1    sing N N 229 
GSH CB1   HB12   sing N N 230 
GSH CB1   HB13   sing N N 231 
GSH CG1   CD1    sing N N 232 
GSH CG1   HG12   sing N N 233 
GSH CG1   HG13   sing N N 234 
GSH CD1   OE1    doub N N 235 
GSH CD1   N2     sing N N 236 
GSH N2    CA2    sing N N 237 
GSH N2    HN2    sing N N 238 
GSH CA2   C2     sing N N 239 
GSH CA2   CB2    sing N N 240 
GSH CA2   HA2    sing N N 241 
GSH C2    O2     doub N N 242 
GSH C2    N3     sing N N 243 
GSH CB2   SG2    sing N N 244 
GSH CB2   HB22   sing N N 245 
GSH CB2   HB23   sing N N 246 
GSH SG2   HSG    sing N N 247 
GSH N3    CA3    sing N N 248 
GSH N3    HN3    sing N N 249 
GSH CA3   C3     sing N N 250 
GSH CA3   HA31   sing N N 251 
GSH CA3   HA32   sing N N 252 
GSH C3    O31    doub N N 253 
GSH C3    O32    sing N N 254 
GSH O32   H32    sing N N 255 
HIS N     CA     sing N N 256 
HIS N     H      sing N N 257 
HIS N     H2     sing N N 258 
HIS CA    C      sing N N 259 
HIS CA    CB     sing N N 260 
HIS CA    HA     sing N N 261 
HIS C     O      doub N N 262 
HIS C     OXT    sing N N 263 
HIS CB    CG     sing N N 264 
HIS CB    HB2    sing N N 265 
HIS CB    HB3    sing N N 266 
HIS CG    ND1    sing Y N 267 
HIS CG    CD2    doub Y N 268 
HIS ND1   CE1    doub Y N 269 
HIS ND1   HD1    sing N N 270 
HIS CD2   NE2    sing Y N 271 
HIS CD2   HD2    sing N N 272 
HIS CE1   NE2    sing Y N 273 
HIS CE1   HE1    sing N N 274 
HIS NE2   HE2    sing N N 275 
HIS OXT   HXT    sing N N 276 
HOH O     H1     sing N N 277 
HOH O     H2     sing N N 278 
ILE N     CA     sing N N 279 
ILE N     H      sing N N 280 
ILE N     H2     sing N N 281 
ILE CA    C      sing N N 282 
ILE CA    CB     sing N N 283 
ILE CA    HA     sing N N 284 
ILE C     O      doub N N 285 
ILE C     OXT    sing N N 286 
ILE CB    CG1    sing N N 287 
ILE CB    CG2    sing N N 288 
ILE CB    HB     sing N N 289 
ILE CG1   CD1    sing N N 290 
ILE CG1   HG12   sing N N 291 
ILE CG1   HG13   sing N N 292 
ILE CG2   HG21   sing N N 293 
ILE CG2   HG22   sing N N 294 
ILE CG2   HG23   sing N N 295 
ILE CD1   HD11   sing N N 296 
ILE CD1   HD12   sing N N 297 
ILE CD1   HD13   sing N N 298 
ILE OXT   HXT    sing N N 299 
LEU N     CA     sing N N 300 
LEU N     H      sing N N 301 
LEU N     H2     sing N N 302 
LEU CA    C      sing N N 303 
LEU CA    CB     sing N N 304 
LEU CA    HA     sing N N 305 
LEU C     O      doub N N 306 
LEU C     OXT    sing N N 307 
LEU CB    CG     sing N N 308 
LEU CB    HB2    sing N N 309 
LEU CB    HB3    sing N N 310 
LEU CG    CD1    sing N N 311 
LEU CG    CD2    sing N N 312 
LEU CG    HG     sing N N 313 
LEU CD1   HD11   sing N N 314 
LEU CD1   HD12   sing N N 315 
LEU CD1   HD13   sing N N 316 
LEU CD2   HD21   sing N N 317 
LEU CD2   HD22   sing N N 318 
LEU CD2   HD23   sing N N 319 
LEU OXT   HXT    sing N N 320 
LYS N     CA     sing N N 321 
LYS N     H      sing N N 322 
LYS N     H2     sing N N 323 
LYS CA    C      sing N N 324 
LYS CA    CB     sing N N 325 
LYS CA    HA     sing N N 326 
LYS C     O      doub N N 327 
LYS C     OXT    sing N N 328 
LYS CB    CG     sing N N 329 
LYS CB    HB2    sing N N 330 
LYS CB    HB3    sing N N 331 
LYS CG    CD     sing N N 332 
LYS CG    HG2    sing N N 333 
LYS CG    HG3    sing N N 334 
LYS CD    CE     sing N N 335 
LYS CD    HD2    sing N N 336 
LYS CD    HD3    sing N N 337 
LYS CE    NZ     sing N N 338 
LYS CE    HE2    sing N N 339 
LYS CE    HE3    sing N N 340 
LYS NZ    HZ1    sing N N 341 
LYS NZ    HZ2    sing N N 342 
LYS NZ    HZ3    sing N N 343 
LYS OXT   HXT    sing N N 344 
MET N     CA     sing N N 345 
MET N     H      sing N N 346 
MET N     H2     sing N N 347 
MET CA    C      sing N N 348 
MET CA    CB     sing N N 349 
MET CA    HA     sing N N 350 
MET C     O      doub N N 351 
MET C     OXT    sing N N 352 
MET CB    CG     sing N N 353 
MET CB    HB2    sing N N 354 
MET CB    HB3    sing N N 355 
MET CG    SD     sing N N 356 
MET CG    HG2    sing N N 357 
MET CG    HG3    sing N N 358 
MET SD    CE     sing N N 359 
MET CE    HE1    sing N N 360 
MET CE    HE2    sing N N 361 
MET CE    HE3    sing N N 362 
MET OXT   HXT    sing N N 363 
PG4 O1    C1     sing N N 364 
PG4 O1    HO1    sing N N 365 
PG4 C1    C2     sing N N 366 
PG4 C1    H11    sing N N 367 
PG4 C1    H12    sing N N 368 
PG4 C2    O2     sing N N 369 
PG4 C2    H21    sing N N 370 
PG4 C2    H22    sing N N 371 
PG4 O2    C3     sing N N 372 
PG4 C3    C4     sing N N 373 
PG4 C3    H31    sing N N 374 
PG4 C3    H32    sing N N 375 
PG4 C4    O3     sing N N 376 
PG4 C4    H41    sing N N 377 
PG4 C4    H42    sing N N 378 
PG4 O3    C5     sing N N 379 
PG4 C5    C6     sing N N 380 
PG4 C5    H51    sing N N 381 
PG4 C5    H52    sing N N 382 
PG4 C6    O4     sing N N 383 
PG4 C6    H61    sing N N 384 
PG4 C6    H62    sing N N 385 
PG4 O4    C7     sing N N 386 
PG4 C7    C8     sing N N 387 
PG4 C7    H71    sing N N 388 
PG4 C7    H72    sing N N 389 
PG4 C8    O5     sing N N 390 
PG4 C8    H81    sing N N 391 
PG4 C8    H82    sing N N 392 
PG4 O5    HO5    sing N N 393 
PHE N     CA     sing N N 394 
PHE N     H      sing N N 395 
PHE N     H2     sing N N 396 
PHE CA    C      sing N N 397 
PHE CA    CB     sing N N 398 
PHE CA    HA     sing N N 399 
PHE C     O      doub N N 400 
PHE C     OXT    sing N N 401 
PHE CB    CG     sing N N 402 
PHE CB    HB2    sing N N 403 
PHE CB    HB3    sing N N 404 
PHE CG    CD1    doub Y N 405 
PHE CG    CD2    sing Y N 406 
PHE CD1   CE1    sing Y N 407 
PHE CD1   HD1    sing N N 408 
PHE CD2   CE2    doub Y N 409 
PHE CD2   HD2    sing N N 410 
PHE CE1   CZ     doub Y N 411 
PHE CE1   HE1    sing N N 412 
PHE CE2   CZ     sing Y N 413 
PHE CE2   HE2    sing N N 414 
PHE CZ    HZ     sing N N 415 
PHE OXT   HXT    sing N N 416 
PRO N     CA     sing N N 417 
PRO N     CD     sing N N 418 
PRO N     H      sing N N 419 
PRO CA    C      sing N N 420 
PRO CA    CB     sing N N 421 
PRO CA    HA     sing N N 422 
PRO C     O      doub N N 423 
PRO C     OXT    sing N N 424 
PRO CB    CG     sing N N 425 
PRO CB    HB2    sing N N 426 
PRO CB    HB3    sing N N 427 
PRO CG    CD     sing N N 428 
PRO CG    HG2    sing N N 429 
PRO CG    HG3    sing N N 430 
PRO CD    HD2    sing N N 431 
PRO CD    HD3    sing N N 432 
PRO OXT   HXT    sing N N 433 
SER N     CA     sing N N 434 
SER N     H      sing N N 435 
SER N     H2     sing N N 436 
SER CA    C      sing N N 437 
SER CA    CB     sing N N 438 
SER CA    HA     sing N N 439 
SER C     O      doub N N 440 
SER C     OXT    sing N N 441 
SER CB    OG     sing N N 442 
SER CB    HB2    sing N N 443 
SER CB    HB3    sing N N 444 
SER OG    HG     sing N N 445 
SER OXT   HXT    sing N N 446 
THR N     CA     sing N N 447 
THR N     H      sing N N 448 
THR N     H2     sing N N 449 
THR CA    C      sing N N 450 
THR CA    CB     sing N N 451 
THR CA    HA     sing N N 452 
THR C     O      doub N N 453 
THR C     OXT    sing N N 454 
THR CB    OG1    sing N N 455 
THR CB    CG2    sing N N 456 
THR CB    HB     sing N N 457 
THR OG1   HG1    sing N N 458 
THR CG2   HG21   sing N N 459 
THR CG2   HG22   sing N N 460 
THR CG2   HG23   sing N N 461 
THR OXT   HXT    sing N N 462 
TRP N     CA     sing N N 463 
TRP N     H      sing N N 464 
TRP N     H2     sing N N 465 
TRP CA    C      sing N N 466 
TRP CA    CB     sing N N 467 
TRP CA    HA     sing N N 468 
TRP C     O      doub N N 469 
TRP C     OXT    sing N N 470 
TRP CB    CG     sing N N 471 
TRP CB    HB2    sing N N 472 
TRP CB    HB3    sing N N 473 
TRP CG    CD1    doub Y N 474 
TRP CG    CD2    sing Y N 475 
TRP CD1   NE1    sing Y N 476 
TRP CD1   HD1    sing N N 477 
TRP CD2   CE2    doub Y N 478 
TRP CD2   CE3    sing Y N 479 
TRP NE1   CE2    sing Y N 480 
TRP NE1   HE1    sing N N 481 
TRP CE2   CZ2    sing Y N 482 
TRP CE3   CZ3    doub Y N 483 
TRP CE3   HE3    sing N N 484 
TRP CZ2   CH2    doub Y N 485 
TRP CZ2   HZ2    sing N N 486 
TRP CZ3   CH2    sing Y N 487 
TRP CZ3   HZ3    sing N N 488 
TRP CH2   HH2    sing N N 489 
TRP OXT   HXT    sing N N 490 
TYR N     CA     sing N N 491 
TYR N     H      sing N N 492 
TYR N     H2     sing N N 493 
TYR CA    C      sing N N 494 
TYR CA    CB     sing N N 495 
TYR CA    HA     sing N N 496 
TYR C     O      doub N N 497 
TYR C     OXT    sing N N 498 
TYR CB    CG     sing N N 499 
TYR CB    HB2    sing N N 500 
TYR CB    HB3    sing N N 501 
TYR CG    CD1    doub Y N 502 
TYR CG    CD2    sing Y N 503 
TYR CD1   CE1    sing Y N 504 
TYR CD1   HD1    sing N N 505 
TYR CD2   CE2    doub Y N 506 
TYR CD2   HD2    sing N N 507 
TYR CE1   CZ     doub Y N 508 
TYR CE1   HE1    sing N N 509 
TYR CE2   CZ     sing Y N 510 
TYR CE2   HE2    sing N N 511 
TYR CZ    OH     sing N N 512 
TYR OH    HH     sing N N 513 
TYR OXT   HXT    sing N N 514 
VAL N     CA     sing N N 515 
VAL N     H      sing N N 516 
VAL N     H2     sing N N 517 
VAL CA    C      sing N N 518 
VAL CA    CB     sing N N 519 
VAL CA    HA     sing N N 520 
VAL C     O      doub N N 521 
VAL C     OXT    sing N N 522 
VAL CB    CG1    sing N N 523 
VAL CB    CG2    sing N N 524 
VAL CB    HB     sing N N 525 
VAL CG1   HG11   sing N N 526 
VAL CG1   HG12   sing N N 527 
VAL CG1   HG13   sing N N 528 
VAL CG2   HG21   sing N N 529 
VAL CG2   HG22   sing N N 530 
VAL CG2   HG23   sing N N 531 
VAL OXT   HXT    sing N N 532 
# 
_pdbx_audit_support.funding_organization   'Department of Energy (DOE, United States)' 
_pdbx_audit_support.country                'United States' 
_pdbx_audit_support.grant_number           DE-AC02-06CH11357 
_pdbx_audit_support.ordinal                1 
# 
_atom_sites.entry_id                    5T37 
_atom_sites.fract_transf_matrix[1][1]   0.01210657 
_atom_sites.fract_transf_matrix[1][2]   0.00564384 
_atom_sites.fract_transf_matrix[1][3]   0.00713848 
_atom_sites.fract_transf_matrix[2][1]   0.00520127 
_atom_sites.fract_transf_matrix[2][2]   -0.00670321 
_atom_sites.fract_transf_matrix[2][3]   0.01254651 
_atom_sites.fract_transf_matrix[3][1]   0.00481323 
_atom_sites.fract_transf_matrix[3][2]   -0.00465523 
_atom_sites.fract_transf_matrix[3][3]   -0.00448252 
_atom_sites.fract_transf_vector[1]      0.141907 
_atom_sites.fract_transf_vector[2]      0.022185 
_atom_sites.fract_transf_vector[3]      0.165581 
# 
loop_
_atom_type.symbol 
C  
CL 
N  
O  
S  
# 
loop_
_atom_site.group_PDB 
_atom_site.id 
_atom_site.type_symbol 
_atom_site.label_atom_id 
_atom_site.label_alt_id 
_atom_site.label_comp_id 
_atom_site.label_asym_id 
_atom_site.label_entity_id 
_atom_site.label_seq_id 
_atom_site.pdbx_PDB_ins_code 
_atom_site.Cartn_x 
_atom_site.Cartn_y 
_atom_site.Cartn_z 
_atom_site.occupancy 
_atom_site.B_iso_or_equiv 
_atom_site.pdbx_formal_charge 
_atom_site.auth_seq_id 
_atom_site.auth_comp_id 
_atom_site.auth_asym_id 
_atom_site.auth_atom_id 
_atom_site.pdbx_PDB_model_num 
ATOM   1    N  N     . SER A 1 7   ? -19.335 19.097  7.823   1.00 67.71 ? 5   SER A N     1 
ATOM   2    C  CA    . SER A 1 7   ? -18.764 17.916  7.112   1.00 67.69 ? 5   SER A CA    1 
ATOM   3    C  C     . SER A 1 7   ? -18.629 16.713  8.043   1.00 67.40 ? 5   SER A C     1 
ATOM   4    O  O     . SER A 1 7   ? -18.407 16.870  9.247   1.00 67.62 ? 5   SER A O     1 
ATOM   5    C  CB    . SER A 1 7   ? -17.406 18.265  6.498   1.00 67.78 ? 5   SER A CB    1 
ATOM   6    O  OG    . SER A 1 7   ? -16.884 17.179  5.749   1.00 67.73 ? 5   SER A OG    1 
ATOM   7    N  N     . LEU A 1 8   ? -18.759 15.516  7.474   1.00 66.50 ? 6   LEU A N     1 
ATOM   8    C  CA    . LEU A 1 8   ? -18.689 14.270  8.241   1.00 65.69 ? 6   LEU A CA    1 
ATOM   9    C  C     . LEU A 1 8   ? -17.253 13.767  8.448   1.00 64.61 ? 6   LEU A C     1 
ATOM   10   O  O     . LEU A 1 8   ? -17.037 12.691  9.010   1.00 64.29 ? 6   LEU A O     1 
ATOM   11   C  CB    . LEU A 1 8   ? -19.564 13.181  7.601   1.00 65.95 ? 6   LEU A CB    1 
ATOM   12   C  CG    . LEU A 1 8   ? -21.086 13.357  7.691   1.00 66.48 ? 6   LEU A CG    1 
ATOM   13   C  CD1   . LEU A 1 8   ? -21.635 14.096  6.474   1.00 66.65 ? 6   LEU A CD1   1 
ATOM   14   C  CD2   . LEU A 1 8   ? -21.771 12.008  7.838   1.00 67.06 ? 6   LEU A CD2   1 
ATOM   15   N  N     . VAL A 1 9   ? -16.281 14.558  7.994   1.00 63.32 ? 7   VAL A N     1 
ATOM   16   C  CA    . VAL A 1 9   ? -14.862 14.285  8.237   1.00 61.95 ? 7   VAL A CA    1 
ATOM   17   C  C     . VAL A 1 9   ? -14.491 14.711  9.664   1.00 60.95 ? 7   VAL A C     1 
ATOM   18   O  O     . VAL A 1 9   ? -13.489 14.255  10.223  1.00 61.63 ? 7   VAL A O     1 
ATOM   19   C  CB    . VAL A 1 9   ? -13.956 14.999  7.196   1.00 61.81 ? 7   VAL A CB    1 
ATOM   20   C  CG1   . VAL A 1 9   ? -12.508 14.541  7.318   1.00 61.83 ? 7   VAL A CG1   1 
ATOM   21   C  CG2   . VAL A 1 9   ? -14.457 14.733  5.787   1.00 62.50 ? 7   VAL A CG2   1 
ATOM   22   N  N     . MET A 1 10  ? -15.320 15.576  10.247  1.00 59.22 ? 8   MET A N     1 
ATOM   23   C  CA    . MET A 1 10  ? -15.143 16.043  11.621  1.00 57.49 ? 8   MET A CA    1 
ATOM   24   C  C     . MET A 1 10  ? -15.809 15.117  12.650  1.00 55.91 ? 8   MET A C     1 
ATOM   25   O  O     . MET A 1 10  ? -16.009 15.502  13.806  1.00 56.08 ? 8   MET A O     1 
ATOM   26   C  CB    . MET A 1 10  ? -15.677 17.472  11.766  1.00 57.68 ? 8   MET A CB    1 
ATOM   27   N  N     . SER A 1 11  ? -16.143 13.900  12.221  1.00 53.30 ? 9   SER A N     1 
ATOM   28   C  CA    . SER A 1 11  ? -16.758 12.892  13.090  1.00 50.54 ? 9   SER A CA    1 
ATOM   29   C  C     . SER A 1 11  ? -15.810 12.425  14.194  1.00 47.69 ? 9   SER A C     1 
ATOM   30   O  O     . SER A 1 11  ? -16.256 12.037  15.279  1.00 49.17 ? 9   SER A O     1 
ATOM   31   C  CB    . SER A 1 11  ? -17.232 11.691  12.267  1.00 50.81 ? 9   SER A CB    1 
ATOM   32   O  OG    . SER A 1 11  ? -18.217 12.072  11.325  1.00 50.87 ? 9   SER A OG    1 
ATOM   33   N  N     . SER A 1 12  ? -14.510 12.459  13.896  1.00 43.71 ? 10  SER A N     1 
ATOM   34   C  CA    A SER A 1 12  ? -13.471 12.085  14.853  0.50 40.90 ? 10  SER A CA    1 
ATOM   35   C  CA    B SER A 1 12  ? -13.464 12.071  14.844  0.50 40.88 ? 10  SER A CA    1 
ATOM   36   C  C     . SER A 1 12  ? -12.170 12.844  14.570  1.00 38.58 ? 10  SER A C     1 
ATOM   37   O  O     . SER A 1 12  ? -11.818 13.063  13.409  1.00 37.91 ? 10  SER A O     1 
ATOM   38   C  CB    A SER A 1 12  ? -13.234 10.573  14.832  0.50 41.08 ? 10  SER A CB    1 
ATOM   39   C  CB    B SER A 1 12  ? -13.207 10.566  14.767  0.50 41.04 ? 10  SER A CB    1 
ATOM   40   O  OG    A SER A 1 12  ? -12.845 10.127  13.546  0.50 41.36 ? 10  SER A OG    1 
ATOM   41   O  OG    B SER A 1 12  ? -14.318 9.830   15.249  0.50 41.21 ? 10  SER A OG    1 
ATOM   42   N  N     . PRO A 1 13  ? -11.448 13.258  15.641  1.00 35.42 ? 11  PRO A N     1 
ATOM   43   C  CA    . PRO A 1 13  ? -10.223 14.058  15.465  1.00 32.10 ? 11  PRO A CA    1 
ATOM   44   C  C     . PRO A 1 13  ? -9.122  13.413  14.612  1.00 29.17 ? 11  PRO A C     1 
ATOM   45   O  O     . PRO A 1 13  ? -8.343  14.129  13.980  1.00 28.95 ? 11  PRO A O     1 
ATOM   46   C  CB    . PRO A 1 13  ? -9.720  14.250  16.900  1.00 32.24 ? 11  PRO A CB    1 
ATOM   47   C  CG    . PRO A 1 13  ? -10.932 14.121  17.743  1.00 34.38 ? 11  PRO A CG    1 
ATOM   48   C  CD    . PRO A 1 13  ? -11.758 13.068  17.073  1.00 35.45 ? 11  PRO A CD    1 
ATOM   49   N  N     . ALA A 1 14  ? -9.059  12.082  14.600  1.00 24.39 ? 12  ALA A N     1 
ATOM   50   C  CA    . ALA A 1 14  ? -8.019  11.360  13.859  1.00 21.39 ? 12  ALA A CA    1 
ATOM   51   C  C     . ALA A 1 14  ? -8.380  11.102  12.395  1.00 18.40 ? 12  ALA A C     1 
ATOM   52   O  O     . ALA A 1 14  ? -7.502  10.811  11.579  1.00 16.71 ? 12  ALA A O     1 
ATOM   53   C  CB    . ALA A 1 14  ? -7.693  10.047  14.557  1.00 22.41 ? 12  ALA A CB    1 
ATOM   54   N  N     . LEU A 1 15  ? -9.666  11.215  12.069  1.00 16.25 ? 13  LEU A N     1 
ATOM   55   C  CA    . LEU A 1 15  ? -10.167 10.873  10.733  1.00 16.38 ? 13  LEU A CA    1 
ATOM   56   C  C     . LEU A 1 15  ? -9.516  11.623  9.555   1.00 15.76 ? 13  LEU A C     1 
ATOM   57   O  O     . LEU A 1 15  ? -9.164  10.984  8.560   1.00 14.31 ? 13  LEU A O     1 
ATOM   58   C  CB    . LEU A 1 15  ? -11.701 10.973  10.671  1.00 17.39 ? 13  LEU A CB    1 
ATOM   59   C  CG    . LEU A 1 15  ? -12.417 10.403  9.439   1.00 20.66 ? 13  LEU A CG    1 
ATOM   60   C  CD1   . LEU A 1 15  ? -12.099 8.919   9.231   1.00 17.43 ? 13  LEU A CD1   1 
ATOM   61   C  CD2   . LEU A 1 15  ? -13.920 10.619  9.548   1.00 21.99 ? 13  LEU A CD2   1 
ATOM   62   N  N     . PRO A 1 16  ? -9.362  12.966  9.650   1.00 16.51 ? 14  PRO A N     1 
ATOM   63   C  CA    . PRO A 1 16  ? -8.732  13.681  8.528   1.00 15.99 ? 14  PRO A CA    1 
ATOM   64   C  C     . PRO A 1 16  ? -7.314  13.191  8.221   1.00 15.70 ? 14  PRO A C     1 
ATOM   65   O  O     . PRO A 1 16  ? -6.963  13.036  7.047   1.00 15.22 ? 14  PRO A O     1 
ATOM   66   C  CB    . PRO A 1 16  ? -8.706  15.139  9.007   1.00 16.78 ? 14  PRO A CB    1 
ATOM   67   C  CG    . PRO A 1 16  ? -9.821  15.231  9.984   1.00 18.95 ? 14  PRO A CG    1 
ATOM   68   C  CD    . PRO A 1 16  ? -9.841  13.904  10.685  1.00 17.43 ? 14  PRO A CD    1 
ATOM   69   N  N     . ALA A 1 17  ? -6.522  12.947  9.265   1.00 14.81 ? 15  ALA A N     1 
ATOM   70   C  CA    . ALA A 1 17  ? -5.171  12.402  9.115   1.00 15.83 ? 15  ALA A CA    1 
ATOM   71   C  C     . ALA A 1 17  ? -5.200  11.033  8.436   1.00 15.75 ? 15  ALA A C     1 
ATOM   72   O  O     . ALA A 1 17  ? -4.398  10.765  7.535   1.00 15.39 ? 15  ALA A O     1 
ATOM   73   C  CB    . ALA A 1 17  ? -4.481  12.306  10.467  1.00 17.19 ? 15  ALA A CB    1 
ATOM   74   N  N     . PHE A 1 18  ? -6.127  10.177  8.865   1.00 13.78 ? 16  PHE A N     1 
ATOM   75   C  CA    . PHE A 1 18  ? -6.284  8.862   8.248   1.00 13.96 ? 16  PHE A CA    1 
ATOM   76   C  C     . PHE A 1 18  ? -6.643  8.974   6.770   1.00 14.33 ? 16  PHE A C     1 
ATOM   77   O  O     . PHE A 1 18  ? -6.026  8.318   5.931   1.00 13.60 ? 16  PHE A O     1 
ATOM   78   C  CB    . PHE A 1 18  ? -7.333  7.999   8.960   1.00 13.77 ? 16  PHE A CB    1 
ATOM   79   C  CG    . PHE A 1 18  ? -7.768  6.803   8.146   1.00 14.25 ? 16  PHE A CG    1 
ATOM   80   C  CD1   . PHE A 1 18  ? -6.924  5.703   7.995   1.00 14.45 ? 16  PHE A CD1   1 
ATOM   81   C  CD2   . PHE A 1 18  ? -8.995  6.800   7.491   1.00 13.16 ? 16  PHE A CD2   1 
ATOM   82   C  CE1   . PHE A 1 18  ? -7.311  4.607   7.220   1.00 14.00 ? 16  PHE A CE1   1 
ATOM   83   C  CE2   . PHE A 1 18  ? -9.390  5.711   6.711   1.00 15.92 ? 16  PHE A CE2   1 
ATOM   84   C  CZ    . PHE A 1 18  ? -8.546  4.612   6.580   1.00 14.71 ? 16  PHE A CZ    1 
ATOM   85   N  N     . LEU A 1 19  ? -7.648  9.794   6.464   1.00 13.97 ? 17  LEU A N     1 
ATOM   86   C  CA    . LEU A 1 19  ? -8.127  9.949   5.090   1.00 14.70 ? 17  LEU A CA    1 
ATOM   87   C  C     . LEU A 1 19  ? -7.065  10.527  4.157   1.00 14.55 ? 17  LEU A C     1 
ATOM   88   O  O     . LEU A 1 19  ? -7.013  10.170  2.979   1.00 14.32 ? 17  LEU A O     1 
ATOM   89   C  CB    . LEU A 1 19  ? -9.414  10.783  5.042   1.00 13.93 ? 17  LEU A CB    1 
ATOM   90   C  CG    . LEU A 1 19  ? -10.667 10.144  5.658   1.00 14.81 ? 17  LEU A CG    1 
ATOM   91   C  CD1   . LEU A 1 19  ? -11.835 11.124  5.647   1.00 17.06 ? 17  LEU A CD1   1 
ATOM   92   C  CD2   . LEU A 1 19  ? -11.048 8.843   4.953   1.00 14.22 ? 17  LEU A CD2   1 
ATOM   93   N  N     . LEU A 1 20  ? -6.216  11.405  4.686   1.00 15.48 ? 18  LEU A N     1 
ATOM   94   C  CA    . LEU A 1 20  ? -5.112  11.966  3.908   1.00 16.25 ? 18  LEU A CA    1 
ATOM   95   C  C     . LEU A 1 20  ? -4.081  10.889  3.563   1.00 16.02 ? 18  LEU A C     1 
ATOM   96   O  O     . LEU A 1 20  ? -3.716  10.726  2.398   1.00 15.89 ? 18  LEU A O     1 
ATOM   97   C  CB    . LEU A 1 20  ? -4.446  13.131  4.653   1.00 17.36 ? 18  LEU A CB    1 
ATOM   98   C  CG    . LEU A 1 20  ? -3.388  13.937  3.888   1.00 23.93 ? 18  LEU A CG    1 
ATOM   99   C  CD1   . LEU A 1 20  ? -4.036  14.945  2.946   1.00 27.70 ? 18  LEU A CD1   1 
ATOM   100  C  CD2   . LEU A 1 20  ? -2.452  14.645  4.855   1.00 26.52 ? 18  LEU A CD2   1 
ATOM   101  N  N     . CYS A 1 21  ? -3.633  10.152  4.578   1.00 15.04 ? 19  CYS A N     1 
ATOM   102  C  CA    . CYS A 1 21  ? -2.610  9.118   4.410   1.00 14.62 ? 19  CYS A CA    1 
ATOM   103  C  C     . CYS A 1 21  ? -3.092  7.959   3.541   1.00 14.11 ? 19  CYS A C     1 
ATOM   104  O  O     . CYS A 1 21  ? -2.366  7.499   2.658   1.00 13.96 ? 19  CYS A O     1 
ATOM   105  C  CB    . CYS A 1 21  ? -2.132  8.603   5.769   1.00 14.48 ? 19  CYS A CB    1 
ATOM   106  S  SG    . CYS A 1 21  ? -1.218  9.831   6.739   1.00 19.64 ? 19  CYS A SG    1 
ATOM   107  N  N     . SER A 1 22  ? -4.320  7.507   3.782   1.00 14.04 ? 20  SER A N     1 
ATOM   108  C  CA    . SER A 1 22  ? -4.906  6.409   3.010   1.00 13.76 ? 20  SER A CA    1 
ATOM   109  C  C     . SER A 1 22  ? -5.089  6.767   1.540   1.00 14.11 ? 20  SER A C     1 
ATOM   110  O  O     . SER A 1 22  ? -4.761  5.970   0.662   1.00 13.13 ? 20  SER A O     1 
ATOM   111  C  CB    A SER A 1 22  ? -6.234  5.961   3.628   0.65 13.26 ? 20  SER A CB    1 
ATOM   112  C  CB    B SER A 1 22  ? -6.249  6.001   3.603   0.35 13.65 ? 20  SER A CB    1 
ATOM   113  O  OG    A SER A 1 22  ? -7.138  7.045   3.748   0.65 13.37 ? 20  SER A OG    1 
ATOM   114  O  OG    B SER A 1 22  ? -6.084  5.590   4.940   0.35 13.77 ? 20  SER A OG    1 
ATOM   115  N  N     . THR A 1 23  ? -5.600  7.968   1.275   1.00 13.20 ? 21  THR A N     1 
ATOM   116  C  CA    . THR A 1 23  ? -5.856  8.391   -0.098  1.00 14.04 ? 21  THR A CA    1 
ATOM   117  C  C     . THR A 1 23  ? -4.547  8.581   -0.868  1.00 14.10 ? 21  THR A C     1 
ATOM   118  O  O     . THR A 1 23  ? -4.459  8.211   -2.039  1.00 14.21 ? 21  THR A O     1 
ATOM   119  C  CB    . THR A 1 23  ? -6.756  9.643   -0.158  1.00 14.92 ? 21  THR A CB    1 
ATOM   120  O  OG1   . THR A 1 23  ? -7.958  9.385   0.579   1.00 18.21 ? 21  THR A OG1   1 
ATOM   121  C  CG2   . THR A 1 23  ? -7.133  9.974   -1.593  1.00 12.73 ? 21  THR A CG2   1 
ATOM   122  N  N     . LEU A 1 24  ? -3.533  9.130   -0.200  1.00 13.09 ? 22  LEU A N     1 
ATOM   123  C  CA    . LEU A 1 24  ? -2.198  9.237   -0.791  1.00 13.78 ? 22  LEU A CA    1 
ATOM   124  C  C     . LEU A 1 24  ? -1.640  7.862   -1.171  1.00 13.50 ? 22  LEU A C     1 
ATOM   125  O  O     . LEU A 1 24  ? -1.016  7.704   -2.225  1.00 12.43 ? 22  LEU A O     1 
ATOM   126  C  CB    . LEU A 1 24  ? -1.238  9.965   0.154   1.00 12.87 ? 22  LEU A CB    1 
ATOM   127  C  CG    . LEU A 1 24  ? -1.394  11.486  0.291   1.00 16.55 ? 22  LEU A CG    1 
ATOM   128  C  CD1   . LEU A 1 24  ? -0.464  12.013  1.373   1.00 16.77 ? 22  LEU A CD1   1 
ATOM   129  C  CD2   . LEU A 1 24  ? -1.140  12.198  -1.035  1.00 14.88 ? 22  LEU A CD2   1 
ATOM   130  N  N     . LEU A 1 25  ? -1.883  6.872   -0.318  1.00 12.72 ? 23  LEU A N     1 
ATOM   131  C  CA    . LEU A 1 25  ? -1.413  5.507   -0.574  1.00 12.53 ? 23  LEU A CA    1 
ATOM   132  C  C     . LEU A 1 25  ? -2.166  4.800   -1.695  1.00 12.65 ? 23  LEU A C     1 
ATOM   133  O  O     . LEU A 1 25  ? -1.573  4.011   -2.434  1.00 12.01 ? 23  LEU A O     1 
ATOM   134  C  CB    . LEU A 1 25  ? -1.433  4.671   0.707   1.00 13.09 ? 23  LEU A CB    1 
ATOM   135  C  CG    . LEU A 1 25  ? -0.344  5.055   1.715   1.00 14.84 ? 23  LEU A CG    1 
ATOM   136  C  CD1   . LEU A 1 25  ? -0.632  4.450   3.074   1.00 16.80 ? 23  LEU A CD1   1 
ATOM   137  C  CD2   . LEU A 1 25  ? 1.054   4.665   1.224   1.00 17.11 ? 23  LEU A CD2   1 
ATOM   138  N  N     . VAL A 1 26  ? -3.464  5.081   -1.822  1.00 11.99 ? 24  VAL A N     1 
ATOM   139  C  CA    . VAL A 1 26  ? -4.243  4.581   -2.956  1.00 11.62 ? 24  VAL A CA    1 
ATOM   140  C  C     . VAL A 1 26  ? -3.711  5.186   -4.262  1.00 11.22 ? 24  VAL A C     1 
ATOM   141  O  O     . VAL A 1 26  ? -3.513  4.473   -5.251  1.00 10.19 ? 24  VAL A O     1 
ATOM   142  C  CB    . VAL A 1 26  ? -5.769  4.847   -2.793  1.00 12.08 ? 24  VAL A CB    1 
ATOM   143  C  CG1   . VAL A 1 26  ? -6.526  4.480   -4.064  1.00 12.54 ? 24  VAL A CG1   1 
ATOM   144  C  CG2   . VAL A 1 26  ? -6.328  4.068   -1.607  1.00 11.93 ? 24  VAL A CG2   1 
ATOM   145  N  N     . ILE A 1 27  ? -3.460  6.495   -4.254  1.00 11.79 ? 25  ILE A N     1 
ATOM   146  C  CA    . ILE A 1 27  ? -2.851  7.171   -5.401  1.00 12.28 ? 25  ILE A CA    1 
ATOM   147  C  C     . ILE A 1 27  ? -1.471  6.574   -5.713  1.00 12.37 ? 25  ILE A C     1 
ATOM   148  O  O     . ILE A 1 27  ? -1.126  6.371   -6.880  1.00 11.83 ? 25  ILE A O     1 
ATOM   149  C  CB    . ILE A 1 27  ? -2.769  8.712   -5.186  1.00 12.93 ? 25  ILE A CB    1 
ATOM   150  C  CG1   . ILE A 1 27  ? -4.178  9.311   -5.152  1.00 15.23 ? 25  ILE A CG1   1 
ATOM   151  C  CG2   . ILE A 1 27  ? -1.931  9.378   -6.284  1.00 16.40 ? 25  ILE A CG2   1 
ATOM   152  C  CD1   . ILE A 1 27  ? -4.244  10.732  -4.616  1.00 16.23 ? 25  ILE A CD1   1 
ATOM   153  N  N     . LYS A 1 28  ? -0.706  6.275   -4.665  1.00 11.17 ? 26  LYS A N     1 
ATOM   154  C  CA    . LYS A 1 28  ? 0.600   5.625   -4.811  1.00 11.82 ? 26  LYS A CA    1 
ATOM   155  C  C     . LYS A 1 28  ? 0.484   4.247   -5.482  1.00 12.45 ? 26  LYS A C     1 
ATOM   156  O  O     . LYS A 1 28  ? 1.364   3.850   -6.246  1.00 13.09 ? 26  LYS A O     1 
ATOM   157  C  CB    . LYS A 1 28  ? 1.293   5.497   -3.453  1.00 12.29 ? 26  LYS A CB    1 
ATOM   158  C  CG    . LYS A 1 28  ? 2.750   5.039   -3.536  1.00 10.89 ? 26  LYS A CG    1 
ATOM   159  C  CD    . LYS A 1 28  ? 3.089   4.047   -2.428  1.00 12.25 ? 26  LYS A CD    1 
ATOM   160  C  CE    . LYS A 1 28  ? 2.363   2.714   -2.616  1.00 12.16 ? 26  LYS A CE    1 
ATOM   161  N  NZ    . LYS A 1 28  ? 2.864   1.955   -3.797  1.00 13.48 ? 26  LYS A NZ    1 
ATOM   162  N  N     . MET A 1 29  ? -0.602  3.530   -5.199  1.00 11.01 ? 27  MET A N     1 
ATOM   163  C  CA    . MET A 1 29  ? -0.865  2.245   -5.856  1.00 10.12 ? 27  MET A CA    1 
ATOM   164  C  C     . MET A 1 29  ? -1.219  2.442   -7.329  1.00 11.56 ? 27  MET A C     1 
ATOM   165  O  O     . MET A 1 29  ? -0.795  1.658   -8.182  1.00 13.12 ? 27  MET A O     1 
ATOM   166  C  CB    . MET A 1 29  ? -1.966  1.467   -5.131  1.00 11.26 ? 27  MET A CB    1 
ATOM   167  C  CG    . MET A 1 29  ? -1.542  0.940   -3.763  1.00 12.24 ? 27  MET A CG    1 
ATOM   168  S  SD    . MET A 1 29  ? -2.805  -0.048  -2.934  1.00 14.19 ? 27  MET A SD    1 
ATOM   169  C  CE    . MET A 1 29  ? -2.852  -1.506  -3.965  1.00 12.34 ? 27  MET A CE    1 
ATOM   170  N  N     . TYR A 1 30  ? -1.989  3.493   -7.619  1.00 12.38 ? 28  TYR A N     1 
ATOM   171  C  CA    . TYR A 1 30  ? -2.316  3.865   -8.998  1.00 12.12 ? 28  TYR A CA    1 
ATOM   172  C  C     . TYR A 1 30  ? -1.060  4.217   -9.799  1.00 12.21 ? 28  TYR A C     1 
ATOM   173  O  O     . TYR A 1 30  ? -0.974  3.911   -10.991 1.00 13.19 ? 28  TYR A O     1 
ATOM   174  C  CB    . TYR A 1 30  ? -3.304  5.040   -9.040  1.00 13.63 ? 28  TYR A CB    1 
ATOM   175  C  CG    . TYR A 1 30  ? -4.716  4.734   -8.566  1.00 11.90 ? 28  TYR A CG    1 
ATOM   176  C  CD1   . TYR A 1 30  ? -5.579  5.768   -8.205  1.00 16.37 ? 28  TYR A CD1   1 
ATOM   177  C  CD2   . TYR A 1 30  ? -5.192  3.421   -8.481  1.00 14.44 ? 28  TYR A CD2   1 
ATOM   178  C  CE1   . TYR A 1 30  ? -6.879  5.511   -7.777  1.00 15.26 ? 28  TYR A CE1   1 
ATOM   179  C  CE2   . TYR A 1 30  ? -6.495  3.153   -8.046  1.00 12.84 ? 28  TYR A CE2   1 
ATOM   180  C  CZ    . TYR A 1 30  ? -7.330  4.203   -7.697  1.00 15.43 ? 28  TYR A CZ    1 
ATOM   181  O  OH    . TYR A 1 30  ? -8.618  3.953   -7.275  1.00 13.52 ? 28  TYR A OH    1 
ATOM   182  N  N     . VAL A 1 31  ? -0.099  4.864   -9.141  1.00 12.63 ? 29  VAL A N     1 
ATOM   183  C  CA    . VAL A 1 31  ? 1.192   5.187   -9.761  1.00 13.96 ? 29  VAL A CA    1 
ATOM   184  C  C     . VAL A 1 31  ? 1.951   3.908   -10.137 1.00 14.80 ? 29  VAL A C     1 
ATOM   185  O  O     . VAL A 1 31  ? 2.507   3.811   -11.234 1.00 14.51 ? 29  VAL A O     1 
ATOM   186  C  CB    . VAL A 1 31  ? 2.050   6.120   -8.862  1.00 15.48 ? 29  VAL A CB    1 
ATOM   187  C  CG1   . VAL A 1 31  ? 3.479   6.248   -9.390  1.00 17.27 ? 29  VAL A CG1   1 
ATOM   188  C  CG2   . VAL A 1 31  ? 1.403   7.501   -8.761  1.00 16.37 ? 29  VAL A CG2   1 
ATOM   189  N  N     . VAL A 1 32  ? 1.944   2.925   -9.237  1.00 12.46 ? 30  VAL A N     1 
ATOM   190  C  CA    . VAL A 1 32  ? 2.551   1.617   -9.509  1.00 11.63 ? 30  VAL A CA    1 
ATOM   191  C  C     . VAL A 1 32  ? 1.891   0.935   -10.714 1.00 12.23 ? 30  VAL A C     1 
ATOM   192  O  O     . VAL A 1 32  ? 2.582   0.370   -11.566 1.00 11.68 ? 30  VAL A O     1 
ATOM   193  C  CB    . VAL A 1 32  ? 2.524   0.694   -8.260  1.00 10.86 ? 30  VAL A CB    1 
ATOM   194  C  CG1   . VAL A 1 32  ? 2.982   -0.730  -8.602  1.00 11.10 ? 30  VAL A CG1   1 
ATOM   195  C  CG2   . VAL A 1 32  ? 3.397   1.275   -7.157  1.00 12.58 ? 30  VAL A CG2   1 
ATOM   196  N  N     . ALA A 1 33  ? 0.561   1.003   -10.787 1.00 12.26 ? 31  ALA A N     1 
ATOM   197  C  CA    . ALA A 1 33  ? -0.179  0.464   -11.931 1.00 12.52 ? 31  ALA A CA    1 
ATOM   198  C  C     . ALA A 1 33  ? 0.241   1.127   -13.244 1.00 12.56 ? 31  ALA A C     1 
ATOM   199  O  O     . ALA A 1 33  ? 0.456   0.444   -14.244 1.00 13.14 ? 31  ALA A O     1 
ATOM   200  C  CB    . ALA A 1 33  ? -1.685  0.600   -11.716 1.00 12.43 ? 31  ALA A CB    1 
ATOM   201  N  N     . ILE A 1 34  ? 0.361   2.455   -13.227 1.00 13.15 ? 32  ILE A N     1 
ATOM   202  C  CA    . ILE A 1 34  ? 0.788   3.220   -14.402 1.00 14.94 ? 32  ILE A CA    1 
ATOM   203  C  C     . ILE A 1 34  ? 2.226   2.870   -14.800 1.00 14.44 ? 32  ILE A C     1 
ATOM   204  O  O     . ILE A 1 34  ? 2.500   2.626   -15.977 1.00 15.14 ? 32  ILE A O     1 
ATOM   205  C  CB    . ILE A 1 34  ? 0.610   4.751   -14.188 1.00 15.78 ? 32  ILE A CB    1 
ATOM   206  C  CG1   . ILE A 1 34  ? -0.883  5.105   -14.127 1.00 18.42 ? 32  ILE A CG1   1 
ATOM   207  C  CG2   . ILE A 1 34  ? 1.304   5.550   -15.301 1.00 17.78 ? 32  ILE A CG2   1 
ATOM   208  C  CD1   . ILE A 1 34  ? -1.183  6.481   -13.538 1.00 21.84 ? 32  ILE A CD1   1 
ATOM   209  N  N     . ILE A 1 35  ? 3.125   2.830   -13.817 1.00 13.40 ? 33  ILE A N     1 
ATOM   210  C  CA    . ILE A 1 35  ? 4.513   2.403   -14.045 1.00 13.73 ? 33  ILE A CA    1 
ATOM   211  C  C     . ILE A 1 35  ? 4.556   1.016   -14.699 1.00 14.49 ? 33  ILE A C     1 
ATOM   212  O  O     . ILE A 1 35  ? 5.264   0.820   -15.688 1.00 14.70 ? 33  ILE A O     1 
ATOM   213  C  CB    . ILE A 1 35  ? 5.359   2.430   -12.739 1.00 15.33 ? 33  ILE A CB    1 
ATOM   214  C  CG1   . ILE A 1 35  ? 5.627   3.878   -12.304 1.00 15.62 ? 33  ILE A CG1   1 
ATOM   215  C  CG2   . ILE A 1 35  ? 6.687   1.674   -12.920 1.00 13.75 ? 33  ILE A CG2   1 
ATOM   216  C  CD1   . ILE A 1 35  ? 6.190   4.018   -10.893 1.00 16.90 ? 33  ILE A CD1   1 
ATOM   217  N  N     . THR A 1 36  ? 3.779   0.076   -14.158 1.00 13.40 ? 34  THR A N     1 
ATOM   218  C  CA    . THR A 1 36  ? 3.705   -1.289  -14.693 1.00 12.11 ? 34  THR A CA    1 
ATOM   219  C  C     . THR A 1 36  ? 3.343   -1.283  -16.182 1.00 13.85 ? 34  THR A C     1 
ATOM   220  O  O     . THR A 1 36  ? 4.016   -1.928  -16.988 1.00 12.81 ? 34  THR A O     1 
ATOM   221  C  CB    . THR A 1 36  ? 2.695   -2.167  -13.905 1.00 12.33 ? 34  THR A CB    1 
ATOM   222  O  OG1   . THR A 1 36  ? 2.996   -2.118  -12.503 1.00 12.16 ? 34  THR A OG1   1 
ATOM   223  C  CG2   . THR A 1 36  ? 2.746   -3.620  -14.374 1.00 11.25 ? 34  THR A CG2   1 
ATOM   224  N  N     . GLY A 1 37  ? 2.290   -0.546  -16.536 1.00 13.69 ? 35  GLY A N     1 
ATOM   225  C  CA    . GLY A 1 37  ? 1.854   -0.421  -17.930 1.00 15.15 ? 35  GLY A CA    1 
ATOM   226  C  C     . GLY A 1 37  ? 2.918   0.169   -18.843 1.00 16.48 ? 35  GLY A C     1 
ATOM   227  O  O     . GLY A 1 37  ? 3.121   -0.314  -19.964 1.00 16.55 ? 35  GLY A O     1 
ATOM   228  N  N     A GLN A 1 38  ? 3.599   1.206   -18.361 0.50 16.55 ? 36  GLN A N     1 
ATOM   229  N  N     B GLN A 1 38  ? 3.591   1.212   -18.358 0.50 16.49 ? 36  GLN A N     1 
ATOM   230  C  CA    A GLN A 1 38  ? 4.659   1.868   -19.122 0.50 18.41 ? 36  GLN A CA    1 
ATOM   231  C  CA    B GLN A 1 38  ? 4.665   1.877   -19.098 0.50 18.29 ? 36  GLN A CA    1 
ATOM   232  C  C     A GLN A 1 38  ? 5.874   0.964   -19.341 0.50 18.33 ? 36  GLN A C     1 
ATOM   233  C  C     B GLN A 1 38  ? 5.849   0.945   -19.349 0.50 18.21 ? 36  GLN A C     1 
ATOM   234  O  O     A GLN A 1 38  ? 6.514   1.025   -20.393 0.50 17.65 ? 36  GLN A O     1 
ATOM   235  O  O     B GLN A 1 38  ? 6.443   0.967   -20.430 0.50 17.37 ? 36  GLN A O     1 
ATOM   236  C  CB    A GLN A 1 38  ? 5.073   3.177   -18.447 0.50 19.56 ? 36  GLN A CB    1 
ATOM   237  C  CB    B GLN A 1 38  ? 5.130   3.135   -18.356 0.50 19.39 ? 36  GLN A CB    1 
ATOM   238  C  CG    A GLN A 1 38  ? 4.007   4.257   -18.509 0.50 22.41 ? 36  GLN A CG    1 
ATOM   239  C  CG    B GLN A 1 38  ? 4.115   4.266   -18.352 0.50 22.07 ? 36  GLN A CG    1 
ATOM   240  C  CD    A GLN A 1 38  ? 3.658   4.649   -19.934 0.50 24.49 ? 36  GLN A CD    1 
ATOM   241  C  CD    B GLN A 1 38  ? 4.546   5.438   -17.490 0.50 24.92 ? 36  GLN A CD    1 
ATOM   242  O  OE1   A GLN A 1 38  ? 4.540   4.919   -20.748 0.50 29.17 ? 36  GLN A OE1   1 
ATOM   243  O  OE1   B GLN A 1 38  ? 5.532   5.356   -16.757 0.50 27.99 ? 36  GLN A OE1   1 
ATOM   244  N  NE2   A GLN A 1 38  ? 2.366   4.685   -20.239 0.50 26.64 ? 36  GLN A NE2   1 
ATOM   245  N  NE2   B GLN A 1 38  ? 3.804   6.536   -17.571 0.50 25.95 ? 36  GLN A NE2   1 
ATOM   246  N  N     . VAL A 1 39  ? 6.179   0.130   -18.348 1.00 17.17 ? 37  VAL A N     1 
ATOM   247  C  CA    . VAL A 1 39  ? 7.265   -0.851  -18.456 1.00 17.33 ? 37  VAL A CA    1 
ATOM   248  C  C     . VAL A 1 39  ? 6.903   -1.942  -19.478 1.00 17.29 ? 37  VAL A C     1 
ATOM   249  O  O     . VAL A 1 39  ? 7.741   -2.335  -20.292 1.00 17.69 ? 37  VAL A O     1 
ATOM   250  C  CB    . VAL A 1 39  ? 7.651   -1.449  -17.068 1.00 16.92 ? 37  VAL A CB    1 
ATOM   251  C  CG1   . VAL A 1 39  ? 8.653   -2.588  -17.209 1.00 16.33 ? 37  VAL A CG1   1 
ATOM   252  C  CG2   . VAL A 1 39  ? 8.232   -0.365  -16.163 1.00 16.20 ? 37  VAL A CG2   1 
ATOM   253  N  N     . ARG A 1 40  ? 5.647   -2.393  -19.454 1.00 15.00 ? 38  ARG A N     1 
ATOM   254  C  CA    . ARG A 1 40  ? 5.149   -3.364  -20.435 1.00 14.84 ? 38  ARG A CA    1 
ATOM   255  C  C     . ARG A 1 40  ? 5.326   -2.858  -21.867 1.00 16.63 ? 38  ARG A C     1 
ATOM   256  O  O     . ARG A 1 40  ? 5.769   -3.601  -22.740 1.00 16.61 ? 38  ARG A O     1 
ATOM   257  C  CB    . ARG A 1 40  ? 3.671   -3.696  -20.190 1.00 14.03 ? 38  ARG A CB    1 
ATOM   258  C  CG    . ARG A 1 40  ? 3.400   -4.581  -18.981 1.00 13.36 ? 38  ARG A CG    1 
ATOM   259  C  CD    . ARG A 1 40  ? 1.960   -5.096  -19.016 1.00 15.24 ? 38  ARG A CD    1 
ATOM   260  N  NE    . ARG A 1 40  ? 1.637   -5.984  -17.898 1.00 15.01 ? 38  ARG A NE    1 
ATOM   261  C  CZ    . ARG A 1 40  ? 1.939   -7.281  -17.845 1.00 16.42 ? 38  ARG A CZ    1 
ATOM   262  N  NH1   . ARG A 1 40  ? 2.601   -7.866  -18.837 1.00 15.55 ? 38  ARG A NH1   1 
ATOM   263  N  NH2   . ARG A 1 40  ? 1.589   -7.997  -16.783 1.00 15.97 ? 38  ARG A NH2   1 
ATOM   264  N  N     . LEU A 1 41  ? 4.982   -1.591  -22.094 1.00 17.22 ? 39  LEU A N     1 
ATOM   265  C  CA    . LEU A 1 41  ? 5.095   -0.972  -23.416 1.00 19.27 ? 39  LEU A CA    1 
ATOM   266  C  C     . LEU A 1 41  ? 6.548   -0.744  -23.836 1.00 20.82 ? 39  LEU A C     1 
ATOM   267  O  O     . LEU A 1 41  ? 6.918   -1.021  -24.981 1.00 21.06 ? 39  LEU A O     1 
ATOM   268  C  CB    . LEU A 1 41  ? 4.308   0.346   -23.463 1.00 18.89 ? 39  LEU A CB    1 
ATOM   269  C  CG    . LEU A 1 41  ? 2.776   0.253   -23.463 1.00 19.47 ? 39  LEU A CG    1 
ATOM   270  C  CD1   . LEU A 1 41  ? 2.151   1.565   -23.009 1.00 22.27 ? 39  LEU A CD1   1 
ATOM   271  C  CD2   . LEU A 1 41  ? 2.240   -0.157  -24.835 1.00 18.00 ? 39  LEU A CD2   1 
ATOM   272  N  N     . ARG A 1 42  ? 7.366   -0.254  -22.904 1.00 21.31 ? 40  ARG A N     1 
ATOM   273  C  CA    . ARG A 1 42  ? 8.778   0.037   -23.174 1.00 23.56 ? 40  ARG A CA    1 
ATOM   274  C  C     . ARG A 1 42  ? 9.615   -1.223  -23.405 1.00 24.34 ? 40  ARG A C     1 
ATOM   275  O  O     . ARG A 1 42  ? 10.469  -1.249  -24.296 1.00 25.13 ? 40  ARG A O     1 
ATOM   276  C  CB    . ARG A 1 42  ? 9.385   0.875   -22.045 1.00 24.59 ? 40  ARG A CB    1 
ATOM   277  N  N     . LYS A 1 43  ? 9.366   -2.259  -22.603 1.00 21.95 ? 41  LYS A N     1 
ATOM   278  C  CA    . LYS A 1 43  ? 10.091  -3.526  -22.715 1.00 21.69 ? 41  LYS A CA    1 
ATOM   279  C  C     . LYS A 1 43  ? 9.406   -4.495  -23.684 1.00 19.44 ? 41  LYS A C     1 
ATOM   280  O  O     . LYS A 1 43  ? 9.931   -5.576  -23.958 1.00 21.54 ? 41  LYS A O     1 
ATOM   281  C  CB    . LYS A 1 43  ? 10.250  -4.197  -21.340 1.00 22.80 ? 41  LYS A CB    1 
ATOM   282  C  CG    . LYS A 1 43  ? 10.992  -3.378  -20.267 1.00 27.61 ? 41  LYS A CG    1 
ATOM   283  C  CD    . LYS A 1 43  ? 12.498  -3.254  -20.523 1.00 32.86 ? 41  LYS A CD    1 
ATOM   284  C  CE    . LYS A 1 43  ? 13.251  -4.562  -20.291 1.00 33.40 ? 41  LYS A CE    1 
ATOM   285  N  NZ    . LYS A 1 43  ? 13.356  -4.939  -18.851 1.00 33.32 ? 41  LYS A NZ    1 
ATOM   286  N  N     . LYS A 1 44  ? 8.239   -4.099  -24.193 1.00 18.18 ? 42  LYS A N     1 
ATOM   287  C  CA    . LYS A 1 44  ? 7.409   -4.936  -25.073 1.00 18.57 ? 42  LYS A CA    1 
ATOM   288  C  C     . LYS A 1 44  ? 7.167   -6.328  -24.479 1.00 16.71 ? 42  LYS A C     1 
ATOM   289  O  O     . LYS A 1 44  ? 7.487   -7.357  -25.083 1.00 15.64 ? 42  LYS A O     1 
ATOM   290  C  CB    . LYS A 1 44  ? 7.992   -5.005  -26.494 1.00 20.04 ? 42  LYS A CB    1 
ATOM   291  C  CG    . LYS A 1 44  ? 8.225   -3.635  -27.128 1.00 24.17 ? 42  LYS A CG    1 
ATOM   292  C  CD    . LYS A 1 44  ? 8.758   -3.744  -28.554 1.00 29.18 ? 42  LYS A CD    1 
ATOM   293  C  CE    . LYS A 1 44  ? 7.633   -3.830  -29.573 1.00 31.04 ? 42  LYS A CE    1 
ATOM   294  N  NZ    . LYS A 1 44  ? 6.810   -2.583  -29.633 1.00 29.30 ? 42  LYS A NZ    1 
ATOM   295  N  N     . ALA A 1 45  ? 6.607   -6.335  -23.270 1.00 16.72 ? 43  ALA A N     1 
ATOM   296  C  CA    . ALA A 1 45  ? 6.310   -7.568  -22.555 1.00 15.06 ? 43  ALA A CA    1 
ATOM   297  C  C     . ALA A 1 45  ? 4.862   -7.541  -22.085 1.00 15.22 ? 43  ALA A C     1 
ATOM   298  O  O     . ALA A 1 45  ? 4.537   -6.944  -21.053 1.00 15.47 ? 43  ALA A O     1 
ATOM   299  C  CB    . ALA A 1 45  ? 7.254   -7.740  -21.385 1.00 15.83 ? 43  ALA A CB    1 
ATOM   300  N  N     . PHE A 1 46  ? 3.998   -8.187  -22.858 1.00 14.55 ? 44  PHE A N     1 
ATOM   301  C  CA    . PHE A 1 46  ? 2.564   -8.160  -22.609 1.00 14.69 ? 44  PHE A CA    1 
ATOM   302  C  C     . PHE A 1 46  ? 2.071   -9.508  -22.106 1.00 15.49 ? 44  PHE A C     1 
ATOM   303  O  O     . PHE A 1 46  ? 2.634   -10.552 -22.440 1.00 14.54 ? 44  PHE A O     1 
ATOM   304  C  CB    . PHE A 1 46  ? 1.816   -7.725  -23.875 1.00 14.77 ? 44  PHE A CB    1 
ATOM   305  C  CG    . PHE A 1 46  ? 2.305   -6.417  -24.438 1.00 15.29 ? 44  PHE A CG    1 
ATOM   306  C  CD1   . PHE A 1 46  ? 1.862   -5.207  -23.910 1.00 17.79 ? 44  PHE A CD1   1 
ATOM   307  C  CD2   . PHE A 1 46  ? 3.226   -6.396  -25.484 1.00 17.14 ? 44  PHE A CD2   1 
ATOM   308  C  CE1   . PHE A 1 46  ? 2.321   -3.992  -24.419 1.00 19.60 ? 44  PHE A CE1   1 
ATOM   309  C  CE2   . PHE A 1 46  ? 3.692   -5.188  -26.000 1.00 15.59 ? 44  PHE A CE2   1 
ATOM   310  C  CZ    . PHE A 1 46  ? 3.237   -3.983  -25.467 1.00 18.13 ? 44  PHE A CZ    1 
ATOM   311  N  N     . ALA A 1 47  ? 1.024   -9.477  -21.287 1.00 17.06 ? 45  ALA A N     1 
ATOM   312  C  CA    . ALA A 1 47  ? 0.467   -10.692 -20.706 1.00 17.23 ? 45  ALA A CA    1 
ATOM   313  C  C     . ALA A 1 47  ? -0.521  -11.370 -21.650 1.00 16.08 ? 45  ALA A C     1 
ATOM   314  O  O     . ALA A 1 47  ? -0.806  -12.561 -21.507 1.00 16.52 ? 45  ALA A O     1 
ATOM   315  C  CB    . ALA A 1 47  ? -0.200  -10.377 -19.370 1.00 16.34 ? 45  ALA A CB    1 
ATOM   316  N  N     . ASN A 1 48  ? -1.024  -10.610 -22.619 1.00 14.24 ? 46  ASN A N     1 
ATOM   317  C  CA    . ASN A 1 48  ? -2.088  -11.076 -23.502 1.00 13.05 ? 46  ASN A CA    1 
ATOM   318  C  C     . ASN A 1 48  ? -1.687  -11.044 -24.973 1.00 12.68 ? 46  ASN A C     1 
ATOM   319  O  O     . ASN A 1 48  ? -1.079  -10.072 -25.426 1.00 13.64 ? 46  ASN A O     1 
ATOM   320  C  CB    . ASN A 1 48  ? -3.346  -10.230 -23.292 1.00 11.61 ? 46  ASN A CB    1 
ATOM   321  C  CG    . ASN A 1 48  ? -3.764  -10.166 -21.839 1.00 12.79 ? 46  ASN A CG    1 
ATOM   322  O  OD1   . ASN A 1 48  ? -4.164  -11.171 -21.256 1.00 14.43 ? 46  ASN A OD1   1 
ATOM   323  N  ND2   . ASN A 1 48  ? -3.663  -8.984  -21.245 1.00 12.77 ? 46  ASN A ND2   1 
ATOM   324  N  N     . PRO A 1 49  ? -2.026  -12.110 -25.723 1.00 14.89 ? 47  PRO A N     1 
ATOM   325  C  CA    . PRO A 1 49  ? -1.731  -12.156 -27.158 1.00 15.36 ? 47  PRO A CA    1 
ATOM   326  C  C     . PRO A 1 49  ? -2.364  -11.006 -27.939 1.00 15.88 ? 47  PRO A C     1 
ATOM   327  O  O     . PRO A 1 49  ? -1.743  -10.496 -28.874 1.00 16.12 ? 47  PRO A O     1 
ATOM   328  C  CB    . PRO A 1 49  ? -2.322  -13.498 -27.597 1.00 15.97 ? 47  PRO A CB    1 
ATOM   329  C  CG    . PRO A 1 49  ? -2.282  -14.333 -26.369 1.00 20.86 ? 47  PRO A CG    1 
ATOM   330  C  CD    . PRO A 1 49  ? -2.589  -13.386 -25.245 1.00 15.17 ? 47  PRO A CD    1 
ATOM   331  N  N     . GLU A 1 50  ? -3.576  -10.594 -27.562 1.00 14.17 ? 48  GLU A N     1 
ATOM   332  C  CA    . GLU A 1 50  ? -4.236  -9.467  -28.231 1.00 14.35 ? 48  GLU A CA    1 
ATOM   333  C  C     . GLU A 1 50  ? -3.471  -8.149  -28.060 1.00 15.53 ? 48  GLU A C     1 
ATOM   334  O  O     . GLU A 1 50  ? -3.407  -7.344  -28.992 1.00 15.96 ? 48  GLU A O     1 
ATOM   335  C  CB    . GLU A 1 50  ? -5.713  -9.324  -27.820 1.00 13.49 ? 48  GLU A CB    1 
ATOM   336  C  CG    . GLU A 1 50  ? -5.972  -8.963  -26.348 1.00 14.92 ? 48  GLU A CG    1 
ATOM   337  C  CD    . GLU A 1 50  ? -6.144  -10.177 -25.444 1.00 17.37 ? 48  GLU A CD    1 
ATOM   338  O  OE1   . GLU A 1 50  ? -5.627  -11.268 -25.773 1.00 15.01 ? 48  GLU A OE1   1 
ATOM   339  O  OE2   . GLU A 1 50  ? -6.797  -10.031 -24.387 1.00 15.93 ? 48  GLU A OE2   1 
ATOM   340  N  N     . ASP A 1 51  ? -2.886  -7.943  -26.878 1.00 14.21 ? 49  ASP A N     1 
ATOM   341  C  CA    . ASP A 1 51  ? -2.032  -6.782  -26.614 1.00 14.67 ? 49  ASP A CA    1 
ATOM   342  C  C     . ASP A 1 51  ? -0.759  -6.844  -27.462 1.00 14.89 ? 49  ASP A C     1 
ATOM   343  O  O     . ASP A 1 51  ? -0.365  -5.853  -28.085 1.00 14.93 ? 49  ASP A O     1 
ATOM   344  C  CB    . ASP A 1 51  ? -1.640  -6.709  -25.128 1.00 14.71 ? 49  ASP A CB    1 
ATOM   345  C  CG    . ASP A 1 51  ? -2.840  -6.641  -24.189 1.00 18.39 ? 49  ASP A CG    1 
ATOM   346  O  OD1   . ASP A 1 51  ? -3.994  -6.521  -24.655 1.00 20.32 ? 49  ASP A OD1   1 
ATOM   347  O  OD2   . ASP A 1 51  ? -2.619  -6.704  -22.961 1.00 20.94 ? 49  ASP A OD2   1 
ATOM   348  N  N     . ALA A 1 52  ? -0.128  -8.019  -27.475 1.00 13.80 ? 50  ALA A N     1 
ATOM   349  C  CA    . ALA A 1 52  ? 1.127   -8.242  -28.193 1.00 15.19 ? 50  ALA A CA    1 
ATOM   350  C  C     . ALA A 1 52  ? 0.996   -8.011  -29.702 1.00 15.49 ? 50  ALA A C     1 
ATOM   351  O  O     . ALA A 1 52  ? 1.863   -7.381  -30.308 1.00 16.22 ? 50  ALA A O     1 
ATOM   352  C  CB    . ALA A 1 52  ? 1.654   -9.643  -27.913 1.00 14.99 ? 50  ALA A CB    1 
ATOM   353  N  N     . LEU A 1 53  ? -0.094  -8.505  -30.290 1.00 17.11 ? 51  LEU A N     1 
ATOM   354  C  CA    . LEU A 1 53  ? -0.337  -8.371  -31.735 1.00 19.10 ? 51  LEU A CA    1 
ATOM   355  C  C     . LEU A 1 53  ? -0.553  -6.919  -32.163 1.00 20.59 ? 51  LEU A C     1 
ATOM   356  O  O     . LEU A 1 53  ? -0.237  -6.544  -33.295 1.00 21.65 ? 51  LEU A O     1 
ATOM   357  C  CB    . LEU A 1 53  ? -1.521  -9.239  -32.177 1.00 19.58 ? 51  LEU A CB    1 
ATOM   358  C  CG    . LEU A 1 53  ? -1.315  -10.759 -32.189 1.00 22.29 ? 51  LEU A CG    1 
ATOM   359  C  CD1   . LEU A 1 53  ? -2.644  -11.491 -32.295 1.00 24.22 ? 51  LEU A CD1   1 
ATOM   360  C  CD2   . LEU A 1 53  ? -0.372  -11.193 -33.306 1.00 23.74 ? 51  LEU A CD2   1 
ATOM   361  N  N     . ARG A 1 54  ? -1.092  -6.113  -31.253 1.00 18.61 ? 52  ARG A N     1 
ATOM   362  C  CA    . ARG A 1 54  ? -1.266  -4.679  -31.474 1.00 21.08 ? 52  ARG A CA    1 
ATOM   363  C  C     . ARG A 1 54  ? 0.076   -3.941  -31.421 1.00 20.43 ? 52  ARG A C     1 
ATOM   364  O  O     . ARG A 1 54  ? 0.264   -2.930  -32.104 1.00 21.80 ? 52  ARG A O     1 
ATOM   365  C  CB    . ARG A 1 54  ? -2.250  -4.107  -30.440 1.00 21.26 ? 52  ARG A CB    1 
ATOM   366  C  CG    . ARG A 1 54  ? -2.327  -2.578  -30.336 1.00 26.21 ? 52  ARG A CG    1 
ATOM   367  C  CD    . ARG A 1 54  ? -2.957  -1.937  -31.565 1.00 32.44 ? 52  ARG A CD    1 
ATOM   368  N  NE    . ARG A 1 54  ? -2.909  -0.476  -31.503 1.00 39.54 ? 52  ARG A NE    1 
ATOM   369  C  CZ    . ARG A 1 54  ? -1.889  0.270   -31.926 1.00 42.98 ? 52  ARG A CZ    1 
ATOM   370  N  NH1   . ARG A 1 54  ? -0.807  -0.296  -32.450 1.00 43.14 ? 52  ARG A NH1   1 
ATOM   371  N  NH2   . ARG A 1 54  ? -1.949  1.591   -31.822 1.00 44.35 ? 52  ARG A NH2   1 
ATOM   372  N  N     . HIS A 1 55  ? 1.008   -4.459  -30.624 1.00 19.49 ? 53  HIS A N     1 
ATOM   373  C  CA    . HIS A 1 55  ? 2.257   -3.753  -30.344 1.00 20.55 ? 53  HIS A CA    1 
ATOM   374  C  C     . HIS A 1 55  ? 3.528   -4.453  -30.839 1.00 21.74 ? 53  HIS A C     1 
ATOM   375  O  O     . HIS A 1 55  ? 4.566   -4.398  -30.176 1.00 23.52 ? 53  HIS A O     1 
ATOM   376  C  CB    . HIS A 1 55  ? 2.365   -3.442  -28.844 1.00 20.78 ? 53  HIS A CB    1 
ATOM   377  C  CG    . HIS A 1 55  ? 1.345   -2.461  -28.355 1.00 22.96 ? 53  HIS A CG    1 
ATOM   378  N  ND1   . HIS A 1 55  ? 1.450   -1.104  -28.580 1.00 25.55 ? 53  HIS A ND1   1 
ATOM   379  C  CD2   . HIS A 1 55  ? 0.199   -2.639  -27.655 1.00 23.76 ? 53  HIS A CD2   1 
ATOM   380  C  CE1   . HIS A 1 55  ? 0.412   -0.489  -28.041 1.00 25.00 ? 53  HIS A CE1   1 
ATOM   381  N  NE2   . HIS A 1 55  ? -0.362  -1.397  -27.474 1.00 24.04 ? 53  HIS A NE2   1 
ATOM   382  N  N     . GLY A 1 56  ? 3.451   -5.103  -31.999 1.00 21.39 ? 54  GLY A N     1 
ATOM   383  C  CA    . GLY A 1 56  ? 4.656   -5.623  -32.652 1.00 21.99 ? 54  GLY A CA    1 
ATOM   384  C  C     . GLY A 1 56  ? 4.664   -7.080  -33.079 1.00 21.71 ? 54  GLY A C     1 
ATOM   385  O  O     . GLY A 1 56  ? 5.461   -7.468  -33.937 1.00 21.51 ? 54  GLY A O     1 
ATOM   386  N  N     . GLY A 1 57  ? 3.798   -7.893  -32.480 1.00 20.37 ? 55  GLY A N     1 
ATOM   387  C  CA    . GLY A 1 57  ? 3.707   -9.308  -32.838 1.00 18.59 ? 55  GLY A CA    1 
ATOM   388  C  C     . GLY A 1 57  ? 3.589   -10.255 -31.657 1.00 19.68 ? 55  GLY A C     1 
ATOM   389  O  O     . GLY A 1 57  ? 3.783   -9.844  -30.511 1.00 18.53 ? 55  GLY A O     1 
ATOM   390  N  N     . PRO A 1 58  ? 3.291   -11.540 -31.933 1.00 19.83 ? 56  PRO A N     1 
ATOM   391  C  CA    . PRO A 1 58  ? 3.001   -12.545 -30.906 1.00 21.17 ? 56  PRO A CA    1 
ATOM   392  C  C     . PRO A 1 58  ? 4.186   -12.877 -29.998 1.00 21.27 ? 56  PRO A C     1 
ATOM   393  O  O     . PRO A 1 58  ? 3.980   -13.372 -28.888 1.00 21.72 ? 56  PRO A O     1 
ATOM   394  C  CB    . PRO A 1 58  ? 2.601   -13.778 -31.725 1.00 21.91 ? 56  PRO A CB    1 
ATOM   395  C  CG    . PRO A 1 58  ? 3.295   -13.604 -33.027 1.00 20.66 ? 56  PRO A CG    1 
ATOM   396  C  CD    . PRO A 1 58  ? 3.283   -12.126 -33.287 1.00 19.98 ? 56  PRO A CD    1 
ATOM   397  N  N     . GLN A 1 59  ? 5.405   -12.605 -30.463 1.00 20.28 ? 57  GLN A N     1 
ATOM   398  C  CA    . GLN A 1 59  ? 6.610   -12.853 -29.664 1.00 22.47 ? 57  GLN A CA    1 
ATOM   399  C  C     . GLN A 1 59  ? 6.701   -11.923 -28.449 1.00 21.82 ? 57  GLN A C     1 
ATOM   400  O  O     . GLN A 1 59  ? 7.465   -12.182 -27.516 1.00 22.04 ? 57  GLN A O     1 
ATOM   401  C  CB    . GLN A 1 59  ? 7.878   -12.744 -30.524 1.00 23.99 ? 57  GLN A CB    1 
ATOM   402  C  CG    . GLN A 1 59  ? 8.212   -11.336 -31.019 1.00 24.31 ? 57  GLN A CG    1 
ATOM   403  C  CD    . GLN A 1 59  ? 7.611   -11.009 -32.379 1.00 30.25 ? 57  GLN A CD    1 
ATOM   404  O  OE1   . GLN A 1 59  ? 6.488   -11.407 -32.701 1.00 26.08 ? 57  GLN A OE1   1 
ATOM   405  N  NE2   . GLN A 1 59  ? 8.362   -10.271 -33.182 1.00 31.22 ? 57  GLN A NE2   1 
ATOM   406  N  N     . TYR A 1 60  ? 5.917   -10.846 -28.470 1.00 18.92 ? 58  TYR A N     1 
ATOM   407  C  CA    . TYR A 1 60  ? 5.901   -9.882  -27.373 1.00 18.88 ? 58  TYR A CA    1 
ATOM   408  C  C     . TYR A 1 60  ? 4.883   -10.229 -26.278 1.00 17.38 ? 58  TYR A C     1 
ATOM   409  O  O     . TYR A 1 60  ? 4.720   -9.477  -25.313 1.00 17.43 ? 58  TYR A O     1 
ATOM   410  C  CB    . TYR A 1 60  ? 5.716   -8.456  -27.899 1.00 18.98 ? 58  TYR A CB    1 
ATOM   411  C  CG    . TYR A 1 60  ? 6.844   -8.016  -28.810 1.00 21.30 ? 58  TYR A CG    1 
ATOM   412  C  CD1   . TYR A 1 60  ? 6.600   -7.670  -30.139 1.00 22.65 ? 58  TYR A CD1   1 
ATOM   413  C  CD2   . TYR A 1 60  ? 8.162   -7.975  -28.349 1.00 20.09 ? 58  TYR A CD2   1 
ATOM   414  C  CE1   . TYR A 1 60  ? 7.638   -7.274  -30.980 1.00 22.95 ? 58  TYR A CE1   1 
ATOM   415  C  CE2   . TYR A 1 60  ? 9.204   -7.581  -29.179 1.00 23.61 ? 58  TYR A CE2   1 
ATOM   416  C  CZ    . TYR A 1 60  ? 8.937   -7.234  -30.492 1.00 25.38 ? 58  TYR A CZ    1 
ATOM   417  O  OH    . TYR A 1 60  ? 9.969   -6.843  -31.315 1.00 27.40 ? 58  TYR A OH    1 
ATOM   418  N  N     . CYS A 1 61  ? 4.200   -11.361 -26.440 1.00 17.31 ? 59  CYS A N     1 
ATOM   419  C  CA    . CYS A 1 61  ? 3.446   -11.951 -25.341 1.00 18.79 ? 59  CYS A CA    1 
ATOM   420  C  C     . CYS A 1 61  ? 4.435   -12.806 -24.567 1.00 18.04 ? 59  CYS A C     1 
ATOM   421  O  O     . CYS A 1 61  ? 4.675   -13.972 -24.897 1.00 17.75 ? 59  CYS A O     1 
ATOM   422  C  CB    . CYS A 1 61  ? 2.254   -12.777 -25.832 1.00 18.83 ? 59  CYS A CB    1 
ATOM   423  S  SG    . CYS A 1 61  ? 1.194   -13.394 -24.488 1.00 22.19 ? 59  CYS A SG    1 
ATOM   424  N  N     . ARG A 1 62  ? 5.032   -12.192 -23.549 1.00 17.18 ? 60  ARG A N     1 
ATOM   425  C  CA    . ARG A 1 62  ? 6.151   -12.778 -22.826 1.00 16.77 ? 60  ARG A CA    1 
ATOM   426  C  C     . ARG A 1 62  ? 6.287   -12.145 -21.449 1.00 17.65 ? 60  ARG A C     1 
ATOM   427  O  O     . ARG A 1 62  ? 5.806   -11.031 -21.217 1.00 16.43 ? 60  ARG A O     1 
ATOM   428  C  CB    . ARG A 1 62  ? 7.453   -12.574 -23.613 1.00 17.41 ? 60  ARG A CB    1 
ATOM   429  C  CG    . ARG A 1 62  ? 7.783   -11.111 -23.909 1.00 18.31 ? 60  ARG A CG    1 
ATOM   430  C  CD    . ARG A 1 62  ? 9.086   -10.965 -24.677 1.00 17.97 ? 60  ARG A CD    1 
ATOM   431  N  NE    . ARG A 1 62  ? 9.385   -9.562  -24.959 1.00 17.43 ? 60  ARG A NE    1 
ATOM   432  C  CZ    . ARG A 1 62  ? 10.504  -9.126  -25.536 1.00 22.26 ? 60  ARG A CZ    1 
ATOM   433  N  NH1   . ARG A 1 62  ? 11.452  -9.981  -25.899 1.00 23.18 ? 60  ARG A NH1   1 
ATOM   434  N  NH2   . ARG A 1 62  ? 10.675  -7.827  -25.748 1.00 18.24 ? 60  ARG A NH2   1 
ATOM   435  N  N     . SER A 1 63  ? 6.955   -12.856 -20.546 1.00 18.14 ? 61  SER A N     1 
ATOM   436  C  CA    . SER A 1 63  ? 7.282   -12.313 -19.234 1.00 19.21 ? 61  SER A CA    1 
ATOM   437  C  C     . SER A 1 63  ? 8.538   -11.442 -19.312 1.00 19.79 ? 61  SER A C     1 
ATOM   438  O  O     . SER A 1 63  ? 9.347   -11.579 -20.236 1.00 19.63 ? 61  SER A O     1 
ATOM   439  C  CB    . SER A 1 63  ? 7.474   -13.442 -18.220 1.00 20.80 ? 61  SER A CB    1 
ATOM   440  O  OG    . SER A 1 63  ? 8.573   -14.264 -18.572 1.00 26.47 ? 61  SER A OG    1 
ATOM   441  N  N     . ASP A 1 64  ? 8.682   -10.540 -18.347 1.00 17.94 ? 62  ASP A N     1 
ATOM   442  C  CA    . ASP A 1 64  ? 9.850   -9.670  -18.234 1.00 18.59 ? 62  ASP A CA    1 
ATOM   443  C  C     . ASP A 1 64  ? 10.144  -9.451  -16.749 1.00 18.77 ? 62  ASP A C     1 
ATOM   444  O  O     . ASP A 1 64  ? 9.214   -9.227  -15.974 1.00 18.02 ? 62  ASP A O     1 
ATOM   445  C  CB    . ASP A 1 64  ? 9.579   -8.330  -18.921 1.00 19.49 ? 62  ASP A CB    1 
ATOM   446  C  CG    . ASP A 1 64  ? 10.730  -7.355  -18.783 1.00 24.75 ? 62  ASP A CG    1 
ATOM   447  O  OD1   . ASP A 1 64  ? 11.665  -7.412  -19.610 1.00 25.07 ? 62  ASP A OD1   1 
ATOM   448  O  OD2   . ASP A 1 64  ? 10.693  -6.525  -17.852 1.00 23.06 ? 62  ASP A OD2   1 
ATOM   449  N  N     . PRO A 1 65  ? 11.433  -9.510  -16.349 1.00 18.57 ? 63  PRO A N     1 
ATOM   450  C  CA    . PRO A 1 65  ? 11.794  -9.372  -14.931 1.00 18.43 ? 63  PRO A CA    1 
ATOM   451  C  C     . PRO A 1 65  ? 11.338  -8.055  -14.296 1.00 16.49 ? 63  PRO A C     1 
ATOM   452  O  O     . PRO A 1 65  ? 10.906  -8.053  -13.139 1.00 14.71 ? 63  PRO A O     1 
ATOM   453  C  CB    . PRO A 1 65  ? 13.329  -9.449  -14.947 1.00 20.17 ? 63  PRO A CB    1 
ATOM   454  C  CG    . PRO A 1 65  ? 13.660  -10.173 -16.202 1.00 22.73 ? 63  PRO A CG    1 
ATOM   455  C  CD    . PRO A 1 65  ? 12.619  -9.758  -17.192 1.00 19.83 ? 63  PRO A CD    1 
ATOM   456  N  N     . ASP A 1 66  ? 11.430  -6.954  -15.040 1.00 16.00 ? 64  ASP A N     1 
ATOM   457  C  CA    . ASP A 1 66  ? 11.008  -5.646  -14.533 1.00 16.48 ? 64  ASP A CA    1 
ATOM   458  C  C     . ASP A 1 66  ? 9.488   -5.553  -14.381 1.00 15.82 ? 64  ASP A C     1 
ATOM   459  O  O     . ASP A 1 66  ? 8.992   -4.984  -13.407 1.00 14.77 ? 64  ASP A O     1 
ATOM   460  C  CB    . ASP A 1 66  ? 11.545  -4.511  -15.410 1.00 18.11 ? 64  ASP A CB    1 
ATOM   461  C  CG    . ASP A 1 66  ? 13.061  -4.357  -15.312 1.00 22.17 ? 64  ASP A CG    1 
ATOM   462  O  OD1   . ASP A 1 66  ? 13.640  -4.680  -14.252 1.00 22.88 ? 64  ASP A OD1   1 
ATOM   463  O  OD2   . ASP A 1 66  ? 13.671  -3.904  -16.301 1.00 25.59 ? 64  ASP A OD2   1 
ATOM   464  N  N     . VAL A 1 67  ? 8.759   -6.119  -15.342 1.00 14.35 ? 65  VAL A N     1 
ATOM   465  C  CA    . VAL A 1 67  ? 7.298   -6.211  -15.249 1.00 13.55 ? 65  VAL A CA    1 
ATOM   466  C  C     . VAL A 1 67  ? 6.891   -7.044  -14.028 1.00 14.15 ? 65  VAL A C     1 
ATOM   467  O  O     . VAL A 1 67  ? 6.020   -6.628  -13.257 1.00 14.58 ? 65  VAL A O     1 
ATOM   468  C  CB    . VAL A 1 67  ? 6.658   -6.791  -16.541 1.00 14.22 ? 65  VAL A CB    1 
ATOM   469  C  CG1   . VAL A 1 67  ? 5.147   -6.965  -16.368 1.00 13.19 ? 65  VAL A CG1   1 
ATOM   470  C  CG2   . VAL A 1 67  ? 6.948   -5.890  -17.744 1.00 15.19 ? 65  VAL A CG2   1 
ATOM   471  N  N     . GLU A 1 68  ? 7.530   -8.206  -13.856 1.00 14.43 ? 66  GLU A N     1 
ATOM   472  C  CA    A GLU A 1 68  ? 7.242   -9.087  -12.724 0.50 12.92 ? 66  GLU A CA    1 
ATOM   473  C  CA    B GLU A 1 68  ? 7.246   -9.090  -12.721 0.50 13.69 ? 66  GLU A CA    1 
ATOM   474  C  C     . GLU A 1 68  ? 7.527   -8.390  -11.392 1.00 12.97 ? 66  GLU A C     1 
ATOM   475  O  O     . GLU A 1 68  ? 6.779   -8.559  -10.425 1.00 11.93 ? 66  GLU A O     1 
ATOM   476  C  CB    A GLU A 1 68  ? 8.028   -10.398 -12.837 0.50 13.02 ? 66  GLU A CB    1 
ATOM   477  C  CB    B GLU A 1 68  ? 8.051   -10.392 -12.817 0.50 14.54 ? 66  GLU A CB    1 
ATOM   478  C  CG    A GLU A 1 68  ? 7.518   -11.338 -13.924 0.50 12.15 ? 66  GLU A CG    1 
ATOM   479  C  CG    B GLU A 1 68  ? 7.699   -11.277 -14.007 0.50 17.30 ? 66  GLU A CG    1 
ATOM   480  C  CD    A GLU A 1 68  ? 8.453   -12.505 -14.178 0.50 14.96 ? 66  GLU A CD    1 
ATOM   481  C  CD    B GLU A 1 68  ? 6.242   -11.696 -14.019 0.50 22.88 ? 66  GLU A CD    1 
ATOM   482  O  OE1   A GLU A 1 68  ? 9.624   -12.432 -13.756 0.50 15.42 ? 66  GLU A OE1   1 
ATOM   483  O  OE1   B GLU A 1 68  ? 5.656   -11.857 -12.928 0.50 25.03 ? 66  GLU A OE1   1 
ATOM   484  O  OE2   A GLU A 1 68  ? 8.018   -13.494 -14.806 0.50 15.55 ? 66  GLU A OE2   1 
ATOM   485  O  OE2   B GLU A 1 68  ? 5.684   -11.871 -15.123 0.50 27.69 ? 66  GLU A OE2   1 
ATOM   486  N  N     . ARG A 1 69  ? 8.607   -7.608  -11.354 1.00 12.23 ? 67  ARG A N     1 
ATOM   487  C  CA    . ARG A 1 69  ? 8.972   -6.815  -10.173 1.00 12.47 ? 67  ARG A CA    1 
ATOM   488  C  C     . ARG A 1 69  ? 7.883   -5.791  -9.835  1.00 12.69 ? 67  ARG A C     1 
ATOM   489  O  O     . ARG A 1 69  ? 7.499   -5.646  -8.669  1.00 11.63 ? 67  ARG A O     1 
ATOM   490  C  CB    . ARG A 1 69  ? 10.319  -6.113  -10.395 1.00 13.56 ? 67  ARG A CB    1 
ATOM   491  C  CG    . ARG A 1 69  ? 10.769  -5.197  -9.257  1.00 12.98 ? 67  ARG A CG    1 
ATOM   492  C  CD    . ARG A 1 69  ? 12.190  -4.677  -9.483  1.00 13.85 ? 67  ARG A CD    1 
ATOM   493  N  NE    . ARG A 1 69  ? 13.181  -5.752  -9.420  1.00 16.34 ? 67  ARG A NE    1 
ATOM   494  C  CZ    . ARG A 1 69  ? 13.783  -6.162  -8.307  1.00 17.23 ? 67  ARG A CZ    1 
ATOM   495  N  NH1   . ARG A 1 69  ? 13.513  -5.587  -7.140  1.00 15.14 ? 67  ARG A NH1   1 
ATOM   496  N  NH2   . ARG A 1 69  ? 14.663  -7.155  -8.360  1.00 14.71 ? 67  ARG A NH2   1 
ATOM   497  N  N     . CYS A 1 70  ? 7.392   -5.092  -10.858 1.00 12.47 ? 68  CYS A N     1 
ATOM   498  C  CA    . CYS A 1 70  ? 6.301   -4.124  -10.699 1.00 13.22 ? 68  CYS A CA    1 
ATOM   499  C  C     . CYS A 1 70  ? 5.047   -4.798  -10.149 1.00 11.94 ? 68  CYS A C     1 
ATOM   500  O  O     . CYS A 1 70  ? 4.391   -4.264  -9.251  1.00 10.94 ? 68  CYS A O     1 
ATOM   501  C  CB    . CYS A 1 70  ? 5.980   -3.439  -12.031 1.00 14.01 ? 68  CYS A CB    1 
ATOM   502  S  SG    . CYS A 1 70  ? 7.194   -2.212  -12.570 1.00 15.31 ? 68  CYS A SG    1 
ATOM   503  N  N     . LEU A 1 71  ? 4.730   -5.977  -10.689 1.00 12.22 ? 69  LEU A N     1 
ATOM   504  C  CA    . LEU A 1 71  ? 3.581   -6.759  -10.235 1.00 11.92 ? 69  LEU A CA    1 
ATOM   505  C  C     . LEU A 1 71  ? 3.720   -7.200  -8.780  1.00 10.44 ? 69  LEU A C     1 
ATOM   506  O  O     . LEU A 1 71  ? 2.739   -7.198  -8.039  1.00 10.18 ? 69  LEU A O     1 
ATOM   507  C  CB    . LEU A 1 71  ? 3.346   -7.973  -11.143 1.00 12.22 ? 69  LEU A CB    1 
ATOM   508  C  CG    . LEU A 1 71  ? 2.803   -7.689  -12.549 1.00 16.19 ? 69  LEU A CG    1 
ATOM   509  C  CD1   . LEU A 1 71  ? 2.916   -8.928  -13.421 1.00 15.85 ? 69  LEU A CD1   1 
ATOM   510  C  CD2   . LEU A 1 71  ? 1.359   -7.196  -12.497 1.00 16.61 ? 69  LEU A CD2   1 
ATOM   511  N  N     . ARG A 1 72  ? 4.935   -7.570  -8.375  1.00 9.52  ? 70  ARG A N     1 
ATOM   512  C  CA    . ARG A 1 72  ? 5.202   -7.949  -6.984  1.00 9.91  ? 70  ARG A CA    1 
ATOM   513  C  C     . ARG A 1 72  ? 5.019   -6.777  -6.020  1.00 10.45 ? 70  ARG A C     1 
ATOM   514  O  O     . ARG A 1 72  ? 4.474   -6.951  -4.927  1.00 11.82 ? 70  ARG A O     1 
ATOM   515  C  CB    . ARG A 1 72  ? 6.605   -8.551  -6.829  1.00 9.98  ? 70  ARG A CB    1 
ATOM   516  C  CG    . ARG A 1 72  ? 6.739   -9.966  -7.380  1.00 10.20 ? 70  ARG A CG    1 
ATOM   517  C  CD    . ARG A 1 72  ? 8.003   -10.668 -6.879  1.00 11.29 ? 70  ARG A CD    1 
ATOM   518  N  NE    . ARG A 1 72  ? 9.241   -9.989  -7.277  1.00 13.97 ? 70  ARG A NE    1 
ATOM   519  C  CZ    . ARG A 1 72  ? 9.818   -10.099 -8.473  1.00 15.25 ? 70  ARG A CZ    1 
ATOM   520  N  NH1   . ARG A 1 72  ? 9.276   -10.859 -9.418  1.00 13.26 ? 70  ARG A NH1   1 
ATOM   521  N  NH2   . ARG A 1 72  ? 10.939  -9.439  -8.726  1.00 15.65 ? 70  ARG A NH2   1 
ATOM   522  N  N     . ALA A 1 73  ? 5.469   -5.591  -6.427  1.00 10.04 ? 71  ALA A N     1 
ATOM   523  C  CA    . ALA A 1 73  ? 5.296   -4.385  -5.617  1.00 10.13 ? 71  ALA A CA    1 
ATOM   524  C  C     . ALA A 1 73  ? 3.812   -4.061  -5.462  1.00 10.70 ? 71  ALA A C     1 
ATOM   525  O  O     . ALA A 1 73  ? 3.345   -3.762  -4.359  1.00 9.91  ? 71  ALA A O     1 
ATOM   526  C  CB    . ALA A 1 73  ? 6.047   -3.212  -6.227  1.00 10.38 ? 71  ALA A CB    1 
ATOM   527  N  N     . HIS A 1 74  ? 3.078   -4.148  -6.569  1.00 9.73  ? 72  HIS A N     1 
ATOM   528  C  CA    . HIS A 1 74  ? 1.633   -3.916  -6.566  1.00 10.03 ? 72  HIS A CA    1 
ATOM   529  C  C     . HIS A 1 74  ? 0.909   -4.948  -5.695  1.00 10.67 ? 72  HIS A C     1 
ATOM   530  O  O     . HIS A 1 74  ? 0.015   -4.582  -4.921  1.00 11.85 ? 72  HIS A O     1 
ATOM   531  C  CB    . HIS A 1 74  ? 1.074   -3.930  -7.993  1.00 9.67  ? 72  HIS A CB    1 
ATOM   532  C  CG    . HIS A 1 74  ? -0.213  -3.174  -8.154  1.00 11.95 ? 72  HIS A CG    1 
ATOM   533  N  ND1   . HIS A 1 74  ? -0.695  -2.783  -9.386  1.00 11.38 ? 72  HIS A ND1   1 
ATOM   534  C  CD2   . HIS A 1 74  ? -1.110  -2.724  -7.242  1.00 13.03 ? 72  HIS A CD2   1 
ATOM   535  C  CE1   . HIS A 1 74  ? -1.838  -2.138  -9.227  1.00 9.64  ? 72  HIS A CE1   1 
ATOM   536  N  NE2   . HIS A 1 74  ? -2.111  -2.087  -7.936  1.00 12.01 ? 72  HIS A NE2   1 
ATOM   537  N  N     . ARG A 1 75  ? 1.292   -6.225  -5.807  1.00 9.60  ? 73  ARG A N     1 
ATOM   538  C  CA    A ARG A 1 75  ? 0.679   -7.266  -4.987  0.60 9.67  ? 73  ARG A CA    1 
ATOM   539  C  CA    B ARG A 1 75  ? 0.689   -7.279  -4.987  0.40 9.71  ? 73  ARG A CA    1 
ATOM   540  C  C     . ARG A 1 75  ? 0.962   -7.057  -3.499  1.00 9.90  ? 73  ARG A C     1 
ATOM   541  O  O     . ARG A 1 75  ? 0.058   -7.185  -2.669  1.00 10.08 ? 73  ARG A O     1 
ATOM   542  C  CB    A ARG A 1 75  ? 1.106   -8.672  -5.426  0.60 9.39  ? 73  ARG A CB    1 
ATOM   543  C  CB    B ARG A 1 75  ? 1.164   -8.674  -5.420  0.40 9.58  ? 73  ARG A CB    1 
ATOM   544  C  CG    A ARG A 1 75  ? 0.522   -9.750  -4.530  0.60 9.37  ? 73  ARG A CG    1 
ATOM   545  C  CG    B ARG A 1 75  ? 0.574   -9.812  -4.588  0.40 9.53  ? 73  ARG A CG    1 
ATOM   546  C  CD    A ARG A 1 75  ? 0.764   -11.153 -5.024  0.60 10.74 ? 73  ARG A CD    1 
ATOM   547  C  CD    B ARG A 1 75  ? 1.117   -11.171 -4.995  0.40 10.22 ? 73  ARG A CD    1 
ATOM   548  N  NE    A ARG A 1 75  ? 0.331   -12.107 -4.007  0.60 11.51 ? 73  ARG A NE    1 
ATOM   549  N  NE    B ARG A 1 75  ? 2.554   -11.134 -5.247  0.40 9.59  ? 73  ARG A NE    1 
ATOM   550  C  CZ    A ARG A 1 75  ? 0.093   -13.397 -4.225  0.60 11.13 ? 73  ARG A CZ    1 
ATOM   551  C  CZ    B ARG A 1 75  ? 3.485   -11.060 -4.302  0.40 11.02 ? 73  ARG A CZ    1 
ATOM   552  N  NH1   A ARG A 1 75  ? -0.298  -14.162 -3.220  0.60 13.92 ? 73  ARG A NH1   1 
ATOM   553  N  NH1   B ARG A 1 75  ? 4.768   -11.033 -4.638  0.40 9.05  ? 73  ARG A NH1   1 
ATOM   554  N  NH2   A ARG A 1 75  ? 0.239   -13.922 -5.435  0.60 13.90 ? 73  ARG A NH2   1 
ATOM   555  N  NH2   B ARG A 1 75  ? 3.138   -11.009 -3.022  0.40 6.68  ? 73  ARG A NH2   1 
ATOM   556  N  N     . ASN A 1 76  ? 2.208   -6.729  -3.160  1.00 8.29  ? 74  ASN A N     1 
ATOM   557  C  CA    . ASN A 1 76  ? 2.549   -6.472  -1.762  1.00 9.54  ? 74  ASN A CA    1 
ATOM   558  C  C     . ASN A 1 76  ? 1.748   -5.300  -1.190  1.00 10.11 ? 74  ASN A C     1 
ATOM   559  O  O     . ASN A 1 76  ? 1.314   -5.348  -0.037  1.00 11.06 ? 74  ASN A O     1 
ATOM   560  C  CB    . ASN A 1 76  ? 4.055   -6.262  -1.572  1.00 9.78  ? 74  ASN A CB    1 
ATOM   561  C  CG    . ASN A 1 76  ? 4.461   -6.304  -0.110  1.00 10.92 ? 74  ASN A CG    1 
ATOM   562  O  OD1   . ASN A 1 76  ? 4.389   -5.297  0.595   1.00 10.87 ? 74  ASN A OD1   1 
ATOM   563  N  ND2   . ASN A 1 76  ? 4.880   -7.477  0.354   1.00 10.85 ? 74  ASN A ND2   1 
ATOM   564  N  N     . ASP A 1 77  ? 1.543   -4.270  -2.010  1.00 9.21  ? 75  ASP A N     1 
ATOM   565  C  CA    . ASP A 1 77  ? 0.645   -3.159  -1.674  1.00 10.35 ? 75  ASP A CA    1 
ATOM   566  C  C     . ASP A 1 77  ? -0.761  -3.670  -1.331  1.00 10.44 ? 75  ASP A C     1 
ATOM   567  O  O     . ASP A 1 77  ? -1.344  -3.264  -0.328  1.00 11.70 ? 75  ASP A O     1 
ATOM   568  C  CB    . ASP A 1 77  ? 0.537   -2.171  -2.839  1.00 10.45 ? 75  ASP A CB    1 
ATOM   569  C  CG    . ASP A 1 77  ? 1.752   -1.262  -2.983  1.00 13.48 ? 75  ASP A CG    1 
ATOM   570  O  OD1   . ASP A 1 77  ? 2.711   -1.349  -2.185  1.00 12.79 ? 75  ASP A OD1   1 
ATOM   571  O  OD2   . ASP A 1 77  ? 1.732   -0.443  -3.924  1.00 13.68 ? 75  ASP A OD2   1 
ATOM   572  N  N     . MET A 1 78  ? -1.297  -4.566  -2.161  1.00 10.35 ? 76  MET A N     1 
ATOM   573  C  CA    . MET A 1 78  ? -2.624  -5.149  -1.915  1.00 9.26  ? 76  MET A CA    1 
ATOM   574  C  C     . MET A 1 78  ? -2.663  -5.987  -0.633  1.00 9.44  ? 76  MET A C     1 
ATOM   575  O  O     . MET A 1 78  ? -3.692  -6.052  0.048   1.00 10.01 ? 76  MET A O     1 
ATOM   576  C  CB    . MET A 1 78  ? -3.094  -5.979  -3.115  1.00 12.42 ? 76  MET A CB    1 
ATOM   577  C  CG    . MET A 1 78  ? -3.313  -5.162  -4.385  1.00 10.77 ? 76  MET A CG    1 
ATOM   578  S  SD    . MET A 1 78  ? -4.331  -6.002  -5.616  1.00 14.16 ? 76  MET A SD    1 
ATOM   579  C  CE    . MET A 1 78  ? -3.149  -7.172  -6.284  1.00 19.76 ? 76  MET A CE    1 
ATOM   580  N  N     . GLU A 1 79  ? -1.532  -6.608  -0.302  1.00 8.28  ? 77  GLU A N     1 
ATOM   581  C  CA    . GLU A 1 79  ? -1.415  -7.423  0.908   1.00 9.19  ? 77  GLU A CA    1 
ATOM   582  C  C     . GLU A 1 79  ? -1.290  -6.594  2.192   1.00 9.83  ? 77  GLU A C     1 
ATOM   583  O  O     . GLU A 1 79  ? -1.425  -7.134  3.291   1.00 10.27 ? 77  GLU A O     1 
ATOM   584  C  CB    . GLU A 1 79  ? -0.227  -8.397  0.785   1.00 10.27 ? 77  GLU A CB    1 
ATOM   585  C  CG    . GLU A 1 79  ? -0.416  -9.470  -0.293  1.00 10.02 ? 77  GLU A CG    1 
ATOM   586  C  CD    . GLU A 1 79  ? 0.822   -10.325 -0.543  1.00 14.92 ? 77  GLU A CD    1 
ATOM   587  O  OE1   . GLU A 1 79  ? 1.885   -10.066 0.060   1.00 12.15 ? 77  GLU A OE1   1 
ATOM   588  O  OE2   . GLU A 1 79  ? 0.724   -11.271 -1.355  1.00 14.35 ? 77  GLU A OE2   1 
ATOM   589  N  N     . THR A 1 80  ? -1.042  -5.290  2.057   1.00 9.74  ? 78  THR A N     1 
ATOM   590  C  CA    . THR A 1 80  ? -0.724  -4.448  3.218   1.00 11.01 ? 78  THR A CA    1 
ATOM   591  C  C     . THR A 1 80  ? -1.553  -3.169  3.320   1.00 10.30 ? 78  THR A C     1 
ATOM   592  O  O     . THR A 1 80  ? -2.071  -2.848  4.394   1.00 10.96 ? 78  THR A O     1 
ATOM   593  C  CB    . THR A 1 80  ? 0.771   -4.049  3.245   1.00 11.65 ? 78  THR A CB    1 
ATOM   594  O  OG1   . THR A 1 80  ? 1.128   -3.441  1.998   1.00 11.47 ? 78  THR A OG1   1 
ATOM   595  C  CG2   . THR A 1 80  ? 1.652   -5.265  3.495   1.00 11.79 ? 78  THR A CG2   1 
ATOM   596  N  N     . ILE A 1 81  ? -1.666  -2.443  2.211   1.00 10.03 ? 79  ILE A N     1 
ATOM   597  C  CA    . ILE A 1 81  ? -2.397  -1.170  2.185   1.00 10.12 ? 79  ILE A CA    1 
ATOM   598  C  C     . ILE A 1 81  ? -3.910  -1.384  2.312   1.00 10.94 ? 79  ILE A C     1 
ATOM   599  O  O     . ILE A 1 81  ? -4.583  -0.641  3.023   1.00 9.60  ? 79  ILE A O     1 
ATOM   600  C  CB    . ILE A 1 81  ? -2.041  -0.321  0.931   1.00 10.43 ? 79  ILE A CB    1 
ATOM   601  C  CG1   . ILE A 1 81  ? -0.559  0.088   0.970   1.00 12.82 ? 79  ILE A CG1   1 
ATOM   602  C  CG2   . ILE A 1 81  ? -2.943  0.916   0.824   1.00 11.27 ? 79  ILE A CG2   1 
ATOM   603  C  CD1   . ILE A 1 81  ? -0.028  0.686   -0.331  1.00 12.55 ? 79  ILE A CD1   1 
ATOM   604  N  N     . TYR A 1 82  ? -4.441  -2.403  1.637   1.00 11.07 ? 80  TYR A N     1 
ATOM   605  C  CA    . TYR A 1 82  ? -5.875  -2.701  1.744   1.00 11.14 ? 80  TYR A CA    1 
ATOM   606  C  C     . TYR A 1 82  ? -6.321  -2.989  3.191   1.00 11.98 ? 80  TYR A C     1 
ATOM   607  O  O     . TYR A 1 82  ? -7.329  -2.432  3.631   1.00 12.51 ? 80  TYR A O     1 
ATOM   608  C  CB    . TYR A 1 82  ? -6.315  -3.820  0.783   1.00 10.78 ? 80  TYR A CB    1 
ATOM   609  C  CG    . TYR A 1 82  ? -6.243  -3.479  -0.696  1.00 9.87  ? 80  TYR A CG    1 
ATOM   610  C  CD1   . TYR A 1 82  ? -6.108  -2.159  -1.138  1.00 9.50  ? 80  TYR A CD1   1 
ATOM   611  C  CD2   . TYR A 1 82  ? -6.350  -4.483  -1.658  1.00 10.40 ? 80  TYR A CD2   1 
ATOM   612  C  CE1   . TYR A 1 82  ? -6.052  -1.857  -2.500  1.00 9.15  ? 80  TYR A CE1   1 
ATOM   613  C  CE2   . TYR A 1 82  ? -6.297  -4.192  -3.015  1.00 8.47  ? 80  TYR A CE2   1 
ATOM   614  C  CZ    . TYR A 1 82  ? -6.147  -2.880  -3.429  1.00 9.57  ? 80  TYR A CZ    1 
ATOM   615  O  OH    . TYR A 1 82  ? -6.093  -2.599  -4.776  1.00 11.33 ? 80  TYR A OH    1 
ATOM   616  N  N     . PRO A 1 83  ? -5.581  -3.850  3.932   1.00 11.85 ? 81  PRO A N     1 
ATOM   617  C  CA    . PRO A 1 83  ? -5.893  -4.023  5.359   1.00 12.71 ? 81  PRO A CA    1 
ATOM   618  C  C     . PRO A 1 83  ? -5.827  -2.721  6.164   1.00 11.96 ? 81  PRO A C     1 
ATOM   619  O  O     . PRO A 1 83  ? -6.666  -2.503  7.038   1.00 10.95 ? 81  PRO A O     1 
ATOM   620  C  CB    . PRO A 1 83  ? -4.809  -4.993  5.839   1.00 13.39 ? 81  PRO A CB    1 
ATOM   621  C  CG    . PRO A 1 83  ? -4.476  -5.793  4.641   1.00 13.70 ? 81  PRO A CG    1 
ATOM   622  C  CD    . PRO A 1 83  ? -4.608  -4.861  3.469   1.00 11.54 ? 81  PRO A CD    1 
ATOM   623  N  N     . PHE A 1 84  ? -4.843  -1.871  5.869   1.00 10.86 ? 82  PHE A N     1 
ATOM   624  C  CA    . PHE A 1 84  ? -4.726  -0.563  6.524   1.00 11.81 ? 82  PHE A CA    1 
ATOM   625  C  C     . PHE A 1 84  ? -5.959  0.314   6.289   1.00 11.56 ? 82  PHE A C     1 
ATOM   626  O  O     . PHE A 1 84  ? -6.404  1.012   7.200   1.00 12.75 ? 82  PHE A O     1 
ATOM   627  C  CB    . PHE A 1 84  ? -3.461  0.160   6.055   1.00 10.80 ? 82  PHE A CB    1 
ATOM   628  C  CG    . PHE A 1 84  ? -3.330  1.571   6.571   1.00 10.07 ? 82  PHE A CG    1 
ATOM   629  C  CD1   . PHE A 1 84  ? -3.714  2.652   5.782   1.00 13.87 ? 82  PHE A CD1   1 
ATOM   630  C  CD2   . PHE A 1 84  ? -2.805  1.817   7.838   1.00 11.51 ? 82  PHE A CD2   1 
ATOM   631  C  CE1   . PHE A 1 84  ? -3.588  3.961   6.251   1.00 14.20 ? 82  PHE A CE1   1 
ATOM   632  C  CE2   . PHE A 1 84  ? -2.671  3.122   8.315   1.00 13.84 ? 82  PHE A CE2   1 
ATOM   633  C  CZ    . PHE A 1 84  ? -3.064  4.195   7.520   1.00 13.87 ? 82  PHE A CZ    1 
ATOM   634  N  N     . LEU A 1 85  ? -6.496  0.279   5.070   1.00 10.87 ? 83  LEU A N     1 
ATOM   635  C  CA    . LEU A 1 85  ? -7.716  1.021   4.735   1.00 11.05 ? 83  LEU A CA    1 
ATOM   636  C  C     . LEU A 1 85  ? -8.870  0.658   5.664   1.00 12.72 ? 83  LEU A C     1 
ATOM   637  O  O     . LEU A 1 85  ? -9.641  1.527   6.071   1.00 13.84 ? 83  LEU A O     1 
ATOM   638  C  CB    . LEU A 1 85  ? -8.127  0.794   3.274   1.00 11.66 ? 83  LEU A CB    1 
ATOM   639  C  CG    . LEU A 1 85  ? -7.164  1.210   2.156   1.00 13.06 ? 83  LEU A CG    1 
ATOM   640  C  CD1   . LEU A 1 85  ? -7.749  0.868   0.792   1.00 13.53 ? 83  LEU A CD1   1 
ATOM   641  C  CD2   . LEU A 1 85  ? -6.827  2.691   2.233   1.00 14.86 ? 83  LEU A CD2   1 
ATOM   642  N  N     . PHE A 1 86  ? -8.983  -0.626  5.995   1.00 10.50 ? 84  PHE A N     1 
ATOM   643  C  CA    . PHE A 1 86  ? -10.005 -1.097  6.919   1.00 11.38 ? 84  PHE A CA    1 
ATOM   644  C  C     . PHE A 1 86  ? -9.654  -0.767  8.370   1.00 11.45 ? 84  PHE A C     1 
ATOM   645  O  O     . PHE A 1 86  ? -10.455 -0.157  9.083   1.00 13.38 ? 84  PHE A O     1 
ATOM   646  C  CB    . PHE A 1 86  ? -10.226 -2.607  6.759   1.00 10.94 ? 84  PHE A CB    1 
ATOM   647  C  CG    . PHE A 1 86  ? -11.189 -3.183  7.756   1.00 13.34 ? 84  PHE A CG    1 
ATOM   648  C  CD1   . PHE A 1 86  ? -12.562 -3.008  7.594   1.00 13.59 ? 84  PHE A CD1   1 
ATOM   649  C  CD2   . PHE A 1 86  ? -10.729 -3.892  8.860   1.00 13.60 ? 84  PHE A CD2   1 
ATOM   650  C  CE1   . PHE A 1 86  ? -13.462 -3.533  8.516   1.00 18.11 ? 84  PHE A CE1   1 
ATOM   651  C  CE2   . PHE A 1 86  ? -11.623 -4.420  9.791   1.00 17.90 ? 84  PHE A CE2   1 
ATOM   652  C  CZ    . PHE A 1 86  ? -12.992 -4.238  9.615   1.00 15.33 ? 84  PHE A CZ    1 
ATOM   653  N  N     . LEU A 1 87  ? -8.457  -1.171  8.795   1.00 10.82 ? 85  LEU A N     1 
ATOM   654  C  CA    . LEU A 1 87  ? -8.024  -1.023  10.185  1.00 11.71 ? 85  LEU A CA    1 
ATOM   655  C  C     . LEU A 1 87  ? -7.939  0.438   10.622  1.00 13.48 ? 85  LEU A C     1 
ATOM   656  O  O     . LEU A 1 87  ? -8.406  0.791   11.706  1.00 13.79 ? 85  LEU A O     1 
ATOM   657  C  CB    . LEU A 1 87  ? -6.669  -1.707  10.409  1.00 11.68 ? 85  LEU A CB    1 
ATOM   658  C  CG    . LEU A 1 87  ? -6.565  -3.232  10.272  1.00 11.73 ? 85  LEU A CG    1 
ATOM   659  C  CD1   . LEU A 1 87  ? -5.108  -3.657  10.343  1.00 11.41 ? 85  LEU A CD1   1 
ATOM   660  C  CD2   . LEU A 1 87  ? -7.388  -3.959  11.326  1.00 13.15 ? 85  LEU A CD2   1 
ATOM   661  N  N     . GLY A 1 88  ? -7.345  1.277   9.775   1.00 13.04 ? 86  GLY A N     1 
ATOM   662  C  CA    . GLY A 1 88  ? -7.167  2.696   10.085  1.00 12.79 ? 86  GLY A CA    1 
ATOM   663  C  C     . GLY A 1 88  ? -8.476  3.459   10.164  1.00 14.84 ? 86  GLY A C     1 
ATOM   664  O  O     . GLY A 1 88  ? -8.614  4.390   10.965  1.00 15.52 ? 86  GLY A O     1 
ATOM   665  N  N     . PHE A 1 89  ? -9.436  3.066   9.329   1.00 12.80 ? 87  PHE A N     1 
ATOM   666  C  CA    . PHE A 1 89  ? -10.767 3.676   9.330   1.00 14.78 ? 87  PHE A CA    1 
ATOM   667  C  C     . PHE A 1 89  ? -11.499 3.402   10.643  1.00 15.02 ? 87  PHE A C     1 
ATOM   668  O  O     . PHE A 1 89  ? -12.003 4.328   11.283  1.00 14.68 ? 87  PHE A O     1 
ATOM   669  C  CB    . PHE A 1 89  ? -11.592 3.189   8.135   1.00 15.86 ? 87  PHE A CB    1 
ATOM   670  C  CG    . PHE A 1 89  ? -12.945 3.841   8.023   1.00 21.54 ? 87  PHE A CG    1 
ATOM   671  C  CD1   . PHE A 1 89  ? -14.097 3.150   8.393   1.00 24.80 ? 87  PHE A CD1   1 
ATOM   672  C  CD2   . PHE A 1 89  ? -13.067 5.150   7.561   1.00 25.74 ? 87  PHE A CD2   1 
ATOM   673  C  CE1   . PHE A 1 89  ? -15.352 3.748   8.297   1.00 27.94 ? 87  PHE A CE1   1 
ATOM   674  C  CE2   . PHE A 1 89  ? -14.319 5.758   7.459   1.00 27.89 ? 87  PHE A CE2   1 
ATOM   675  C  CZ    . PHE A 1 89  ? -15.464 5.054   7.828   1.00 28.65 ? 87  PHE A CZ    1 
ATOM   676  N  N     . VAL A 1 90  ? -11.539 2.131   11.041  1.00 12.44 ? 88  VAL A N     1 
ATOM   677  C  CA    . VAL A 1 90  ? -12.169 1.715   12.298  1.00 13.91 ? 88  VAL A CA    1 
ATOM   678  C  C     . VAL A 1 90  ? -11.454 2.341   13.500  1.00 14.83 ? 88  VAL A C     1 
ATOM   679  O  O     . VAL A 1 90  ? -12.101 2.876   14.405  1.00 16.64 ? 88  VAL A O     1 
ATOM   680  C  CB    . VAL A 1 90  ? -12.204 0.167   12.432  1.00 12.65 ? 88  VAL A CB    1 
ATOM   681  C  CG1   . VAL A 1 90  ? -12.783 -0.260  13.784  1.00 14.19 ? 88  VAL A CG1   1 
ATOM   682  C  CG2   . VAL A 1 90  ? -13.003 -0.451  11.290  1.00 14.11 ? 88  VAL A CG2   1 
ATOM   683  N  N     . TYR A 1 91  ? -10.122 2.275   13.484  1.00 14.22 ? 89  TYR A N     1 
ATOM   684  C  CA    . TYR A 1 91  ? -9.272  2.833   14.541  1.00 14.79 ? 89  TYR A CA    1 
ATOM   685  C  C     . TYR A 1 91  ? -9.522  4.329   14.762  1.00 15.17 ? 89  TYR A C     1 
ATOM   686  O  O     . TYR A 1 91  ? -9.510  4.802   15.900  1.00 16.61 ? 89  TYR A O     1 
ATOM   687  C  CB    . TYR A 1 91  ? -7.799  2.560   14.208  1.00 14.40 ? 89  TYR A CB    1 
ATOM   688  C  CG    . TYR A 1 91  ? -6.773  3.266   15.066  1.00 16.88 ? 89  TYR A CG    1 
ATOM   689  C  CD1   . TYR A 1 91  ? -6.488  2.825   16.362  1.00 20.21 ? 89  TYR A CD1   1 
ATOM   690  C  CD2   . TYR A 1 91  ? -6.062  4.358   14.572  1.00 18.10 ? 89  TYR A CD2   1 
ATOM   691  C  CE1   . TYR A 1 91  ? -5.532  3.469   17.146  1.00 20.98 ? 89  TYR A CE1   1 
ATOM   692  C  CE2   . TYR A 1 91  ? -5.106  5.004   15.343  1.00 22.70 ? 89  TYR A CE2   1 
ATOM   693  C  CZ    . TYR A 1 91  ? -4.848  4.556   16.628  1.00 21.21 ? 89  TYR A CZ    1 
ATOM   694  O  OH    . TYR A 1 91  ? -3.900  5.202   17.390  1.00 23.48 ? 89  TYR A OH    1 
ATOM   695  N  N     . SER A 1 92  ? -9.762  5.057   13.672  1.00 14.41 ? 90  SER A N     1 
ATOM   696  C  CA    . SER A 1 92  ? -10.066 6.491   13.735  1.00 16.34 ? 90  SER A CA    1 
ATOM   697  C  C     . SER A 1 92  ? -11.281 6.817   14.614  1.00 20.39 ? 90  SER A C     1 
ATOM   698  O  O     . SER A 1 92  ? -11.360 7.909   15.180  1.00 21.31 ? 90  SER A O     1 
ATOM   699  C  CB    . SER A 1 92  ? -10.271 7.057   12.329  1.00 15.98 ? 90  SER A CB    1 
ATOM   700  O  OG    . SER A 1 92  ? -9.060  7.032   11.598  1.00 17.11 ? 90  SER A OG    1 
ATOM   701  N  N     . PHE A 1 93  ? -12.212 5.871   14.728  1.00 20.75 ? 91  PHE A N     1 
ATOM   702  C  CA    . PHE A 1 93  ? -13.443 6.072   15.501  1.00 24.29 ? 91  PHE A CA    1 
ATOM   703  C  C     . PHE A 1 93  ? -13.392 5.525   16.934  1.00 26.97 ? 91  PHE A C     1 
ATOM   704  O  O     . PHE A 1 93  ? -14.395 5.573   17.654  1.00 28.50 ? 91  PHE A O     1 
ATOM   705  C  CB    . PHE A 1 93  ? -14.646 5.489   14.752  1.00 23.40 ? 91  PHE A CB    1 
ATOM   706  C  CG    . PHE A 1 93  ? -15.015 6.248   13.508  1.00 27.13 ? 91  PHE A CG    1 
ATOM   707  C  CD1   . PHE A 1 93  ? -15.801 7.395   13.584  1.00 28.04 ? 91  PHE A CD1   1 
ATOM   708  C  CD2   . PHE A 1 93  ? -14.579 5.818   12.260  1.00 25.57 ? 91  PHE A CD2   1 
ATOM   709  C  CE1   . PHE A 1 93  ? -16.143 8.103   12.434  1.00 29.16 ? 91  PHE A CE1   1 
ATOM   710  C  CE2   . PHE A 1 93  ? -14.917 6.519   11.105  1.00 28.73 ? 91  PHE A CE2   1 
ATOM   711  C  CZ    . PHE A 1 93  ? -15.701 7.663   11.192  1.00 27.44 ? 91  PHE A CZ    1 
ATOM   712  N  N     . LEU A 1 94  ? -12.231 5.021   17.351  1.00 27.49 ? 92  LEU A N     1 
ATOM   713  C  CA    . LEU A 1 94  ? -12.082 4.433   18.688  1.00 29.58 ? 92  LEU A CA    1 
ATOM   714  C  C     . LEU A 1 94  ? -11.567 5.431   19.730  1.00 30.25 ? 92  LEU A C     1 
ATOM   715  O  O     . LEU A 1 94  ? -11.160 5.040   20.829  1.00 30.91 ? 92  LEU A O     1 
ATOM   716  C  CB    . LEU A 1 94  ? -11.173 3.197   18.645  1.00 28.87 ? 92  LEU A CB    1 
ATOM   717  C  CG    . LEU A 1 94  ? -11.482 2.048   17.678  1.00 30.57 ? 92  LEU A CG    1 
ATOM   718  C  CD1   . LEU A 1 94  ? -10.457 0.940   17.857  1.00 30.88 ? 92  LEU A CD1   1 
ATOM   719  C  CD2   . LEU A 1 94  ? -12.896 1.506   17.852  1.00 30.61 ? 92  LEU A CD2   1 
ATOM   720  N  N     . GLY A 1 95  ? -11.588 6.714   19.378  1.00 31.04 ? 93  GLY A N     1 
ATOM   721  C  CA    . GLY A 1 95  ? -11.106 7.784   20.253  1.00 31.67 ? 93  GLY A CA    1 
ATOM   722  C  C     . GLY A 1 95  ? -9.654  7.670   20.690  1.00 31.80 ? 93  GLY A C     1 
ATOM   723  O  O     . GLY A 1 95  ? -9.358  7.831   21.877  1.00 31.72 ? 93  GLY A O     1 
ATOM   724  N  N     . PRO A 1 96  ? -8.731  7.395   19.743  1.00 31.53 ? 94  PRO A N     1 
ATOM   725  C  CA    . PRO A 1 96  ? -7.330  7.325   20.154  1.00 31.02 ? 94  PRO A CA    1 
ATOM   726  C  C     . PRO A 1 96  ? -6.739  8.719   20.342  1.00 31.38 ? 94  PRO A C     1 
ATOM   727  O  O     . PRO A 1 96  ? -7.300  9.698   19.840  1.00 30.33 ? 94  PRO A O     1 
ATOM   728  C  CB    . PRO A 1 96  ? -6.657  6.618   18.976  1.00 31.06 ? 94  PRO A CB    1 
ATOM   729  C  CG    . PRO A 1 96  ? -7.474  7.006   17.795  1.00 31.60 ? 94  PRO A CG    1 
ATOM   730  C  CD    . PRO A 1 96  ? -8.887  7.187   18.288  1.00 30.87 ? 94  PRO A CD    1 
ATOM   731  N  N     . ASN A 1 97  ? -5.628  8.805   21.069  1.00 32.83 ? 95  ASN A N     1 
ATOM   732  C  CA    . ASN A 1 97  ? -4.884  10.054  21.184  1.00 34.10 ? 95  ASN A CA    1 
ATOM   733  C  C     . ASN A 1 97  ? -4.498  10.545  19.785  1.00 34.64 ? 95  ASN A C     1 
ATOM   734  O  O     . ASN A 1 97  ? -3.903  9.789   19.013  1.00 33.76 ? 95  ASN A O     1 
ATOM   735  C  CB    . ASN A 1 97  ? -3.645  9.862   22.064  1.00 34.13 ? 95  ASN A CB    1 
ATOM   736  C  CG    . ASN A 1 97  ? -2.832  11.135  22.224  1.00 36.97 ? 95  ASN A CG    1 
ATOM   737  O  OD1   . ASN A 1 97  ? -2.057  11.509  21.341  1.00 37.57 ? 95  ASN A OD1   1 
ATOM   738  N  ND2   . ASN A 1 97  ? -2.992  11.798  23.363  1.00 39.77 ? 95  ASN A ND2   1 
ATOM   739  N  N     . PRO A 1 98  ? -4.856  11.803  19.453  1.00 35.15 ? 96  PRO A N     1 
ATOM   740  C  CA    . PRO A 1 98  ? -4.652  12.370  18.114  1.00 34.85 ? 96  PRO A CA    1 
ATOM   741  C  C     . PRO A 1 98  ? -3.208  12.283  17.619  1.00 34.65 ? 96  PRO A C     1 
ATOM   742  O  O     . PRO A 1 98  ? -2.983  11.934  16.457  1.00 33.59 ? 96  PRO A O     1 
ATOM   743  C  CB    . PRO A 1 98  ? -5.073  13.833  18.286  1.00 35.74 ? 96  PRO A CB    1 
ATOM   744  C  CG    . PRO A 1 98  ? -6.040  13.810  19.416  1.00 36.24 ? 96  PRO A CG    1 
ATOM   745  C  CD    . PRO A 1 98  ? -5.514  12.768  20.355  1.00 35.83 ? 96  PRO A CD    1 
ATOM   746  N  N     . PHE A 1 99  ? -2.248  12.589  18.491  1.00 33.66 ? 97  PHE A N     1 
ATOM   747  C  CA    . PHE A 1 99  ? -0.829  12.504  18.145  1.00 32.85 ? 97  PHE A CA    1 
ATOM   748  C  C     . PHE A 1 99  ? -0.381  11.056  17.937  1.00 30.56 ? 97  PHE A C     1 
ATOM   749  O  O     . PHE A 1 99  ? 0.383   10.766  17.013  1.00 29.47 ? 97  PHE A O     1 
ATOM   750  C  CB    . PHE A 1 99  ? 0.043   13.187  19.207  1.00 34.22 ? 97  PHE A CB    1 
ATOM   751  C  CG    . PHE A 1 99  ? 1.520   13.117  18.920  1.00 37.58 ? 97  PHE A CG    1 
ATOM   752  C  CD1   . PHE A 1 99  ? 2.096   13.943  17.957  1.00 41.13 ? 97  PHE A CD1   1 
ATOM   753  C  CD2   . PHE A 1 99  ? 2.335   12.223  19.608  1.00 40.83 ? 97  PHE A CD2   1 
ATOM   754  C  CE1   . PHE A 1 99  ? 3.462   13.879  17.684  1.00 41.21 ? 97  PHE A CE1   1 
ATOM   755  C  CE2   . PHE A 1 99  ? 3.702   12.151  19.343  1.00 41.99 ? 97  PHE A CE2   1 
ATOM   756  C  CZ    . PHE A 1 99  ? 4.266   12.981  18.380  1.00 42.77 ? 97  PHE A CZ    1 
ATOM   757  N  N     . VAL A 1 100 ? -0.859  10.161  18.800  1.00 27.60 ? 98  VAL A N     1 
ATOM   758  C  CA    . VAL A 1 100 ? -0.556  8.731   18.694  1.00 26.14 ? 98  VAL A CA    1 
ATOM   759  C  C     . VAL A 1 100 ? -1.122  8.159   17.389  1.00 24.32 ? 98  VAL A C     1 
ATOM   760  O  O     . VAL A 1 100 ? -0.444  7.396   16.696  1.00 21.82 ? 98  VAL A O     1 
ATOM   761  C  CB    . VAL A 1 100 ? -1.067  7.939   19.930  1.00 26.65 ? 98  VAL A CB    1 
ATOM   762  C  CG1   . VAL A 1 100 ? -0.880  6.437   19.741  1.00 26.72 ? 98  VAL A CG1   1 
ATOM   763  C  CG2   . VAL A 1 100 ? -0.346  8.399   21.200  1.00 28.49 ? 98  VAL A CG2   1 
ATOM   764  N  N     . ALA A 1 101 ? -2.353  8.549   17.056  1.00 22.83 ? 99  ALA A N     1 
ATOM   765  C  CA    . ALA A 1 101 ? -2.993  8.148   15.801  1.00 22.77 ? 99  ALA A CA    1 
ATOM   766  C  C     . ALA A 1 101 ? -2.219  8.668   14.589  1.00 22.55 ? 99  ALA A C     1 
ATOM   767  O  O     . ALA A 1 101 ? -1.939  7.908   13.660  1.00 19.62 ? 99  ALA A O     1 
ATOM   768  C  CB    . ALA A 1 101 ? -4.441  8.620   15.760  1.00 22.11 ? 99  ALA A CB    1 
ATOM   769  N  N     . TRP A 1 102 ? -1.871  9.958   14.615  1.00 21.62 ? 100 TRP A N     1 
ATOM   770  C  CA    . TRP A 1 102 ? -1.013  10.576  13.598  1.00 22.94 ? 100 TRP A CA    1 
ATOM   771  C  C     . TRP A 1 102 ? 0.256   9.766   13.345  1.00 21.53 ? 100 TRP A C     1 
ATOM   772  O  O     . TRP A 1 102 ? 0.620   9.519   12.194  1.00 21.41 ? 100 TRP A O     1 
ATOM   773  C  CB    . TRP A 1 102 ? -0.617  11.999  14.013  1.00 24.78 ? 100 TRP A CB    1 
ATOM   774  C  CG    . TRP A 1 102 ? -1.315  13.102  13.272  0.65 28.92 ? 100 TRP A CG    1 
ATOM   775  C  CD1   . TRP A 1 102 ? -2.177  14.023  13.797  0.65 31.92 ? 100 TRP A CD1   1 
ATOM   776  C  CD2   . TRP A 1 102 ? -1.189  13.420  11.878  0.65 31.74 ? 100 TRP A CD2   1 
ATOM   777  N  NE1   . TRP A 1 102 ? -2.603  14.888  12.817  0.65 31.87 ? 100 TRP A NE1   1 
ATOM   778  C  CE2   . TRP A 1 102 ? -2.011  14.541  11.630  0.65 31.98 ? 100 TRP A CE2   1 
ATOM   779  C  CE3   . TRP A 1 102 ? -0.466  12.863  10.814  0.65 31.92 ? 100 TRP A CE3   1 
ATOM   780  C  CZ2   . TRP A 1 102 ? -2.134  15.116  10.360  0.65 33.65 ? 100 TRP A CZ2   1 
ATOM   781  C  CZ3   . TRP A 1 102 ? -0.586  13.435  9.552   0.65 32.38 ? 100 TRP A CZ3   1 
ATOM   782  C  CH2   . TRP A 1 102 ? -1.416  14.551  9.337   0.65 33.80 ? 100 TRP A CH2   1 
ATOM   783  N  N     A MET A 1 103 ? 0.919   9.362   14.428  0.50 19.82 ? 101 MET A N     1 
ATOM   784  N  N     B MET A 1 103 ? 0.991   9.430   14.435  0.50 19.82 ? 101 MET A N     1 
ATOM   785  C  CA    A MET A 1 103 ? 2.156   8.587   14.349  0.50 21.55 ? 101 MET A CA    1 
ATOM   786  C  CA    B MET A 1 103 ? 2.229   8.655   14.355  0.50 21.55 ? 101 MET A CA    1 
ATOM   787  C  C     A MET A 1 103 ? 1.944   7.218   13.703  0.50 18.93 ? 101 MET A C     1 
ATOM   788  C  C     B MET A 1 103 ? 2.016   7.287   13.710  0.50 18.93 ? 101 MET A C     1 
ATOM   789  O  O     A MET A 1 103 ? 2.772   6.783   12.906  0.50 18.25 ? 101 MET A O     1 
ATOM   790  O  O     B MET A 1 103 ? 2.844   6.852   12.913  0.50 18.25 ? 101 MET A O     1 
ATOM   791  C  CB    A MET A 1 103 ? 2.809   8.439   15.729  0.50 23.73 ? 101 MET A CB    1 
ATOM   792  C  CB    B MET A 1 103 ? 2.881   8.508   15.736  0.50 23.73 ? 101 MET A CB    1 
ATOM   793  C  CG    A MET A 1 103 ? 3.471   9.714   16.259  0.50 31.99 ? 101 MET A CG    1 
ATOM   794  C  CG    B MET A 1 103 ? 3.389   9.818   16.342  0.50 31.99 ? 101 MET A CG    1 
ATOM   795  S  SD    A MET A 1 103 ? 4.727   10.420  15.162  0.50 42.65 ? 101 MET A SD    1 
ATOM   796  S  SD    B MET A 1 103 ? 4.646   10.668  15.353  0.50 42.65 ? 101 MET A SD    1 
ATOM   797  C  CE    A MET A 1 103 ? 6.017   9.178   15.245  0.50 42.77 ? 101 MET A CE    1 
ATOM   798  C  CE    B MET A 1 103 ? 3.712   12.048  14.693  0.50 42.77 ? 101 MET A CE    1 
ATOM   799  N  N     . HIS A 1 104 ? 0.836   6.555   14.040  1.00 17.39 ? 102 HIS A N     1 
ATOM   800  C  CA    . HIS A 1 104 ? 0.464   5.289   13.397  1.00 16.41 ? 102 HIS A CA    1 
ATOM   801  C  C     . HIS A 1 104 ? 0.337   5.468   11.885  1.00 16.38 ? 102 HIS A C     1 
ATOM   802  O  O     . HIS A 1 104 ? 0.910   4.693   11.114  1.00 16.33 ? 102 HIS A O     1 
ATOM   803  C  CB    . HIS A 1 104 ? -0.853  4.744   13.961  1.00 16.18 ? 102 HIS A CB    1 
ATOM   804  C  CG    . HIS A 1 104 ? -0.705  4.007   15.255  1.00 16.95 ? 102 HIS A CG    1 
ATOM   805  N  ND1   . HIS A 1 104 ? -0.577  4.650   16.468  1.00 17.39 ? 102 HIS A ND1   1 
ATOM   806  C  CD2   . HIS A 1 104 ? -0.684  2.681   15.529  1.00 15.73 ? 102 HIS A CD2   1 
ATOM   807  C  CE1   . HIS A 1 104 ? -0.474  3.751   17.431  1.00 15.40 ? 102 HIS A CE1   1 
ATOM   808  N  NE2   . HIS A 1 104 ? -0.536  2.550   16.888  1.00 16.85 ? 102 HIS A NE2   1 
ATOM   809  N  N     . PHE A 1 105 ? -0.401  6.500   11.471  1.00 15.34 ? 103 PHE A N     1 
ATOM   810  C  CA    . PHE A 1 105 ? -0.657  6.756   10.051  1.00 16.49 ? 103 PHE A CA    1 
ATOM   811  C  C     . PHE A 1 105 ? 0.597   7.191   9.289   1.00 17.60 ? 103 PHE A C     1 
ATOM   812  O  O     . PHE A 1 105 ? 0.788   6.790   8.137   1.00 16.38 ? 103 PHE A O     1 
ATOM   813  C  CB    . PHE A 1 105 ? -1.774  7.797   9.851   1.00 16.12 ? 103 PHE A CB    1 
ATOM   814  C  CG    . PHE A 1 105 ? -3.056  7.490   10.592  1.00 16.16 ? 103 PHE A CG    1 
ATOM   815  C  CD1   . PHE A 1 105 ? -3.826  8.527   11.115  1.00 17.27 ? 103 PHE A CD1   1 
ATOM   816  C  CD2   . PHE A 1 105 ? -3.502  6.179   10.760  1.00 15.62 ? 103 PHE A CD2   1 
ATOM   817  C  CE1   . PHE A 1 105 ? -5.013  8.266   11.799  1.00 15.08 ? 103 PHE A CE1   1 
ATOM   818  C  CE2   . PHE A 1 105 ? -4.687  5.906   11.445  1.00 17.36 ? 103 PHE A CE2   1 
ATOM   819  C  CZ    . PHE A 1 105 ? -5.445  6.953   11.964  1.00 16.37 ? 103 PHE A CZ    1 
ATOM   820  N  N     . LEU A 1 106 ? 1.437   8.004   9.936   1.00 17.60 ? 104 LEU A N     1 
ATOM   821  C  CA    A LEU A 1 106 ? 2.670   8.513   9.329   0.50 17.77 ? 104 LEU A CA    1 
ATOM   822  C  CA    B LEU A 1 106 ? 2.665   8.505   9.317   0.50 17.81 ? 104 LEU A CA    1 
ATOM   823  C  C     . LEU A 1 106 ? 3.714   7.413   9.134   1.00 16.79 ? 104 LEU A C     1 
ATOM   824  O  O     . LEU A 1 106 ? 4.371   7.350   8.093   1.00 17.07 ? 104 LEU A O     1 
ATOM   825  C  CB    A LEU A 1 106 ? 3.255   9.657   10.167  0.50 18.56 ? 104 LEU A CB    1 
ATOM   826  C  CB    B LEU A 1 106 ? 3.247   9.677   10.113  0.50 18.65 ? 104 LEU A CB    1 
ATOM   827  C  CG    A LEU A 1 106 ? 4.464   10.405  9.601   0.50 19.11 ? 104 LEU A CG    1 
ATOM   828  C  CG    B LEU A 1 106 ? 2.607   11.041  9.854   0.50 19.43 ? 104 LEU A CG    1 
ATOM   829  C  CD1   A LEU A 1 106 ? 4.138   11.005  8.241   0.50 19.34 ? 104 LEU A CD1   1 
ATOM   830  C  CD1   B LEU A 1 106 ? 3.252   12.114  10.717  0.50 19.24 ? 104 LEU A CD1   1 
ATOM   831  C  CD2   A LEU A 1 106 ? 4.937   11.479  10.570  0.50 20.01 ? 104 LEU A CD2   1 
ATOM   832  C  CD2   B LEU A 1 106 ? 2.701   11.405  8.378   0.50 20.44 ? 104 LEU A CD2   1 
ATOM   833  N  N     . VAL A 1 107 ? 3.866   6.556   10.143  1.00 15.60 ? 105 VAL A N     1 
ATOM   834  C  CA    . VAL A 1 107 ? 4.797   5.428   10.063  1.00 15.62 ? 105 VAL A CA    1 
ATOM   835  C  C     . VAL A 1 107 ? 4.386   4.500   8.917   1.00 15.20 ? 105 VAL A C     1 
ATOM   836  O  O     . VAL A 1 107 ? 5.234   4.056   8.140   1.00 14.65 ? 105 VAL A O     1 
ATOM   837  C  CB    . VAL A 1 107 ? 4.908   4.658   11.412  1.00 15.98 ? 105 VAL A CB    1 
ATOM   838  C  CG1   . VAL A 1 107 ? 5.612   3.315   11.233  1.00 15.28 ? 105 VAL A CG1   1 
ATOM   839  C  CG2   . VAL A 1 107 ? 5.650   5.499   12.447  1.00 16.68 ? 105 VAL A CG2   1 
ATOM   840  N  N     . PHE A 1 108 ? 3.086   4.233   8.793   1.00 15.14 ? 106 PHE A N     1 
ATOM   841  C  CA    . PHE A 1 108 ? 2.602   3.416   7.683   1.00 14.72 ? 106 PHE A CA    1 
ATOM   842  C  C     . PHE A 1 108 ? 2.836   4.086   6.331   1.00 14.71 ? 106 PHE A C     1 
ATOM   843  O  O     . PHE A 1 108 ? 3.311   3.442   5.399   1.00 14.11 ? 106 PHE A O     1 
ATOM   844  C  CB    . PHE A 1 108 ? 1.126   3.032   7.840   1.00 13.51 ? 106 PHE A CB    1 
ATOM   845  C  CG    . PHE A 1 108 ? 0.684   1.976   6.864   1.00 13.98 ? 106 PHE A CG    1 
ATOM   846  C  CD1   . PHE A 1 108 ? -0.097  2.307   5.764   1.00 12.97 ? 106 PHE A CD1   1 
ATOM   847  C  CD2   . PHE A 1 108 ? 1.089   0.654   7.023   1.00 11.29 ? 106 PHE A CD2   1 
ATOM   848  C  CE1   . PHE A 1 108 ? -0.487  1.330   4.847   1.00 14.74 ? 106 PHE A CE1   1 
ATOM   849  C  CE2   . PHE A 1 108 ? 0.703   -0.327  6.115   1.00 14.02 ? 106 PHE A CE2   1 
ATOM   850  C  CZ    . PHE A 1 108 ? -0.091  0.012   5.027   1.00 12.61 ? 106 PHE A CZ    1 
ATOM   851  N  N     . LEU A 1 109 ? 2.505   5.374   6.232   1.00 13.22 ? 107 LEU A N     1 
ATOM   852  C  CA    . LEU A 1 109 ? 2.687   6.132   4.994   1.00 14.30 ? 107 LEU A CA    1 
ATOM   853  C  C     . LEU A 1 109 ? 4.149   6.164   4.543   1.00 14.89 ? 107 LEU A C     1 
ATOM   854  O  O     . LEU A 1 109 ? 4.451   5.845   3.391   1.00 15.34 ? 107 LEU A O     1 
ATOM   855  C  CB    . LEU A 1 109 ? 2.141   7.561   5.145   1.00 15.40 ? 107 LEU A CB    1 
ATOM   856  C  CG    . LEU A 1 109 ? 2.380   8.566   4.009   1.00 17.24 ? 107 LEU A CG    1 
ATOM   857  C  CD1   . LEU A 1 109 ? 1.613   8.189   2.746   1.00 18.56 ? 107 LEU A CD1   1 
ATOM   858  C  CD2   . LEU A 1 109 ? 2.009   9.972   4.464   1.00 17.90 ? 107 LEU A CD2   1 
ATOM   859  N  N     . VAL A 1 110 ? 5.045   6.549   5.452   1.00 15.32 ? 108 VAL A N     1 
ATOM   860  C  CA    . VAL A 1 110 ? 6.479   6.626   5.150   1.00 15.11 ? 108 VAL A CA    1 
ATOM   861  C  C     . VAL A 1 110 ? 7.053   5.237   4.849   1.00 14.85 ? 108 VAL A C     1 
ATOM   862  O  O     . VAL A 1 110 ? 7.783   5.061   3.870   1.00 15.84 ? 108 VAL A O     1 
ATOM   863  C  CB    . VAL A 1 110 ? 7.274   7.331   6.287   1.00 16.88 ? 108 VAL A CB    1 
ATOM   864  C  CG1   . VAL A 1 110 ? 8.783   7.212   6.066   1.00 18.14 ? 108 VAL A CG1   1 
ATOM   865  C  CG2   . VAL A 1 110 ? 6.870   8.802   6.387   1.00 17.83 ? 108 VAL A CG2   1 
ATOM   866  N  N     . GLY A 1 111 ? 6.701   4.259   5.681   1.00 13.01 ? 109 GLY A N     1 
ATOM   867  C  CA    . GLY A 1 111 ? 7.120   2.867   5.483   1.00 13.26 ? 109 GLY A CA    1 
ATOM   868  C  C     . GLY A 1 111 ? 6.731   2.302   4.124   1.00 13.46 ? 109 GLY A C     1 
ATOM   869  O  O     . GLY A 1 111 ? 7.550   1.675   3.450   1.00 13.45 ? 109 GLY A O     1 
ATOM   870  N  N     . ARG A 1 112 ? 5.483   2.533   3.718   1.00 11.80 ? 110 ARG A N     1 
ATOM   871  C  CA    . ARG A 1 112 ? 4.984   2.008   2.443   1.00 11.27 ? 110 ARG A CA    1 
ATOM   872  C  C     . ARG A 1 112 ? 5.544   2.718   1.210   1.00 12.68 ? 110 ARG A C     1 
ATOM   873  O  O     . ARG A 1 112 ? 5.836   2.068   0.203   1.00 12.20 ? 110 ARG A O     1 
ATOM   874  C  CB    . ARG A 1 112 ? 3.450   1.995   2.406   1.00 10.58 ? 110 ARG A CB    1 
ATOM   875  C  CG    . ARG A 1 112 ? 2.797   0.955   3.321   1.00 11.30 ? 110 ARG A CG    1 
ATOM   876  C  CD    . ARG A 1 112 ? 3.416   -0.451  3.213   1.00 9.86  ? 110 ARG A CD    1 
ATOM   877  N  NE    . ARG A 1 112 ? 3.392   -0.999  1.853   1.00 10.36 ? 110 ARG A NE    1 
ATOM   878  C  CZ    . ARG A 1 112 ? 3.803   -2.224  1.532   1.00 11.91 ? 110 ARG A CZ    1 
ATOM   879  N  NH1   . ARG A 1 112 ? 4.264   -3.046  2.469   1.00 11.26 ? 110 ARG A NH1   1 
ATOM   880  N  NH2   . ARG A 1 112 ? 3.746   -2.637  0.270   1.00 10.81 ? 110 ARG A NH2   1 
ATOM   881  N  N     . VAL A 1 113 ? 5.678   4.042   1.277   1.00 12.55 ? 111 VAL A N     1 
ATOM   882  C  CA    . VAL A 1 113 ? 6.312   4.787   0.189   1.00 13.98 ? 111 VAL A CA    1 
ATOM   883  C  C     . VAL A 1 113 ? 7.764   4.315   0.026   1.00 13.66 ? 111 VAL A C     1 
ATOM   884  O  O     . VAL A 1 113 ? 8.215   4.051   -1.094  1.00 14.12 ? 111 VAL A O     1 
ATOM   885  C  CB    . VAL A 1 113 ? 6.230   6.329   0.395   1.00 13.46 ? 111 VAL A CB    1 
ATOM   886  C  CG1   . VAL A 1 113 ? 7.118   7.060   -0.604  1.00 17.04 ? 111 VAL A CG1   1 
ATOM   887  C  CG2   . VAL A 1 113 ? 4.782   6.814   0.258   1.00 15.51 ? 111 VAL A CG2   1 
ATOM   888  N  N     . ALA A 1 114 ? 8.469   4.179   1.149   1.00 13.51 ? 112 ALA A N     1 
ATOM   889  C  CA    . ALA A 1 114 ? 9.837   3.656   1.157   1.00 14.64 ? 112 ALA A CA    1 
ATOM   890  C  C     . ALA A 1 114 ? 9.919   2.234   0.593   1.00 14.92 ? 112 ALA A C     1 
ATOM   891  O  O     . ALA A 1 114 ? 10.869  1.905   -0.115  1.00 16.51 ? 112 ALA A O     1 
ATOM   892  C  CB    . ALA A 1 114 ? 10.428  3.709   2.565   1.00 14.88 ? 112 ALA A CB    1 
ATOM   893  N  N     . HIS A 1 115 ? 8.918   1.408   0.903   1.00 13.13 ? 113 HIS A N     1 
ATOM   894  C  CA    . HIS A 1 115 ? 8.841   0.036   0.384   1.00 10.93 ? 113 HIS A CA    1 
ATOM   895  C  C     . HIS A 1 115 ? 8.821   0.003   -1.144  1.00 11.36 ? 113 HIS A C     1 
ATOM   896  O  O     . HIS A 1 115 ? 9.561   -0.765  -1.757  1.00 11.92 ? 113 HIS A O     1 
ATOM   897  C  CB    . HIS A 1 115 ? 7.609   -0.692  0.944   1.00 10.28 ? 113 HIS A CB    1 
ATOM   898  C  CG    . HIS A 1 115 ? 7.540   -2.142  0.571   1.00 9.22  ? 113 HIS A CG    1 
ATOM   899  N  ND1   . HIS A 1 115 ? 6.985   -2.583  -0.612  1.00 11.97 ? 113 HIS A ND1   1 
ATOM   900  C  CD2   . HIS A 1 115 ? 7.960   -3.251  1.225   1.00 10.29 ? 113 HIS A CD2   1 
ATOM   901  C  CE1   . HIS A 1 115 ? 7.064   -3.900  -0.670  1.00 11.26 ? 113 HIS A CE1   1 
ATOM   902  N  NE2   . HIS A 1 115 ? 7.650   -4.331  0.434   1.00 12.07 ? 113 HIS A NE2   1 
ATOM   903  N  N     . THR A 1 116 ? 7.972   0.835   -1.745  1.00 11.44 ? 114 THR A N     1 
ATOM   904  C  CA    . THR A 1 116 ? 7.856   0.912   -3.203  1.00 11.32 ? 114 THR A CA    1 
ATOM   905  C  C     . THR A 1 116 ? 9.143   1.439   -3.852  1.00 13.55 ? 114 THR A C     1 
ATOM   906  O  O     . THR A 1 116 ? 9.573   0.929   -4.889  1.00 13.86 ? 114 THR A O     1 
ATOM   907  C  CB    . THR A 1 116 ? 6.631   1.757   -3.634  1.00 12.08 ? 114 THR A CB    1 
ATOM   908  O  OG1   . THR A 1 116 ? 5.442   1.202   -3.055  1.00 12.93 ? 114 THR A OG1   1 
ATOM   909  C  CG2   . THR A 1 116 ? 6.481   1.763   -5.152  1.00 11.98 ? 114 THR A CG2   1 
ATOM   910  N  N     . VAL A 1 117 ? 9.749   2.453   -3.236  1.00 13.46 ? 115 VAL A N     1 
ATOM   911  C  CA    . VAL A 1 117 ? 11.033  2.983   -3.704  1.00 15.29 ? 115 VAL A CA    1 
ATOM   912  C  C     . VAL A 1 117 ? 12.120  1.903   -3.635  1.00 14.67 ? 115 VAL A C     1 
ATOM   913  O  O     . VAL A 1 117 ? 12.865  1.701   -4.599  1.00 14.90 ? 115 VAL A O     1 
ATOM   914  C  CB    . VAL A 1 117 ? 11.460  4.256   -2.920  1.00 16.21 ? 115 VAL A CB    1 
ATOM   915  C  CG1   . VAL A 1 117 ? 12.875  4.691   -3.303  1.00 19.06 ? 115 VAL A CG1   1 
ATOM   916  C  CG2   . VAL A 1 117 ? 10.475  5.393   -3.171  1.00 16.95 ? 115 VAL A CG2   1 
ATOM   917  N  N     . ALA A 1 118 ? 12.187  1.201   -2.503  1.00 12.87 ? 116 ALA A N     1 
ATOM   918  C  CA    . ALA A 1 118 ? 13.144  0.110   -2.316  1.00 13.99 ? 116 ALA A CA    1 
ATOM   919  C  C     . ALA A 1 118 ? 12.919  -1.052  -3.284  1.00 15.24 ? 116 ALA A C     1 
ATOM   920  O  O     . ALA A 1 118 ? 13.884  -1.653  -3.765  1.00 15.33 ? 116 ALA A O     1 
ATOM   921  C  CB    . ALA A 1 118 ? 13.120  -0.387  -0.874  1.00 12.95 ? 116 ALA A CB    1 
ATOM   922  N  N     . TYR A 1 119 ? 11.653  -1.361  -3.567  1.00 12.56 ? 117 TYR A N     1 
ATOM   923  C  CA    . TYR A 1 119 ? 11.316  -2.487  -4.441  1.00 13.36 ? 117 TYR A CA    1 
ATOM   924  C  C     . TYR A 1 119 ? 11.625  -2.182  -5.904  1.00 13.78 ? 117 TYR A C     1 
ATOM   925  O  O     . TYR A 1 119 ? 12.363  -2.922  -6.556  1.00 15.34 ? 117 TYR A O     1 
ATOM   926  C  CB    . TYR A 1 119 ? 9.838   -2.889  -4.307  1.00 12.52 ? 117 TYR A CB    1 
ATOM   927  C  CG    . TYR A 1 119 ? 9.605   -4.386  -4.388  1.00 12.77 ? 117 TYR A CG    1 
ATOM   928  C  CD1   . TYR A 1 119 ? 10.562  -5.231  -4.957  1.00 14.11 ? 117 TYR A CD1   1 
ATOM   929  C  CD2   . TYR A 1 119 ? 8.432   -4.958  -3.896  1.00 11.70 ? 117 TYR A CD2   1 
ATOM   930  C  CE1   . TYR A 1 119 ? 10.365  -6.597  -5.024  1.00 12.97 ? 117 TYR A CE1   1 
ATOM   931  C  CE2   . TYR A 1 119 ? 8.223   -6.337  -3.961  1.00 12.45 ? 117 TYR A CE2   1 
ATOM   932  C  CZ    . TYR A 1 119 ? 9.197   -7.145  -4.528  1.00 11.80 ? 117 TYR A CZ    1 
ATOM   933  O  OH    . TYR A 1 119 ? 9.022   -8.507  -4.598  1.00 12.16 ? 117 TYR A OH    1 
ATOM   934  N  N     . LEU A 1 120 ? 11.049  -1.095  -6.412  1.00 13.62 ? 118 LEU A N     1 
ATOM   935  C  CA    . LEU A 1 120 ? 11.208  -0.734  -7.819  1.00 14.47 ? 118 LEU A CA    1 
ATOM   936  C  C     . LEU A 1 120 ? 12.617  -0.226  -8.120  1.00 16.15 ? 118 LEU A C     1 
ATOM   937  O  O     . LEU A 1 120 ? 13.110  -0.386  -9.238  1.00 16.10 ? 118 LEU A O     1 
ATOM   938  C  CB    . LEU A 1 120 ? 10.154  0.292   -8.244  1.00 15.10 ? 118 LEU A CB    1 
ATOM   939  C  CG    . LEU A 1 120 ? 8.674   -0.099  -8.102  1.00 16.88 ? 118 LEU A CG    1 
ATOM   940  C  CD1   . LEU A 1 120 ? 7.781   1.007   -8.644  1.00 15.79 ? 118 LEU A CD1   1 
ATOM   941  C  CD2   . LEU A 1 120 ? 8.350   -1.432  -8.784  1.00 17.24 ? 118 LEU A CD2   1 
ATOM   942  N  N     . GLY A 1 121 ? 13.257  0.370   -7.115  1.00 16.07 ? 119 GLY A N     1 
ATOM   943  C  CA    . GLY A 1 121 ? 14.629  0.868   -7.240  1.00 16.86 ? 119 GLY A CA    1 
ATOM   944  C  C     . GLY A 1 121 ? 15.699  -0.191  -7.034  1.00 19.07 ? 119 GLY A C     1 
ATOM   945  O  O     . GLY A 1 121 ? 16.896  0.101   -7.142  1.00 19.10 ? 119 GLY A O     1 
ATOM   946  N  N     . LYS A 1 122 ? 15.264  -1.416  -6.730  1.00 17.64 ? 120 LYS A N     1 
ATOM   947  C  CA    . LYS A 1 122 ? 16.153  -2.576  -6.551  1.00 19.21 ? 120 LYS A CA    1 
ATOM   948  C  C     . LYS A 1 122 ? 17.242  -2.336  -5.498  1.00 20.10 ? 120 LYS A C     1 
ATOM   949  O  O     . LYS A 1 122 ? 18.403  -2.712  -5.688  1.00 20.37 ? 120 LYS A O     1 
ATOM   950  C  CB    . LYS A 1 122 ? 16.771  -3.007  -7.895  1.00 20.22 ? 120 LYS A CB    1 
ATOM   951  C  CG    . LYS A 1 122 ? 15.749  -3.235  -9.002  1.00 20.76 ? 120 LYS A CG    1 
ATOM   952  C  CD    . LYS A 1 122 ? 16.408  -3.473  -10.349 1.00 25.73 ? 120 LYS A CD    1 
ATOM   953  C  CE    . LYS A 1 122 ? 15.367  -3.495  -11.458 1.00 27.94 ? 120 LYS A CE    1 
ATOM   954  N  NZ    . LYS A 1 122 ? 15.962  -3.713  -12.806 1.00 30.88 ? 120 LYS A NZ    1 
ATOM   955  N  N     . LEU A 1 123 ? 16.857  -1.712  -4.387  1.00 18.87 ? 121 LEU A N     1 
ATOM   956  C  CA    . LEU A 1 123 ? 17.792  -1.431  -3.299  1.00 18.65 ? 121 LEU A CA    1 
ATOM   957  C  C     . LEU A 1 123 ? 18.223  -2.720  -2.605  1.00 19.05 ? 121 LEU A C     1 
ATOM   958  O  O     . LEU A 1 123 ? 17.460  -3.686  -2.540  1.00 16.44 ? 121 LEU A O     1 
ATOM   959  C  CB    . LEU A 1 123 ? 17.193  -0.437  -2.294  1.00 18.45 ? 121 LEU A CB    1 
ATOM   960  C  CG    . LEU A 1 123 ? 16.838  0.975   -2.787  1.00 21.56 ? 121 LEU A CG    1 
ATOM   961  C  CD1   . LEU A 1 123 ? 16.438  1.856   -1.609  1.00 21.18 ? 121 LEU A CD1   1 
ATOM   962  C  CD2   . LEU A 1 123 ? 17.973  1.627   -3.575  1.00 24.78 ? 121 LEU A CD2   1 
ATOM   963  N  N     . ARG A 1 124 ? 19.457  -2.730  -2.101  1.00 19.24 ? 122 ARG A N     1 
ATOM   964  C  CA    . ARG A 1 124 ? 20.034  -3.925  -1.482  1.00 19.06 ? 122 ARG A CA    1 
ATOM   965  C  C     . ARG A 1 124 ? 19.213  -4.421  -0.290  1.00 17.49 ? 122 ARG A C     1 
ATOM   966  O  O     . ARG A 1 124 ? 18.617  -3.628  0.438   1.00 17.05 ? 122 ARG A O     1 
ATOM   967  C  CB    . ARG A 1 124 ? 21.485  -3.662  -1.055  1.00 19.99 ? 122 ARG A CB    1 
ATOM   968  C  CG    . ARG A 1 124 ? 21.631  -2.668  0.092   1.00 23.62 ? 122 ARG A CG    1 
ATOM   969  C  CD    . ARG A 1 124 ? 23.085  -2.406  0.433   1.00 30.73 ? 122 ARG A CD    1 
ATOM   970  N  NE    . ARG A 1 124 ? 23.214  -1.618  1.657   1.00 36.39 ? 122 ARG A NE    1 
ATOM   971  C  CZ    . ARG A 1 124 ? 23.192  -0.288  1.710   1.00 39.87 ? 122 ARG A CZ    1 
ATOM   972  N  NH1   . ARG A 1 124 ? 23.045  0.430   0.603   1.00 41.62 ? 122 ARG A NH1   1 
ATOM   973  N  NH2   . ARG A 1 124 ? 23.315  0.326   2.879   1.00 42.55 ? 122 ARG A NH2   1 
ATOM   974  N  N     . ALA A 1 125 ? 19.183  -5.739  -0.109  1.00 16.47 ? 123 ALA A N     1 
ATOM   975  C  CA    . ALA A 1 125 ? 18.538  -6.352  1.048   1.00 16.95 ? 123 ALA A CA    1 
ATOM   976  C  C     . ALA A 1 125 ? 19.314  -6.008  2.322   1.00 19.37 ? 123 ALA A C     1 
ATOM   977  O  O     . ALA A 1 125 ? 20.537  -5.835  2.272   1.00 20.58 ? 123 ALA A O     1 
ATOM   978  C  CB    . ALA A 1 125 ? 18.448  -7.865  0.861   1.00 16.31 ? 123 ALA A CB    1 
ATOM   979  N  N     . PRO A 1 126 ? 18.613  -5.901  3.469   1.00 18.96 ? 124 PRO A N     1 
ATOM   980  C  CA    . PRO A 1 126 ? 17.172  -6.090  3.646   1.00 17.03 ? 124 PRO A CA    1 
ATOM   981  C  C     . PRO A 1 126 ? 16.375  -4.782  3.726   1.00 16.54 ? 124 PRO A C     1 
ATOM   982  O  O     . PRO A 1 126 ? 15.425  -4.697  4.512   1.00 17.75 ? 124 PRO A O     1 
ATOM   983  C  CB    . PRO A 1 126 ? 17.101  -6.820  4.987   1.00 17.11 ? 124 PRO A CB    1 
ATOM   984  C  CG    . PRO A 1 126 ? 18.275  -6.260  5.772   1.00 19.24 ? 124 PRO A CG    1 
ATOM   985  C  CD    . PRO A 1 126 ? 19.290  -5.733  4.769   1.00 19.17 ? 124 PRO A CD    1 
ATOM   986  N  N     . ILE A 1 127 ? 16.745  -3.782  2.925   1.00 14.27 ? 125 ILE A N     1 
ATOM   987  C  CA    . ILE A 1 127 ? 16.087  -2.469  2.990   1.00 14.74 ? 125 ILE A CA    1 
ATOM   988  C  C     . ILE A 1 127 ? 14.573  -2.597  2.783   1.00 15.06 ? 125 ILE A C     1 
ATOM   989  O  O     . ILE A 1 127 ? 13.795  -2.134  3.617   1.00 14.34 ? 125 ILE A O     1 
ATOM   990  C  CB    . ILE A 1 127 ? 16.717  -1.430  2.022   1.00 15.33 ? 125 ILE A CB    1 
ATOM   991  C  CG1   . ILE A 1 127 ? 18.134  -1.065  2.485   1.00 16.81 ? 125 ILE A CG1   1 
ATOM   992  C  CG2   . ILE A 1 127 ? 15.849  -0.166  1.934   1.00 15.16 ? 125 ILE A CG2   1 
ATOM   993  C  CD1   . ILE A 1 127 ? 18.945  -0.266  1.475   1.00 17.51 ? 125 ILE A CD1   1 
ATOM   994  N  N     . ARG A 1 128 ? 14.165  -3.244  1.693   1.00 14.36 ? 126 ARG A N     1 
ATOM   995  C  CA    . ARG A 1 128 ? 12.741  -3.447  1.415   1.00 13.85 ? 126 ARG A CA    1 
ATOM   996  C  C     . ARG A 1 128 ? 12.057  -4.223  2.541   1.00 14.80 ? 126 ARG A C     1 
ATOM   997  O  O     . ARG A 1 128 ? 10.984  -3.832  3.010   1.00 13.93 ? 126 ARG A O     1 
ATOM   998  C  CB    . ARG A 1 128 ? 12.534  -4.164  0.080   1.00 13.93 ? 126 ARG A CB    1 
ATOM   999  C  CG    . ARG A 1 128 ? 11.069  -4.268  -0.344  1.00 13.96 ? 126 ARG A CG    1 
ATOM   1000 C  CD    . ARG A 1 128 ? 10.835  -5.431  -1.293  1.00 10.95 ? 126 ARG A CD    1 
ATOM   1001 N  NE    . ARG A 1 128 ? 10.949  -6.730  -0.629  1.00 14.20 ? 126 ARG A NE    1 
ATOM   1002 C  CZ    . ARG A 1 128 ? 11.950  -7.590  -0.810  1.00 16.51 ? 126 ARG A CZ    1 
ATOM   1003 N  NH1   . ARG A 1 128 ? 12.945  -7.312  -1.647  1.00 14.35 ? 126 ARG A NH1   1 
ATOM   1004 N  NH2   . ARG A 1 128 ? 11.951  -8.741  -0.154  1.00 15.82 ? 126 ARG A NH2   1 
ATOM   1005 N  N     . SER A 1 129 ? 12.688  -5.317  2.968   1.00 16.71 ? 127 SER A N     1 
ATOM   1006 C  CA    . SER A 1 129 ? 12.147  -6.165  4.030   1.00 17.18 ? 127 SER A CA    1 
ATOM   1007 C  C     . SER A 1 129 ? 11.895  -5.377  5.316   1.00 18.30 ? 127 SER A C     1 
ATOM   1008 O  O     . SER A 1 129 ? 10.847  -5.534  5.947   1.00 16.42 ? 127 SER A O     1 
ATOM   1009 C  CB    . SER A 1 129 ? 13.071  -7.358  4.295   1.00 17.60 ? 127 SER A CB    1 
ATOM   1010 O  OG    . SER A 1 129 ? 12.445  -8.310  5.138   1.00 21.24 ? 127 SER A OG    1 
ATOM   1011 N  N     . VAL A 1 130 ? 12.850  -4.523  5.684   1.00 17.52 ? 128 VAL A N     1 
ATOM   1012 C  CA    . VAL A 1 130 ? 12.733  -3.684  6.881   1.00 18.26 ? 128 VAL A CA    1 
ATOM   1013 C  C     . VAL A 1 130 ? 11.571  -2.686  6.773   1.00 17.42 ? 128 VAL A C     1 
ATOM   1014 O  O     . VAL A 1 130 ? 10.832  -2.495  7.739   1.00 16.79 ? 128 VAL A O     1 
ATOM   1015 C  CB    . VAL A 1 130 ? 14.074  -2.968  7.222   1.00 19.91 ? 128 VAL A CB    1 
ATOM   1016 C  CG1   . VAL A 1 130 ? 13.877  -1.880  8.278   1.00 21.39 ? 128 VAL A CG1   1 
ATOM   1017 C  CG2   . VAL A 1 130 ? 15.110  -3.984  7.698   1.00 20.97 ? 128 VAL A CG2   1 
ATOM   1018 N  N     . THR A 1 131 ? 11.399  -2.076  5.599   1.00 16.15 ? 129 THR A N     1 
ATOM   1019 C  CA    . THR A 1 131 ? 10.300  -1.119  5.386   1.00 15.96 ? 129 THR A CA    1 
ATOM   1020 C  C     . THR A 1 131 ? 8.935   -1.795  5.522   1.00 15.40 ? 129 THR A C     1 
ATOM   1021 O  O     . THR A 1 131 ? 7.997   -1.197  6.053   1.00 14.95 ? 129 THR A O     1 
ATOM   1022 C  CB    . THR A 1 131 ? 10.382  -0.387  4.022   1.00 16.76 ? 129 THR A CB    1 
ATOM   1023 O  OG1   . THR A 1 131 ? 10.255  -1.334  2.954   1.00 15.51 ? 129 THR A OG1   1 
ATOM   1024 C  CG2   . THR A 1 131 ? 11.698  0.380   3.879   1.00 17.21 ? 129 THR A CG2   1 
ATOM   1025 N  N     . TYR A 1 132 ? 8.833   -3.036  5.042   1.00 13.03 ? 130 TYR A N     1 
ATOM   1026 C  CA    . TYR A 1 132 ? 7.619   -3.836  5.209   1.00 13.69 ? 130 TYR A CA    1 
ATOM   1027 C  C     . TYR A 1 132 ? 7.298   -4.037  6.689   1.00 14.01 ? 130 TYR A C     1 
ATOM   1028 O  O     . TYR A 1 132 ? 6.176   -3.787  7.127   1.00 12.17 ? 130 TYR A O     1 
ATOM   1029 C  CB    . TYR A 1 132 ? 7.751   -5.197  4.510   1.00 12.18 ? 130 TYR A CB    1 
ATOM   1030 C  CG    . TYR A 1 132 ? 6.676   -6.193  4.904   1.00 13.25 ? 130 TYR A CG    1 
ATOM   1031 C  CD1   . TYR A 1 132 ? 6.911   -7.153  5.893   1.00 16.62 ? 130 TYR A CD1   1 
ATOM   1032 C  CD2   . TYR A 1 132 ? 5.419   -6.165  4.297   1.00 10.94 ? 130 TYR A CD2   1 
ATOM   1033 C  CE1   . TYR A 1 132 ? 5.921   -8.064  6.263   1.00 17.45 ? 130 TYR A CE1   1 
ATOM   1034 C  CE2   . TYR A 1 132 ? 4.427   -7.070  4.658   1.00 13.41 ? 130 TYR A CE2   1 
ATOM   1035 C  CZ    . TYR A 1 132 ? 4.682   -8.015  5.641   1.00 17.99 ? 130 TYR A CZ    1 
ATOM   1036 O  OH    . TYR A 1 132 ? 3.696   -8.906  5.996   1.00 20.63 ? 130 TYR A OH    1 
ATOM   1037 N  N     . THR A 1 133 ? 8.293   -4.493  7.448   1.00 13.74 ? 131 THR A N     1 
ATOM   1038 C  CA    . THR A 1 133 ? 8.118   -4.778  8.873   1.00 14.97 ? 131 THR A CA    1 
ATOM   1039 C  C     . THR A 1 133 ? 7.768   -3.511  9.659   1.00 16.09 ? 131 THR A C     1 
ATOM   1040 O  O     . THR A 1 133 ? 6.867   -3.537  10.508  1.00 16.11 ? 131 THR A O     1 
ATOM   1041 C  CB    . THR A 1 133 ? 9.359   -5.501  9.463   1.00 16.41 ? 131 THR A CB    1 
ATOM   1042 O  OG1   . THR A 1 133 ? 9.546   -6.743  8.773   1.00 17.43 ? 131 THR A OG1   1 
ATOM   1043 C  CG2   . THR A 1 133 ? 9.179   -5.787  10.957  1.00 16.18 ? 131 THR A CG2   1 
ATOM   1044 N  N     A LEU A 1 134 ? 8.476   -2.420  9.367   0.50 15.25 ? 132 LEU A N     1 
ATOM   1045 N  N     B LEU A 1 134 ? 8.465   -2.414  9.364   0.50 15.84 ? 132 LEU A N     1 
ATOM   1046 C  CA    A LEU A 1 134 ? 8.222   -1.121  9.992   0.50 15.97 ? 132 LEU A CA    1 
ATOM   1047 C  CA    B LEU A 1 134 ? 8.210   -1.127  10.018  0.50 16.99 ? 132 LEU A CA    1 
ATOM   1048 C  C     A LEU A 1 134 ? 6.772   -0.680  9.801   0.50 15.55 ? 132 LEU A C     1 
ATOM   1049 C  C     B LEU A 1 134 ? 6.783   -0.624  9.791   0.50 16.46 ? 132 LEU A C     1 
ATOM   1050 O  O     A LEU A 1 134 ? 6.112   -0.277  10.759  0.50 14.54 ? 132 LEU A O     1 
ATOM   1051 O  O     B LEU A 1 134 ? 6.151   -0.115  10.716  0.50 16.46 ? 132 LEU A O     1 
ATOM   1052 C  CB    A LEU A 1 134 ? 9.171   -0.057  9.431   0.50 16.40 ? 132 LEU A CB    1 
ATOM   1053 C  CB    B LEU A 1 134 ? 9.231   -0.076  9.572   0.50 17.94 ? 132 LEU A CB    1 
ATOM   1054 C  CG    A LEU A 1 134 ? 8.892   1.390   9.848   0.50 17.94 ? 132 LEU A CG    1 
ATOM   1055 C  CG    B LEU A 1 134 ? 10.649  -0.244  10.122  0.50 20.35 ? 132 LEU A CG    1 
ATOM   1056 C  CD1   A LEU A 1 134 ? 9.056   1.562   11.351  0.50 18.30 ? 132 LEU A CD1   1 
ATOM   1057 C  CD1   B LEU A 1 134 ? 11.551  0.879   9.633   0.50 23.13 ? 132 LEU A CD1   1 
ATOM   1058 C  CD2   A LEU A 1 134 ? 9.798   2.351   9.094   0.50 20.87 ? 132 LEU A CD2   1 
ATOM   1059 C  CD2   B LEU A 1 134 ? 10.636  -0.304  11.644  0.50 22.32 ? 132 LEU A CD2   1 
ATOM   1060 N  N     . ALA A 1 135 ? 6.285   -0.774  8.564   1.00 14.42 ? 133 ALA A N     1 
ATOM   1061 C  CA    . ALA A 1 135 ? 4.910   -0.391  8.230   1.00 13.95 ? 133 ALA A CA    1 
ATOM   1062 C  C     . ALA A 1 135 ? 3.861   -1.329  8.837   1.00 11.97 ? 133 ALA A C     1 
ATOM   1063 O  O     . ALA A 1 135 ? 2.749   -0.899  9.140   1.00 12.96 ? 133 ALA A O     1 
ATOM   1064 C  CB    . ALA A 1 135 ? 4.732   -0.287  6.716   1.00 13.19 ? 133 ALA A CB    1 
ATOM   1065 N  N     . GLN A 1 136 ? 4.213   -2.601  9.020   1.00 11.42 ? 134 GLN A N     1 
ATOM   1066 C  CA    . GLN A 1 136 ? 3.291   -3.559  9.632   1.00 11.75 ? 134 GLN A CA    1 
ATOM   1067 C  C     . GLN A 1 136 ? 3.059   -3.293  11.121  1.00 12.78 ? 134 GLN A C     1 
ATOM   1068 O  O     . GLN A 1 136 ? 2.016   -3.658  11.659  1.00 12.97 ? 134 GLN A O     1 
ATOM   1069 C  CB    . GLN A 1 136 ? 3.749   -5.008  9.409   1.00 12.64 ? 134 GLN A CB    1 
ATOM   1070 C  CG    . GLN A 1 136 ? 3.537   -5.523  7.987   1.00 11.74 ? 134 GLN A CG    1 
ATOM   1071 C  CD    . GLN A 1 136 ? 2.098   -5.387  7.519   1.00 12.91 ? 134 GLN A CD    1 
ATOM   1072 O  OE1   . GLN A 1 136 ? 1.746   -4.425  6.837   1.00 17.14 ? 134 GLN A OE1   1 
ATOM   1073 N  NE2   . GLN A 1 136 ? 1.260   -6.341  7.899   1.00 19.64 ? 134 GLN A NE2   1 
ATOM   1074 N  N     . LEU A 1 137 ? 4.025   -2.646  11.770  1.00 13.83 ? 135 LEU A N     1 
ATOM   1075 C  CA    . LEU A 1 137 ? 3.936   -2.351  13.207  1.00 15.38 ? 135 LEU A CA    1 
ATOM   1076 C  C     . LEU A 1 137 ? 2.678   -1.556  13.616  1.00 14.40 ? 135 LEU A C     1 
ATOM   1077 O  O     . LEU A 1 137 ? 1.938   -2.011  14.489  1.00 15.14 ? 135 LEU A O     1 
ATOM   1078 C  CB    . LEU A 1 137 ? 5.221   -1.685  13.726  1.00 18.09 ? 135 LEU A CB    1 
ATOM   1079 C  CG    . LEU A 1 137 ? 6.515   -2.512  13.713  1.00 23.40 ? 135 LEU A CG    1 
ATOM   1080 C  CD1   . LEU A 1 137 ? 7.709   -1.647  14.096  1.00 26.58 ? 135 LEU A CD1   1 
ATOM   1081 C  CD2   . LEU A 1 137 ? 6.423   -3.736  14.620  1.00 27.04 ? 135 LEU A CD2   1 
ATOM   1082 N  N     . PRO A 1 138 ? 2.420   -0.386  12.983  1.00 16.00 ? 136 PRO A N     1 
ATOM   1083 C  CA    . PRO A 1 138 ? 1.184   0.328   13.330  1.00 15.77 ? 136 PRO A CA    1 
ATOM   1084 C  C     . PRO A 1 138 ? -0.094  -0.432  12.967  1.00 15.90 ? 136 PRO A C     1 
ATOM   1085 O  O     . PRO A 1 138 ? -1.109  -0.268  13.643  1.00 14.91 ? 136 PRO A O     1 
ATOM   1086 C  CB    . PRO A 1 138 ? 1.284   1.633   12.530  1.00 16.81 ? 136 PRO A CB    1 
ATOM   1087 C  CG    . PRO A 1 138 ? 2.269   1.356   11.450  1.00 16.43 ? 136 PRO A CG    1 
ATOM   1088 C  CD    . PRO A 1 138 ? 3.250   0.404   12.055  1.00 15.47 ? 136 PRO A CD    1 
ATOM   1089 N  N     . CYS A 1 139 ? -0.045  -1.253  11.914  1.00 13.41 ? 137 CYS A N     1 
ATOM   1090 C  CA    . CYS A 1 139 ? -1.185  -2.093  11.546  1.00 13.60 ? 137 CYS A CA    1 
ATOM   1091 C  C     . CYS A 1 139 ? -1.480  -3.130  12.624  1.00 13.16 ? 137 CYS A C     1 
ATOM   1092 O  O     . CYS A 1 139 ? -2.636  -3.313  13.011  1.00 11.92 ? 137 CYS A O     1 
ATOM   1093 C  CB    . CYS A 1 139 ? -0.957  -2.772  10.195  1.00 13.16 ? 137 CYS A CB    1 
ATOM   1094 S  SG    . CYS A 1 139 ? -0.876  -1.607  8.830   1.00 15.91 ? 137 CYS A SG    1 
ATOM   1095 N  N     . ALA A 1 140 ? -0.429  -3.791  13.111  1.00 13.14 ? 138 ALA A N     1 
ATOM   1096 C  CA    . ALA A 1 140 ? -0.550  -4.748  14.210  1.00 14.87 ? 138 ALA A CA    1 
ATOM   1097 C  C     . ALA A 1 140 ? -1.116  -4.072  15.457  1.00 14.97 ? 138 ALA A C     1 
ATOM   1098 O  O     . ALA A 1 140 ? -1.995  -4.621  16.122  1.00 15.56 ? 138 ALA A O     1 
ATOM   1099 C  CB    . ALA A 1 140 ? 0.802   -5.390  14.512  1.00 14.11 ? 138 ALA A CB    1 
ATOM   1100 N  N     . SER A 1 141 ? -0.614  -2.874  15.753  1.00 15.37 ? 139 SER A N     1 
ATOM   1101 C  CA    . SER A 1 141 ? -1.078  -2.081  16.890  1.00 16.31 ? 139 SER A CA    1 
ATOM   1102 C  C     . SER A 1 141 ? -2.573  -1.764  16.796  1.00 16.61 ? 139 SER A C     1 
ATOM   1103 O  O     . SER A 1 141 ? -3.321  -1.992  17.749  1.00 14.99 ? 139 SER A O     1 
ATOM   1104 C  CB    . SER A 1 141 ? -0.263  -0.790  17.005  1.00 17.35 ? 139 SER A CB    1 
ATOM   1105 O  OG    . SER A 1 141 ? -0.798  0.066   18.002  1.00 18.90 ? 139 SER A OG    1 
ATOM   1106 N  N     . MET A 1 142 ? -2.999  -1.252  15.643  1.00 14.48 ? 140 MET A N     1 
ATOM   1107 C  CA    . MET A 1 142 ? -4.405  -0.904  15.422  1.00 13.97 ? 140 MET A CA    1 
ATOM   1108 C  C     . MET A 1 142 ? -5.316  -2.128  15.488  1.00 14.62 ? 140 MET A C     1 
ATOM   1109 O  O     . MET A 1 142 ? -6.412  -2.058  16.054  1.00 15.89 ? 140 MET A O     1 
ATOM   1110 C  CB    . MET A 1 142 ? -4.590  -0.173  14.088  1.00 13.34 ? 140 MET A CB    1 
ATOM   1111 C  CG    . MET A 1 142 ? -3.989  1.229   14.058  1.00 14.44 ? 140 MET A CG    1 
ATOM   1112 S  SD    . MET A 1 142 ? -4.320  2.128   12.528  1.00 16.10 ? 140 MET A SD    1 
ATOM   1113 C  CE    . MET A 1 142 ? -3.638  1.015   11.294  1.00 17.24 ? 140 MET A CE    1 
ATOM   1114 N  N     . ALA A 1 143 ? -4.858  -3.245  14.921  1.00 13.85 ? 141 ALA A N     1 
ATOM   1115 C  CA    . ALA A 1 143 ? -5.622  -4.496  14.945  1.00 13.96 ? 141 ALA A CA    1 
ATOM   1116 C  C     . ALA A 1 143 ? -5.915  -4.949  16.379  1.00 14.19 ? 141 ALA A C     1 
ATOM   1117 O  O     . ALA A 1 143 ? -7.057  -5.268  16.710  1.00 13.76 ? 141 ALA A O     1 
ATOM   1118 C  CB    . ALA A 1 143 ? -4.900  -5.593  14.166  1.00 12.60 ? 141 ALA A CB    1 
ATOM   1119 N  N     . LEU A 1 144 ? -4.886  -4.952  17.222  1.00 14.05 ? 142 LEU A N     1 
ATOM   1120 C  CA    . LEU A 1 144 ? -5.044  -5.307  18.637  1.00 15.91 ? 142 LEU A CA    1 
ATOM   1121 C  C     . LEU A 1 144 ? -6.021  -4.379  19.361  1.00 15.44 ? 142 LEU A C     1 
ATOM   1122 O  O     . LEU A 1 144 ? -6.871  -4.840  20.121  1.00 16.06 ? 142 LEU A O     1 
ATOM   1123 C  CB    . LEU A 1 144 ? -3.691  -5.319  19.357  1.00 15.40 ? 142 LEU A CB    1 
ATOM   1124 C  CG    . LEU A 1 144 ? -2.680  -6.406  18.966  1.00 21.21 ? 142 LEU A CG    1 
ATOM   1125 C  CD1   . LEU A 1 144 ? -1.381  -6.229  19.743  1.00 20.67 ? 142 LEU A CD1   1 
ATOM   1126 C  CD2   . LEU A 1 144 ? -3.241  -7.810  19.170  1.00 18.92 ? 142 LEU A CD2   1 
ATOM   1127 N  N     . GLN A 1 145 ? -5.903  -3.077  19.111  1.00 15.01 ? 143 GLN A N     1 
ATOM   1128 C  CA    . GLN A 1 145 ? -6.791  -2.091  19.728  1.00 15.42 ? 143 GLN A CA    1 
ATOM   1129 C  C     . GLN A 1 145 ? -8.251  -2.288  19.312  1.00 16.26 ? 143 GLN A C     1 
ATOM   1130 O  O     . GLN A 1 145 ? -9.156  -2.179  20.142  1.00 14.27 ? 143 GLN A O     1 
ATOM   1131 C  CB    . GLN A 1 145 ? -6.319  -0.664  19.434  1.00 16.69 ? 143 GLN A CB    1 
ATOM   1132 C  CG    . GLN A 1 145 ? -4.986  -0.311  20.090  1.00 19.02 ? 143 GLN A CG    1 
ATOM   1133 C  CD    . GLN A 1 145 ? -4.515  1.088   19.749  1.00 24.05 ? 143 GLN A CD    1 
ATOM   1134 O  OE1   . GLN A 1 145 ? -5.128  2.079   20.151  1.00 24.88 ? 143 GLN A OE1   1 
ATOM   1135 N  NE2   . GLN A 1 145 ? -3.414  1.176   19.010  1.00 23.39 ? 143 GLN A NE2   1 
ATOM   1136 N  N     . ILE A 1 146 ? -8.475  -2.592  18.032  1.00 14.19 ? 144 ILE A N     1 
ATOM   1137 C  CA    . ILE A 1 146 ? -9.820  -2.893  17.529  1.00 14.36 ? 144 ILE A CA    1 
ATOM   1138 C  C     . ILE A 1 146 ? -10.373 -4.161  18.184  1.00 15.14 ? 144 ILE A C     1 
ATOM   1139 O  O     . ILE A 1 146 ? -11.552 -4.209  18.549  1.00 15.74 ? 144 ILE A O     1 
ATOM   1140 C  CB    . ILE A 1 146 ? -9.858  -3.005  15.974  1.00 13.93 ? 144 ILE A CB    1 
ATOM   1141 C  CG1   . ILE A 1 146 ? -9.488  -1.662  15.333  1.00 14.55 ? 144 ILE A CG1   1 
ATOM   1142 C  CG2   . ILE A 1 146 ? -11.250 -3.439  15.487  1.00 15.41 ? 144 ILE A CG2   1 
ATOM   1143 C  CD1   . ILE A 1 146 ? -9.107  -1.749  13.851  1.00 13.65 ? 144 ILE A CD1   1 
ATOM   1144 N  N     . LEU A 1 147 ? -9.512  -5.170  18.344  1.00 15.26 ? 145 LEU A N     1 
ATOM   1145 C  CA    A LEU A 1 147 ? -9.898  -6.425  18.990  0.60 15.94 ? 145 LEU A CA    1 
ATOM   1146 C  CA    B LEU A 1 147 ? -9.899  -6.425  18.979  0.40 15.93 ? 145 LEU A CA    1 
ATOM   1147 C  C     . LEU A 1 147 ? -10.421 -6.188  20.399  1.00 16.01 ? 145 LEU A C     1 
ATOM   1148 O  O     . LEU A 1 147 ? -11.454 -6.738  20.783  1.00 16.55 ? 145 LEU A O     1 
ATOM   1149 C  CB    A LEU A 1 147 ? -8.722  -7.409  19.050  0.60 16.97 ? 145 LEU A CB    1 
ATOM   1150 C  CB    B LEU A 1 147 ? -8.717  -7.401  18.996  0.40 16.77 ? 145 LEU A CB    1 
ATOM   1151 C  CG    A LEU A 1 147 ? -8.320  -8.256  17.843  0.60 18.82 ? 145 LEU A CG    1 
ATOM   1152 C  CG    B LEU A 1 147 ? -9.047  -8.894  19.010  0.40 18.00 ? 145 LEU A CG    1 
ATOM   1153 C  CD1   A LEU A 1 147 ? -7.223  -9.217  18.271  0.60 18.25 ? 145 LEU A CD1   1 
ATOM   1154 C  CD1   B LEU A 1 147 ? -9.814  -9.272  17.754  0.40 20.03 ? 145 LEU A CD1   1 
ATOM   1155 C  CD2   A LEU A 1 147 ? -9.502  -9.025  17.257  0.60 20.99 ? 145 LEU A CD2   1 
ATOM   1156 C  CD2   B LEU A 1 147 ? -7.776  -9.721  19.130  0.40 18.88 ? 145 LEU A CD2   1 
ATOM   1157 N  N     . TRP A 1 148 ? -9.705  -5.361  21.165  1.00 16.47 ? 146 TRP A N     1 
ATOM   1158 C  CA    . TRP A 1 148 ? -10.085 -5.073  22.553  1.00 16.92 ? 146 TRP A CA    1 
ATOM   1159 C  C     . TRP A 1 148 ? -11.411 -4.326  22.635  1.00 17.16 ? 146 TRP A C     1 
ATOM   1160 O  O     . TRP A 1 148 ? -12.252 -4.645  23.479  1.00 17.14 ? 146 TRP A O     1 
ATOM   1161 C  CB    . TRP A 1 148 ? -8.999  -4.285  23.300  1.00 16.61 ? 146 TRP A CB    1 
ATOM   1162 C  CG    . TRP A 1 148 ? -7.572  -4.786  23.168  1.00 15.76 ? 146 TRP A CG    1 
ATOM   1163 C  CD1   . TRP A 1 148 ? -6.446  -4.018  23.189  1.00 16.59 ? 146 TRP A CD1   1 
ATOM   1164 C  CD2   . TRP A 1 148 ? -7.126  -6.144  23.002  1.00 14.99 ? 146 TRP A CD2   1 
ATOM   1165 N  NE1   . TRP A 1 148 ? -5.330  -4.804  23.052  1.00 14.82 ? 146 TRP A NE1   1 
ATOM   1166 C  CE2   . TRP A 1 148 ? -5.716  -6.112  22.931  1.00 15.07 ? 146 TRP A CE2   1 
ATOM   1167 C  CE3   . TRP A 1 148 ? -7.779  -7.382  22.901  1.00 16.93 ? 146 TRP A CE3   1 
ATOM   1168 C  CZ2   . TRP A 1 148 ? -4.944  -7.267  22.765  1.00 15.78 ? 146 TRP A CZ2   1 
ATOM   1169 C  CZ3   . TRP A 1 148 ? -7.011  -8.532  22.736  1.00 20.08 ? 146 TRP A CZ3   1 
ATOM   1170 C  CH2   . TRP A 1 148 ? -5.608  -8.464  22.670  1.00 17.58 ? 146 TRP A CH2   1 
ATOM   1171 N  N     . GLU A 1 149 ? -11.586 -3.337  21.755  1.00 17.19 ? 147 GLU A N     1 
ATOM   1172 C  CA    A GLU A 1 149 ? -12.810 -2.536  21.712  0.50 17.80 ? 147 GLU A CA    1 
ATOM   1173 C  CA    B GLU A 1 149 ? -12.808 -2.537  21.721  0.50 18.24 ? 147 GLU A CA    1 
ATOM   1174 C  C     . GLU A 1 149 ? -14.009 -3.378  21.281  1.00 18.46 ? 147 GLU A C     1 
ATOM   1175 O  O     . GLU A 1 149 ? -15.090 -3.273  21.863  1.00 17.72 ? 147 GLU A O     1 
ATOM   1176 C  CB    A GLU A 1 149 ? -12.643 -1.327  20.785  0.50 18.45 ? 147 GLU A CB    1 
ATOM   1177 C  CB    B GLU A 1 149 ? -12.629 -1.320  20.810  0.50 19.19 ? 147 GLU A CB    1 
ATOM   1178 C  CG    A GLU A 1 149 ? -11.733 -0.235  21.331  0.50 18.52 ? 147 GLU A CG    1 
ATOM   1179 C  CG    B GLU A 1 149 ? -13.619 -0.193  21.070  0.50 21.80 ? 147 GLU A CG    1 
ATOM   1180 C  CD    A GLU A 1 149 ? -12.260 0.382   22.614  0.50 21.58 ? 147 GLU A CD    1 
ATOM   1181 C  CD    B GLU A 1 149 ? -13.441 0.444   22.435  0.50 23.89 ? 147 GLU A CD    1 
ATOM   1182 O  OE1   A GLU A 1 149 ? -11.441 0.882   23.414  0.50 23.75 ? 147 GLU A OE1   1 
ATOM   1183 O  OE1   B GLU A 1 149 ? -12.463 0.102   23.134  0.50 25.14 ? 147 GLU A OE1   1 
ATOM   1184 O  OE2   A GLU A 1 149 ? -13.491 0.365   22.825  0.50 18.66 ? 147 GLU A OE2   1 
ATOM   1185 O  OE2   B GLU A 1 149 ? -14.280 1.290   22.810  0.50 28.37 ? 147 GLU A OE2   1 
ATOM   1186 N  N     . ALA A 1 150 ? -13.812 -4.214  20.262  1.00 17.03 ? 148 ALA A N     1 
ATOM   1187 C  CA    . ALA A 1 150 ? -14.869 -5.101  19.775  1.00 18.14 ? 148 ALA A CA    1 
ATOM   1188 C  C     . ALA A 1 150 ? -15.281 -6.127  20.832  1.00 18.06 ? 148 ALA A C     1 
ATOM   1189 O  O     . ALA A 1 150 ? -16.472 -6.298  21.105  1.00 18.96 ? 148 ALA A O     1 
ATOM   1190 C  CB    . ALA A 1 150 ? -14.442 -5.800  18.482  1.00 17.15 ? 148 ALA A CB    1 
ATOM   1191 N  N     . ALA A 1 151 ? -14.291 -6.790  21.426  1.00 18.17 ? 149 ALA A N     1 
ATOM   1192 C  CA    . ALA A 1 151 ? -14.530 -7.805  22.455  1.00 19.14 ? 149 ALA A CA    1 
ATOM   1193 C  C     . ALA A 1 151 ? -15.276 -7.248  23.668  1.00 20.09 ? 149 ALA A C     1 
ATOM   1194 O  O     . ALA A 1 151 ? -16.184 -7.898  24.190  1.00 21.76 ? 149 ALA A O     1 
ATOM   1195 C  CB    . ALA A 1 151 ? -13.218 -8.456  22.887  1.00 18.32 ? 149 ALA A CB    1 
ATOM   1196 N  N     . ARG A 1 152 ? -14.905 -6.044  24.101  1.00 19.23 ? 150 ARG A N     1 
ATOM   1197 C  CA    . ARG A 1 152 ? -15.499 -5.447  25.301  1.00 20.66 ? 150 ARG A CA    1 
ATOM   1198 C  C     . ARG A 1 152 ? -16.939 -4.952  25.089  1.00 21.59 ? 150 ARG A C     1 
ATOM   1199 O  O     . ARG A 1 152 ? -17.654 -4.677  26.057  1.00 20.14 ? 150 ARG A O     1 
ATOM   1200 C  CB    . ARG A 1 152 ? -14.594 -4.348  25.884  1.00 20.19 ? 150 ARG A CB    1 
ATOM   1201 C  CG    . ARG A 1 152 ? -14.670 -2.993  25.199  1.00 18.81 ? 150 ARG A CG    1 
ATOM   1202 C  CD    . ARG A 1 152 ? -13.664 -2.025  25.809  1.00 19.75 ? 150 ARG A CD    1 
ATOM   1203 N  NE    . ARG A 1 152 ? -13.942 -0.638  25.443  1.00 19.34 ? 150 ARG A NE    1 
ATOM   1204 C  CZ    . ARG A 1 152 ? -14.780 0.163   26.096  1.00 24.08 ? 150 ARG A CZ    1 
ATOM   1205 N  NH1   . ARG A 1 152 ? -15.440 -0.273  27.164  1.00 20.36 ? 150 ARG A NH1   1 
ATOM   1206 N  NH2   . ARG A 1 152 ? -14.964 1.408   25.678  1.00 24.60 ? 150 ARG A NH2   1 
ATOM   1207 N  N     . HIS A 1 153 ? -17.333 -4.866  23.830  1.00 21.46 ? 151 HIS A N     1 
ATOM   1208 C  CA    . HIS A 1 153 ? -18.680 -4.482  23.473  1.00 22.71 ? 151 HIS A CA    1 
ATOM   1209 C  C     . HIS A 1 153 ? -19.582 -5.642  23.116  1.00 24.73 ? 151 HIS A C     1 
ATOM   1210 O  O     . HIS A 1 153 ? -20.703 -5.432  22.770  1.00 25.83 ? 151 HIS A O     1 
ATOM   1211 C  CB    . HIS A 1 153 ? -18.694 -3.472  22.348  1.00 21.91 ? 151 HIS A CB    1 
ATOM   1212 C  CG    . HIS A 1 153 ? -18.332 -2.087  22.758  1.00 19.89 ? 151 HIS A CG    1 
ATOM   1213 N  ND1   . HIS A 1 153 ? -17.046 -1.631  22.771  1.00 17.68 ? 151 HIS A ND1   1 
ATOM   1214 C  CD2   . HIS A 1 153 ? -19.088 -1.070  23.206  1.00 21.49 ? 151 HIS A CD2   1 
ATOM   1215 C  CE1   . HIS A 1 153 ? -17.022 -0.388  23.190  1.00 20.00 ? 151 HIS A CE1   1 
ATOM   1216 N  NE2   . HIS A 1 153 ? -18.250 -0.026  23.465  1.00 22.02 ? 151 HIS A NE2   1 
ATOM   1217 N  N     . LEU A 1 154 ? -19.098 -6.859  23.224  1.00 30.00 ? 152 LEU A N     1 
ATOM   1218 C  CA    . LEU A 1 154 ? -19.927 -7.989  22.891  1.00 30.00 ? 152 LEU A CA    1 
ATOM   1219 C  C     . LEU A 1 154 ? -20.985 -8.156  23.946  1.00 30.00 ? 152 LEU A C     1 
ATOM   1220 O  O     . LEU A 1 154 ? -20.647 -8.166  25.106  1.00 30.00 ? 152 LEU A O     1 
ATOM   1221 C  CB    . LEU A 1 154 ? -19.129 -9.266  22.785  1.00 20.00 ? 152 LEU A CB    1 
ATOM   1222 C  CG    . LEU A 1 154 ? -18.240 -9.410  21.592  1.00 20.00 ? 152 LEU A CG    1 
ATOM   1223 C  CD1   . LEU A 1 154 ? -17.442 -10.642 21.696  1.00 20.00 ? 152 LEU A CD1   1 
ATOM   1224 C  CD2   . LEU A 1 154 ? -19.035 -9.402  20.369  1.00 20.00 ? 152 LEU A CD2   1 
HETATM 1225 C  C7    . 758 B 2 .   ? 12.469  -12.382 3.854   1.00 21.94 ? 201 758 A C7    1 
HETATM 1226 C  C6    . 758 B 2 .   ? 14.457  -11.068 4.266   1.00 22.36 ? 201 758 A C6    1 
HETATM 1227 C  C1    . 758 B 2 .   ? 12.719  -12.336 2.481   1.00 21.24 ? 201 758 A C1    1 
HETATM 1228 C  C5    . 758 B 2 .   ? 16.867  -8.129  8.567   1.00 28.07 ? 201 758 A C5    1 
HETATM 1229 C  C4    . 758 B 2 .   ? 15.642  -7.626  8.939   1.00 27.25 ? 201 758 A C4    1 
HETATM 1230 C  C3    . 758 B 2 .   ? 13.338  -11.749 4.744   1.00 23.21 ? 201 758 A C3    1 
HETATM 1231 C  C2    . 758 B 2 .   ? 13.839  -11.655 2.001   1.00 22.18 ? 201 758 A C2    1 
HETATM 1232 C  C8    . 758 B 2 .   ? 14.709  -11.024 2.893   1.00 24.43 ? 201 758 A C8    1 
HETATM 1233 C  C9    . 758 B 2 .   ? 15.258  -8.873  7.255   1.00 27.29 ? 201 758 A C9    1 
HETATM 1234 C  C10   . 758 B 2 .   ? 15.327  -10.436 5.255   1.00 27.16 ? 201 758 A C10   1 
HETATM 1235 C  C11   . 758 B 2 .   ? 9.913   -12.546 6.371   1.00 24.48 ? 201 758 A C11   1 
HETATM 1236 C  C12   . 758 B 2 .   ? 9.586   -10.108 6.979   1.00 25.33 ? 201 758 A C12   1 
HETATM 1237 C  C13   . 758 B 2 .   ? 7.637   -11.481 6.220   1.00 28.35 ? 201 758 A C13   1 
HETATM 1238 C  C14   . 758 B 2 .   ? 8.641   -11.915 8.457   1.00 28.41 ? 201 758 A C14   1 
HETATM 1239 C  C15   . 758 B 2 .   ? 11.263  -13.107 4.377   1.00 22.40 ? 201 758 A C15   1 
HETATM 1240 C  C16   . 758 B 2 .   ? 8.958   -11.511 7.008   1.00 26.41 ? 201 758 A C16   1 
HETATM 1241 N  N17   . 758 B 2 .   ? 14.643  -8.092  8.117   1.00 26.29 ? 201 758 A N17   1 
HETATM 1242 N  N18   . 758 B 2 .   ? 16.606  -8.927  7.489   1.00 26.65 ? 201 758 A N18   1 
HETATM 1243 N  N19   . 758 B 2 .   ? 14.682  -9.606  6.184   1.00 23.89 ? 201 758 A N19   1 
HETATM 1244 N  N20   . 758 B 2 .   ? 10.365  -12.231 5.098   1.00 22.72 ? 201 758 A N20   1 
HETATM 1245 O  O21   . 758 B 2 .   ? 16.547  -10.643 5.266   1.00 29.17 ? 201 758 A O21   1 
HETATM 1246 O  O22   . 758 B 2 .   ? 10.239  -13.574 6.959   1.00 26.35 ? 201 758 A O22   1 
HETATM 1247 CL CL23  . 758 B 2 .   ? 16.079  -10.195 2.241   0.75 29.72 ? 201 758 A CL23  1 
HETATM 1248 N  N1    . GSH C 3 .   ? 3.736   -12.254 -0.200  1.00 13.19 ? 202 GSH A N1    1 
HETATM 1249 C  CA1   . GSH C 3 .   ? 4.934   -11.879 0.533   1.00 12.13 ? 202 GSH A CA1   1 
HETATM 1250 C  C1    . GSH C 3 .   ? 6.145   -12.552 -0.063  1.00 14.18 ? 202 GSH A C1    1 
HETATM 1251 O  O11   . GSH C 3 .   ? 7.291   -12.121 0.196   1.00 15.62 ? 202 GSH A O11   1 
HETATM 1252 O  O12   . GSH C 3 .   ? 6.033   -13.538 -0.828  1.00 14.88 ? 202 GSH A O12   1 
HETATM 1253 C  CB1   . GSH C 3 .   ? 4.742   -12.243 2.009   1.00 12.35 ? 202 GSH A CB1   1 
HETATM 1254 C  CG1   . GSH C 3 .   ? 5.870   -11.767 2.930   1.00 10.87 ? 202 GSH A CG1   1 
HETATM 1255 C  CD1   . GSH C 3 .   ? 6.161   -10.293 2.740   1.00 11.27 ? 202 GSH A CD1   1 
HETATM 1256 O  OE1   . GSH C 3 .   ? 5.107   -9.372  2.586   1.00 14.12 ? 202 GSH A OE1   1 
HETATM 1257 N  N2    . GSH C 3 .   ? 7.446   -9.943  2.726   1.00 11.96 ? 202 GSH A N2    1 
HETATM 1258 C  CA2   . GSH C 3 .   ? 7.870   -8.576  2.487   1.00 12.51 ? 202 GSH A CA2   1 
HETATM 1259 C  C2    . GSH C 3 .   ? 8.063   -8.263  1.026   1.00 10.50 ? 202 GSH A C2    1 
HETATM 1260 O  O2    . GSH C 3 .   ? 8.464   -6.969  0.652   1.00 14.02 ? 202 GSH A O2    1 
HETATM 1261 C  CB2   . GSH C 3 .   ? 9.160   -8.290  3.248   1.00 15.83 ? 202 GSH A CB2   1 
HETATM 1262 S  SG2   . GSH C 3 .   ? 10.485  -9.452  2.836   1.00 17.89 ? 202 GSH A SG2   1 
HETATM 1263 N  N3    . GSH C 3 .   ? 7.842   -9.240  0.144   1.00 12.27 ? 202 GSH A N3    1 
HETATM 1264 C  CA3   . GSH C 3 .   ? 8.068   -9.053  -1.280  1.00 11.65 ? 202 GSH A CA3   1 
HETATM 1265 C  C3    . GSH C 3 .   ? 6.840   -9.341  -2.113  1.00 16.37 ? 202 GSH A C3    1 
HETATM 1266 O  O31   . GSH C 3 .   ? 5.717   -9.478  -1.578  1.00 12.18 ? 202 GSH A O31   1 
HETATM 1267 O  O32   . GSH C 3 .   ? 6.932   -9.447  -3.357  1.00 13.37 ? 202 GSH A O32   1 
HETATM 1268 C  C1    . BOG D 4 .   ? 0.096   -1.992  21.211  1.00 55.55 ? 203 BOG A C1    1 
HETATM 1269 O  O1    . BOG D 4 .   ? 0.531   -2.347  19.899  1.00 55.58 ? 203 BOG A O1    1 
HETATM 1270 C  C2    . BOG D 4 .   ? -0.865  -0.806  21.136  1.00 54.48 ? 203 BOG A C2    1 
HETATM 1271 O  O2    . BOG D 4 .   ? -0.184  0.336   20.604  1.00 54.67 ? 203 BOG A O2    1 
HETATM 1272 C  C3    . BOG D 4 .   ? -1.429  -0.465  22.515  1.00 55.46 ? 203 BOG A C3    1 
HETATM 1273 O  O3    . BOG D 4 .   ? -2.470  0.511   22.384  1.00 54.37 ? 203 BOG A O3    1 
HETATM 1274 C  C4    . BOG D 4 .   ? -1.975  -1.704  23.229  1.00 54.57 ? 203 BOG A C4    1 
HETATM 1275 O  O4    . BOG D 4 .   ? -2.246  -1.371  24.597  1.00 53.81 ? 203 BOG A O4    1 
HETATM 1276 C  C5    . BOG D 4 .   ? -0.990  -2.875  23.157  1.00 54.79 ? 203 BOG A C5    1 
HETATM 1277 O  O5    . BOG D 4 .   ? -0.573  -3.108  21.806  1.00 55.76 ? 203 BOG A O5    1 
HETATM 1278 C  C6    . BOG D 4 .   ? -1.595  -4.162  23.708  1.00 53.54 ? 203 BOG A C6    1 
HETATM 1279 O  O6    . BOG D 4 .   ? -2.561  -4.700  22.798  1.00 50.48 ? 203 BOG A O6    1 
HETATM 1280 C  "C1'" . BOG D 4 .   ? 1.822   -2.957  19.897  1.00 57.17 ? 203 BOG A "C1'" 1 
HETATM 1281 C  "C2'" . BOG D 4 .   ? 2.126   -3.494  18.503  1.00 57.27 ? 203 BOG A "C2'" 1 
HETATM 1282 C  "C3'" . BOG D 4 .   ? 2.557   -4.954  18.559  1.00 58.83 ? 203 BOG A "C3'" 1 
HETATM 1283 C  "C4'" . BOG D 4 .   ? 3.937   -5.138  17.937  1.00 61.35 ? 203 BOG A "C4'" 1 
HETATM 1284 C  "C5'" . BOG D 4 .   ? 4.120   -6.559  17.415  1.00 62.78 ? 203 BOG A "C5'" 1 
HETATM 1285 C  "C6'" . BOG D 4 .   ? 4.184   -6.580  15.893  1.00 63.16 ? 203 BOG A "C6'" 1 
HETATM 1286 C  "C7'" . BOG D 4 .   ? 4.884   -7.835  15.387  1.00 63.41 ? 203 BOG A "C7'" 1 
HETATM 1287 C  "C8'" . BOG D 4 .   ? 4.468   -8.151  13.967  1.00 64.43 ? 203 BOG A "C8'" 1 
HETATM 1288 C  C1    . BOG E 4 .   ? 15.790  3.682   -10.018 1.00 53.37 ? 204 BOG A C1    1 
HETATM 1289 O  O1    . BOG E 4 .   ? 14.923  4.120   -8.972  1.00 49.40 ? 204 BOG A O1    1 
HETATM 1290 C  C2    . BOG E 4 .   ? 17.224  4.105   -9.702  1.00 54.72 ? 204 BOG A C2    1 
HETATM 1291 O  O2    . BOG E 4 .   ? 17.315  5.534   -9.708  1.00 56.47 ? 204 BOG A O2    1 
HETATM 1292 C  C3    . BOG E 4 .   ? 18.214  3.531   -10.717 1.00 55.73 ? 204 BOG A C3    1 
HETATM 1293 O  O3    . BOG E 4 .   ? 19.548  3.722   -10.233 1.00 58.78 ? 204 BOG A O3    1 
HETATM 1294 C  C4    . BOG E 4 .   ? 17.988  2.042   -10.990 1.00 55.60 ? 204 BOG A C4    1 
HETATM 1295 O  O4    . BOG E 4 .   ? 18.727  1.669   -12.160 1.00 56.76 ? 204 BOG A O4    1 
HETATM 1296 C  C5    . BOG E 4 .   ? 16.506  1.710   -11.186 1.00 53.21 ? 204 BOG A C5    1 
HETATM 1297 O  O5    . BOG E 4 .   ? 15.723  2.257   -10.120 1.00 54.46 ? 204 BOG A O5    1 
HETATM 1298 C  C6    . BOG E 4 .   ? 16.281  0.203   -11.224 1.00 51.34 ? 204 BOG A C6    1 
HETATM 1299 O  O6    . BOG E 4 .   ? 14.875  -0.069  -11.225 1.00 40.07 ? 204 BOG A O6    1 
HETATM 1300 C  "C1'" . BOG E 4 .   ? 13.562  4.168   -9.392  1.00 43.56 ? 204 BOG A "C1'" 1 
HETATM 1301 C  "C2'" . BOG E 4 .   ? 12.658  4.192   -8.167  1.00 39.17 ? 204 BOG A "C2'" 1 
HETATM 1302 C  "C3'" . BOG E 4 .   ? 11.193  4.214   -8.585  1.00 35.36 ? 204 BOG A "C3'" 1 
HETATM 1303 C  "C4'" . BOG E 4 .   ? 10.296  4.608   -7.420  1.00 33.51 ? 204 BOG A "C4'" 1 
HETATM 1304 C  "C5'" . BOG E 4 .   ? 8.875   4.864   -7.906  1.00 31.95 ? 204 BOG A "C5'" 1 
HETATM 1305 C  "C6'" . BOG E 4 .   ? 7.955   5.242   -6.752  1.00 32.43 ? 204 BOG A "C6'" 1 
HETATM 1306 C  "C7'" . BOG E 4 .   ? 6.501   5.245   -7.208  1.00 32.60 ? 204 BOG A "C7'" 1 
HETATM 1307 C  "C8'" . BOG E 4 .   ? 5.568   5.523   -6.049  1.00 32.13 ? 204 BOG A "C8'" 1 
HETATM 1308 O  O1    . PG4 F 5 .   ? 1.644   2.391   22.026  1.00 80.98 ? 205 PG4 A O1    1 
HETATM 1309 C  C1    . PG4 F 5 .   ? 2.504   2.429   20.881  1.00 80.99 ? 205 PG4 A C1    1 
HETATM 1310 C  C2    . PG4 F 5 .   ? 3.170   1.070   20.698  1.00 80.71 ? 205 PG4 A C2    1 
HETATM 1311 O  O2    . PG4 F 5 .   ? 2.887   0.567   19.393  1.00 79.90 ? 205 PG4 A O2    1 
HETATM 1312 C  C3    . PG4 F 5 .   ? 4.074   0.183   18.702  1.00 78.99 ? 205 PG4 A C3    1 
HETATM 1313 C  C4    . PG4 F 5 .   ? 3.814   0.156   17.199  1.00 78.09 ? 205 PG4 A C4    1 
HETATM 1314 O  O3    . PG4 F 5 .   ? 3.215   1.383   16.785  1.00 77.23 ? 205 PG4 A O3    1 
HETATM 1315 C  C5    . PG4 F 5 .   ? 3.964   2.026   15.755  1.00 76.01 ? 205 PG4 A C5    1 
HETATM 1316 C  C6    . PG4 F 5 .   ? 3.519   3.480   15.621  1.00 74.64 ? 205 PG4 A C6    1 
HETATM 1317 O  O4    . PG4 F 5 .   ? 3.406   4.077   16.912  1.00 75.47 ? 205 PG4 A O4    1 
HETATM 1318 C  C7    . PG4 F 5 .   ? 4.255   5.215   17.054  1.00 75.84 ? 205 PG4 A C7    1 
HETATM 1319 C  C8    . PG4 F 5 .   ? 4.432   5.539   18.534  1.00 75.92 ? 205 PG4 A C8    1 
HETATM 1320 O  O5    . PG4 F 5 .   ? 3.156   5.810   19.124  1.00 75.53 ? 205 PG4 A O5    1 
HETATM 1321 O  O1    . PG4 G 5 .   ? 11.352  -2.132  -12.075 1.00 34.54 ? 206 PG4 A O1    1 
HETATM 1322 C  C1    . PG4 G 5 .   ? 10.922  -1.085  -12.953 1.00 34.98 ? 206 PG4 A C1    1 
HETATM 1323 C  C2    . PG4 G 5 .   ? 10.727  0.196   -12.152 1.00 38.94 ? 206 PG4 A C2    1 
HETATM 1324 O  O2    . PG4 G 5 .   ? 10.702  1.314   -13.037 1.00 44.14 ? 206 PG4 A O2    1 
HETATM 1325 C  C3    . PG4 G 5 .   ? 10.563  2.547   -12.333 1.00 46.29 ? 206 PG4 A C3    1 
HETATM 1326 C  C4    . PG4 G 5 .   ? 10.692  3.707   -13.313 1.00 50.36 ? 206 PG4 A C4    1 
HETATM 1327 O  O3    . PG4 G 5 .   ? 10.067  4.866   -12.764 1.00 54.44 ? 206 PG4 A O3    1 
HETATM 1328 C  C2    . PG4 H 5 .   ? 18.068  -17.804 7.267   1.00 66.51 ? 207 PG4 A C2    1 
HETATM 1329 O  O2    . PG4 H 5 .   ? 18.271  -16.414 7.512   1.00 67.79 ? 207 PG4 A O2    1 
HETATM 1330 C  C3    . PG4 H 5 .   ? 18.137  -16.091 8.895   1.00 67.72 ? 207 PG4 A C3    1 
HETATM 1331 C  C4    . PG4 H 5 .   ? 18.443  -14.614 9.108   1.00 67.56 ? 207 PG4 A C4    1 
HETATM 1332 O  O3    . PG4 H 5 .   ? 17.484  -13.821 8.411   1.00 67.29 ? 207 PG4 A O3    1 
HETATM 1333 C  C5    . PG4 H 5 .   ? 16.908  -12.819 9.247   1.00 66.29 ? 207 PG4 A C5    1 
HETATM 1334 C  C6    . PG4 H 5 .   ? 15.395  -12.817 9.068   1.00 65.66 ? 207 PG4 A C6    1 
HETATM 1335 O  O4    . PG4 H 5 .   ? 14.828  -11.742 9.814   1.00 66.30 ? 207 PG4 A O4    1 
HETATM 1336 C  C7    . PG4 H 5 .   ? 13.402  -11.792 9.812   1.00 66.36 ? 207 PG4 A C7    1 
HETATM 1337 C  C8    . PG4 H 5 .   ? 12.846  -10.388 9.600   1.00 67.24 ? 207 PG4 A C8    1 
HETATM 1338 O  O5    . PG4 H 5 .   ? 12.281  -9.907  10.824  1.00 67.74 ? 207 PG4 A O5    1 
HETATM 1339 O  O     A HOH I 6 .   ? 5.568   -13.871 -15.428 0.50 21.80 ? 301 HOH A O     1 
HETATM 1340 O  O     . HOH I 6 .   ? 3.348   -12.988 -6.831  1.00 45.31 ? 302 HOH A O     1 
HETATM 1341 O  O     . HOH I 6 .   ? 2.478   -9.418  2.634   1.00 13.74 ? 303 HOH A O     1 
HETATM 1342 O  O     . HOH I 6 .   ? -2.905  -9.272  3.694   1.00 17.45 ? 304 HOH A O     1 
HETATM 1343 O  O     . HOH I 6 .   ? -6.641  14.302  11.977  1.00 25.66 ? 305 HOH A O     1 
HETATM 1344 O  O     . HOH I 6 .   ? 6.057   -10.144 -17.077 1.00 16.31 ? 306 HOH A O     1 
HETATM 1345 O  O     . HOH I 6 .   ? 11.978  -7.457  8.036   1.00 26.55 ? 307 HOH A O     1 
HETATM 1346 O  O     . HOH I 6 .   ? -9.554  10.659  18.819  1.00 43.81 ? 308 HOH A O     1 
HETATM 1347 O  O     . HOH I 6 .   ? -10.373 10.011  16.482  1.00 47.29 ? 309 HOH A O     1 
HETATM 1348 O  O     . HOH I 6 .   ? 8.575   -16.086 -15.207 1.00 57.44 ? 310 HOH A O     1 
HETATM 1349 O  O     . HOH I 6 .   ? 19.940  -4.826  -6.310  1.00 27.14 ? 311 HOH A O     1 
HETATM 1350 O  O     . HOH I 6 .   ? -16.630 -4.956  28.527  1.00 19.10 ? 312 HOH A O     1 
HETATM 1351 O  O     . HOH I 6 .   ? -3.649  4.316   19.918  1.00 25.92 ? 313 HOH A O     1 
HETATM 1352 O  O     A HOH I 6 .   ? 6.536   -12.005 -4.091  0.50 18.20 ? 314 HOH A O     1 
HETATM 1353 O  O     . HOH I 6 .   ? 7.996   4.384   -16.260 1.00 52.83 ? 315 HOH A O     1 
HETATM 1354 O  O     . HOH I 6 .   ? -8.498  -0.562  22.196  1.00 30.21 ? 316 HOH A O     1 
HETATM 1355 O  O     . HOH I 6 .   ? 5.538   -1.489  -2.871  1.00 13.15 ? 317 HOH A O     1 
HETATM 1356 O  O     . HOH I 6 .   ? 1.817   -5.324  -34.555 1.00 41.41 ? 318 HOH A O     1 
HETATM 1357 O  O     . HOH I 6 .   ? 11.659  -13.768 -14.932 1.00 47.65 ? 319 HOH A O     1 
HETATM 1358 O  O     . HOH I 6 .   ? 6.439   3.405   -21.942 1.00 52.30 ? 320 HOH A O     1 
HETATM 1359 O  O     . HOH I 6 .   ? 12.155  -5.832  -30.081 1.00 44.80 ? 321 HOH A O     1 
HETATM 1360 O  O     . HOH I 6 .   ? -5.557  -7.020  -30.605 1.00 16.91 ? 322 HOH A O     1 
HETATM 1361 O  O     . HOH I 6 .   ? 3.655   0.580   -0.536  1.00 11.02 ? 323 HOH A O     1 
HETATM 1362 O  O     . HOH I 6 .   ? -20.279 -5.223  26.500  1.00 39.47 ? 324 HOH A O     1 
HETATM 1363 O  O     . HOH I 6 .   ? -9.474  1.985   -8.945  1.00 13.93 ? 325 HOH A O     1 
HETATM 1364 O  O     . HOH I 6 .   ? 15.681  -4.533  -0.662  1.00 17.53 ? 326 HOH A O     1 
HETATM 1365 O  O     . HOH I 6 .   ? 5.199   -1.521  -27.037 1.00 31.25 ? 327 HOH A O     1 
HETATM 1366 O  O     . HOH I 6 .   ? -12.518 8.692   17.523  1.00 41.78 ? 328 HOH A O     1 
HETATM 1367 O  O     . HOH I 6 .   ? 8.748   -14.562 -27.145 1.00 42.28 ? 329 HOH A O     1 
HETATM 1368 O  O     . HOH I 6 .   ? -15.025 5.312   20.297  1.00 55.95 ? 330 HOH A O     1 
HETATM 1369 O  O     . HOH I 6 .   ? -8.489  -8.071  -23.518 1.00 16.32 ? 331 HOH A O     1 
HETATM 1370 O  O     . HOH I 6 .   ? 22.752  -5.429  3.830   1.00 32.94 ? 332 HOH A O     1 
HETATM 1371 O  O     . HOH I 6 .   ? 11.256  -7.716  -22.302 1.00 32.41 ? 333 HOH A O     1 
HETATM 1372 O  O     . HOH I 6 .   ? 13.644  -6.433  -12.113 1.00 18.92 ? 334 HOH A O     1 
HETATM 1373 O  O     . HOH I 6 .   ? 12.675  -5.835  -23.668 1.00 51.28 ? 335 HOH A O     1 
HETATM 1374 O  O     . HOH I 6 .   ? 10.527  -13.782 -21.436 1.00 41.51 ? 336 HOH A O     1 
HETATM 1375 O  O     . HOH I 6 .   ? 5.189   -10.896 -10.369 1.00 15.46 ? 337 HOH A O     1 
HETATM 1376 O  O     . HOH I 6 .   ? -6.267  -13.133 -27.729 1.00 27.25 ? 338 HOH A O     1 
HETATM 1377 O  O     . HOH I 6 .   ? 6.291   -16.212 -24.555 1.00 42.98 ? 339 HOH A O     1 
HETATM 1378 O  O     . HOH I 6 .   ? 2.177   -14.278 0.906   1.00 12.87 ? 340 HOH A O     1 
HETATM 1379 O  O     . HOH I 6 .   ? 3.320   -0.388  -30.540 1.00 57.12 ? 341 HOH A O     1 
HETATM 1380 O  O     . HOH I 6 .   ? 4.019   -10.317 -19.173 1.00 13.86 ? 342 HOH A O     1 
HETATM 1381 O  O     . HOH I 6 .   ? 8.413   0.206   -27.033 1.00 45.01 ? 343 HOH A O     1 
HETATM 1382 O  O     B HOH I 6 .   ? 2.430   -9.354  8.497   0.50 14.32 ? 344 HOH A O     1 
HETATM 1383 O  O     . HOH I 6 .   ? 7.799   -15.491 -21.231 1.00 33.87 ? 345 HOH A O     1 
HETATM 1384 O  O     . HOH I 6 .   ? -0.368  -6.844  -21.211 1.00 19.22 ? 346 HOH A O     1 
HETATM 1385 O  O     . HOH I 6 .   ? 2.062   -10.806 -16.438 1.00 19.03 ? 347 HOH A O     1 
HETATM 1386 O  O     . HOH I 6 .   ? 11.289  -10.418 -22.018 1.00 29.18 ? 348 HOH A O     1 
HETATM 1387 O  O     . HOH I 6 .   ? 3.965   -3.230  5.346   1.00 13.71 ? 349 HOH A O     1 
HETATM 1388 O  O     . HOH I 6 .   ? -3.072  1.631   -29.150 1.00 40.23 ? 350 HOH A O     1 
HETATM 1389 O  O     . HOH I 6 .   ? 4.891   -14.632 -12.541 1.00 42.55 ? 351 HOH A O     1 
HETATM 1390 O  O     . HOH I 6 .   ? 2.371   -2.521  -34.068 1.00 44.11 ? 352 HOH A O     1 
HETATM 1391 O  O     . HOH I 6 .   ? 10.857  -12.901 -17.349 1.00 44.30 ? 353 HOH A O     1 
HETATM 1392 O  O     . HOH I 6 .   ? 24.475  -3.316  3.696   1.00 51.63 ? 354 HOH A O     1 
HETATM 1393 O  O     . HOH I 6 .   ? 21.138  -0.369  -2.628  1.00 30.27 ? 355 HOH A O     1 
HETATM 1394 O  O     . HOH I 6 .   ? 9.053   -12.092 -2.167  1.00 29.32 ? 356 HOH A O     1 
HETATM 1395 O  O     . HOH I 6 .   ? -13.681 15.630  15.652  1.00 54.84 ? 357 HOH A O     1 
HETATM 1396 O  O     . HOH I 6 .   ? -4.096  6.342   21.731  1.00 29.91 ? 358 HOH A O     1 
HETATM 1397 O  O     . HOH I 6 .   ? 13.581  -8.829  -27.645 1.00 60.56 ? 359 HOH A O     1 
HETATM 1398 O  O     . HOH I 6 .   ? -1.083  3.179   20.829  1.00 40.36 ? 360 HOH A O     1 
HETATM 1399 O  O     . HOH I 6 .   ? 0.984   -8.662  4.757   1.00 14.55 ? 361 HOH A O     1 
HETATM 1400 O  O     . HOH I 6 .   ? 12.615  -6.279  -27.444 1.00 45.48 ? 362 HOH A O     1 
HETATM 1401 O  O     . HOH I 6 .   ? -1.835  0.935   26.484  1.00 59.44 ? 363 HOH A O     1 
HETATM 1402 O  O     . HOH I 6 .   ? 6.911   -12.725 -9.370  1.00 15.82 ? 364 HOH A O     1 
HETATM 1403 O  O     . HOH I 6 .   ? 2.190   -15.088 -7.429  1.00 30.49 ? 365 HOH A O     1 
HETATM 1404 O  O     . HOH I 6 .   ? -0.503  4.076   23.337  1.00 59.08 ? 366 HOH A O     1 
HETATM 1405 O  O     . HOH I 6 .   ? -0.734  -16.704 -6.177  1.00 20.12 ? 367 HOH A O     1 
HETATM 1406 O  O     . HOH I 6 .   ? 1.080   -14.282 -28.619 1.00 31.21 ? 368 HOH A O     1 
HETATM 1407 O  O     . HOH I 6 .   ? 14.852  0.071   -14.281 1.00 53.96 ? 369 HOH A O     1 
HETATM 1408 O  O     . HOH I 6 .   ? 20.086  -0.681  -7.322  1.00 60.98 ? 370 HOH A O     1 
HETATM 1409 O  O     . HOH I 6 .   ? 11.368  -13.103 -26.094 1.00 38.37 ? 371 HOH A O     1 
HETATM 1410 O  O     . HOH I 6 .   ? 24.149  -0.475  -2.200  1.00 51.00 ? 372 HOH A O     1 
HETATM 1411 O  O     . HOH I 6 .   ? 14.916  -6.689  1.220   1.00 13.89 ? 373 HOH A O     1 
HETATM 1412 O  O     . HOH I 6 .   ? 15.062  -7.419  -19.791 1.00 61.91 ? 374 HOH A O     1 
HETATM 1413 O  O     . HOH I 6 .   ? -1.064  -12.641 -8.081  0.33 14.79 ? 375 HOH A O     1 
HETATM 1414 O  O     . HOH I 6 .   ? 5.873   -13.361 -6.657  1.00 19.13 ? 376 HOH A O     1 
HETATM 1415 O  O     . HOH I 6 .   ? -1.371  14.685  23.747  1.00 52.63 ? 377 HOH A O     1 
HETATM 1416 O  O     . HOH I 6 .   ? 11.730  -3.746  -26.276 1.00 60.96 ? 378 HOH A O     1 
HETATM 1417 O  O     . HOH I 6 .   ? 21.351  -14.841 7.319   1.00 61.75 ? 379 HOH A O     1 
HETATM 1418 O  O     B HOH I 6 .   ? 4.134   -14.441 -16.870 0.50 17.49 ? 380 HOH A O     1 
HETATM 1419 O  O     . HOH I 6 .   ? 14.009  -9.824  -20.542 1.00 53.82 ? 381 HOH A O     1 
HETATM 1420 O  O     . HOH I 6 .   ? 3.136   -13.721 -21.043 1.00 46.62 ? 382 HOH A O     1 
HETATM 1421 O  O     . HOH I 6 .   ? -5.004  -12.874 -30.130 1.00 46.81 ? 383 HOH A O     1 
HETATM 1422 O  O     . HOH I 6 .   ? 7.223   -14.737 -11.099 1.00 38.53 ? 384 HOH A O     1 
HETATM 1423 O  O     . HOH I 6 .   ? 6.204   -16.265 -27.748 1.00 61.15 ? 385 HOH A O     1 
HETATM 1424 O  O     . HOH I 6 .   ? 12.107  -12.913 -23.469 1.00 46.28 ? 386 HOH A O     1 
HETATM 1425 O  O     . HOH I 6 .   ? 6.588   3.231   -24.751 1.00 55.68 ? 387 HOH A O     1 
HETATM 1426 O  O     . HOH I 6 .   ? -15.002 7.816   21.359  1.00 53.93 ? 388 HOH A O     1 
HETATM 1427 O  O     . HOH I 6 .   ? 19.959  -4.812  -11.937 1.00 65.81 ? 389 HOH A O     1 
HETATM 1428 O  O     A HOH I 6 .   ? 4.247   -11.558 -15.040 0.50 11.73 ? 390 HOH A O     1 
HETATM 1429 O  O     . HOH I 6 .   ? 18.446  -6.986  -10.556 1.00 43.08 ? 391 HOH A O     1 
HETATM 1430 O  O     . HOH I 6 .   ? 9.618   2.885   -17.820 1.00 56.40 ? 392 HOH A O     1 
HETATM 1431 O  O     . HOH I 6 .   ? 2.758   -12.734 -18.467 1.00 24.57 ? 393 HOH A O     1 
HETATM 1432 O  O     . HOH I 6 .   ? 1.099   -16.447 -26.497 1.00 45.18 ? 394 HOH A O     1 
HETATM 1433 O  O     . HOH I 6 .   ? 14.126  -13.875 -13.896 1.00 51.38 ? 395 HOH A O     1 
HETATM 1434 O  O     . HOH I 6 .   ? -2.183  6.467   23.668  1.00 43.70 ? 396 HOH A O     1 
HETATM 1435 O  O     A HOH I 6 .   ? 3.926   -12.060 -12.418 0.50 11.01 ? 397 HOH A O     1 
HETATM 1436 O  O     . HOH I 6 .   ? 11.578  0.818   -17.939 1.00 50.51 ? 398 HOH A O     1 
HETATM 1437 O  O     . HOH I 6 .   ? 3.028   -16.599 -11.892 0.33 49.42 ? 399 HOH A O     1 
HETATM 1438 O  O     . HOH I 6 .   ? -3.503  -16.915 -29.253 1.00 55.19 ? 400 HOH A O     1 
# 
